data_8DNK
# 
_entry.id   8DNK 
# 
_audit_conform.dict_name       mmcif_pdbx.dic 
_audit_conform.dict_version    5.398 
_audit_conform.dict_location   http://mmcif.pdb.org/dictionaries/ascii/mmcif_pdbx.dic 
# 
loop_
_database_2.database_id 
_database_2.database_code 
_database_2.pdbx_database_accession 
_database_2.pdbx_DOI 
PDB   8DNK         pdb_00008dnk 10.2210/pdb8dnk/pdb 
WWPDB D_1000264983 ?            ?                   
# 
loop_
_pdbx_audit_revision_history.ordinal 
_pdbx_audit_revision_history.data_content_type 
_pdbx_audit_revision_history.major_revision 
_pdbx_audit_revision_history.minor_revision 
_pdbx_audit_revision_history.revision_date 
1 'Structure model' 1 0 2022-08-17 
2 'Structure model' 1 1 2022-10-05 
3 'Structure model' 1 2 2023-10-18 
4 'Structure model' 1 3 2024-11-13 
# 
_pdbx_audit_revision_details.ordinal             1 
_pdbx_audit_revision_details.revision_ordinal    1 
_pdbx_audit_revision_details.data_content_type   'Structure model' 
_pdbx_audit_revision_details.provider            repository 
_pdbx_audit_revision_details.type                'Initial release' 
_pdbx_audit_revision_details.description         ? 
_pdbx_audit_revision_details.details             ? 
# 
loop_
_pdbx_audit_revision_group.ordinal 
_pdbx_audit_revision_group.revision_ordinal 
_pdbx_audit_revision_group.data_content_type 
_pdbx_audit_revision_group.group 
1 2 'Structure model' 'Database references'    
2 3 'Structure model' 'Data collection'        
3 3 'Structure model' 'Refinement description' 
4 4 'Structure model' 'Structure summary'      
# 
loop_
_pdbx_audit_revision_category.ordinal 
_pdbx_audit_revision_category.revision_ordinal 
_pdbx_audit_revision_category.data_content_type 
_pdbx_audit_revision_category.category 
1 2 'Structure model' citation                      
2 3 'Structure model' chem_comp_atom                
3 3 'Structure model' chem_comp_bond                
4 3 'Structure model' pdbx_initial_refinement_model 
5 4 'Structure model' pdbx_entry_details            
6 4 'Structure model' pdbx_modification_feature     
# 
loop_
_pdbx_audit_revision_item.ordinal 
_pdbx_audit_revision_item.revision_ordinal 
_pdbx_audit_revision_item.data_content_type 
_pdbx_audit_revision_item.item 
1 2 'Structure model' '_citation.journal_volume'                     
2 2 'Structure model' '_citation.page_first'                         
3 2 'Structure model' '_citation.page_last'                          
4 4 'Structure model' '_pdbx_entry_details.has_protein_modification' 
# 
_pdbx_database_status.status_code                     REL 
_pdbx_database_status.status_code_sf                  REL 
_pdbx_database_status.status_code_mr                  ? 
_pdbx_database_status.entry_id                        8DNK 
_pdbx_database_status.recvd_initial_deposition_date   2022-07-11 
_pdbx_database_status.SG_entry                        N 
_pdbx_database_status.deposit_site                    RCSB 
_pdbx_database_status.process_site                    RCSB 
_pdbx_database_status.status_code_cs                  ? 
_pdbx_database_status.status_code_nmr_data            ? 
_pdbx_database_status.methods_development_category    ? 
_pdbx_database_status.pdb_format_compatible           Y 
# 
loop_
_pdbx_database_related.db_name 
_pdbx_database_related.details 
_pdbx_database_related.db_id 
_pdbx_database_related.content_type 
PDB . 8DNI unspecified 
PDB . 8DNJ unspecified 
# 
_pdbx_contact_author.id                 2 
_pdbx_contact_author.email              cmohr@amgen.com 
_pdbx_contact_author.name_first         Christopher 
_pdbx_contact_author.name_last          Mohr 
_pdbx_contact_author.name_mi            ? 
_pdbx_contact_author.role               'principal investigator/group leader' 
_pdbx_contact_author.identifier_ORCID   0000-0003-4237-2251 
# 
_audit_author.name               'Mohr, C.' 
_audit_author.pdbx_ordinal       1 
_audit_author.identifier_ORCID   0000-0003-4237-2251 
# 
_citation.abstract                  ? 
_citation.abstract_id_CAS           ? 
_citation.book_id_ISBN              ? 
_citation.book_publisher            ? 
_citation.book_publisher_city       ? 
_citation.book_title                ? 
_citation.coordinate_linkage        ? 
_citation.country                   NE 
_citation.database_id_Medline       ? 
_citation.details                   ? 
_citation.id                        primary 
_citation.journal_abbrev            'J.Comput.Aided Mol.Des.' 
_citation.journal_id_ASTM           ? 
_citation.journal_id_CSD            ? 
_citation.journal_id_ISSN           1573-4951 
_citation.journal_full              ? 
_citation.journal_issue             ? 
_citation.journal_volume            36 
_citation.language                  ? 
_citation.page_first                591 
_citation.page_last                 604 
_citation.title                     'Modeling receptor flexibility in the structure-based design of KRAS G12C inhibitors.' 
_citation.year                      2022 
_citation.database_id_CSD           ? 
_citation.pdbx_database_id_DOI      10.1007/s10822-022-00467-0 
_citation.pdbx_database_id_PubMed   35930206 
_citation.pdbx_database_id_patent   ? 
_citation.unpublished_flag          ? 
# 
loop_
_citation_author.citation_id 
_citation_author.name 
_citation_author.ordinal 
_citation_author.identifier_ORCID 
primary 'Zhu, K.'    1 ? 
primary 'Li, C.'     2 ? 
primary 'Wu, K.Y.'   3 ? 
primary 'Mohr, C.'   4 ? 
primary 'Li, X.'     5 ? 
primary 'Lanman, B.' 6 ? 
# 
loop_
_entity.id 
_entity.type 
_entity.src_method 
_entity.pdbx_description 
_entity.formula_weight 
_entity.pdbx_number_of_molecules 
_entity.pdbx_ec 
_entity.pdbx_mutation 
_entity.pdbx_fragment 
_entity.details 
1 polymer     man 'Isoform 2B of GTPase KRas' 21133.867 1  3.6.5.2 C51S,C80L,C118S ? 'G12C variant' 
2 non-polymer syn 'MAGNESIUM ION' 24.305    1  ?       ?               ? ?              
3 non-polymer syn "GUANOSINE-5'-DIPHOSPHATE" 443.201   1  ?       ?               ? ?              
4 non-polymer syn 
'2-{[(5-tert-butyl-6-chloro-1H-indazol-3-yl)amino]methyl}-4-chloro-1-methyl-N-(1-propanoylazetidin-3-yl)-1H-imidazole-5-carboxamide' 
506.428   1  ?       ?               ? ?              
5 non-polymer syn 'SULFATE ION' 96.063    1  ?       ?               ? ?              
6 water       nat water 18.015    42 ?       ?               ? ?              
# 
_entity_name_com.entity_id   1 
_entity_name_com.name        'K-Ras 2,Ki-Ras,c-K-ras,c-Ki-ras' 
# 
_entity_poly.entity_id                      1 
_entity_poly.type                           'polypeptide(L)' 
_entity_poly.nstd_linkage                   no 
_entity_poly.nstd_monomer                   no 
_entity_poly.pdbx_seq_one_letter_code       
;MKHHHHHHHLVPRGSMTEYKLVVVGACGVGKSALTIQLIQNHFVDEYDPTIEDSYRKQVVIDGETSLLDILDTAGQEEYS
AMRDQYMRTGEGFLLVFAINNTKSFEDIHHYREQIKRVKDSEDVPMVLVGNKSDLPSRTVDTKQAQDLARSYGIPFIETS
AKTRQGVDDAFYTLVREIRKHKEK
;
_entity_poly.pdbx_seq_one_letter_code_can   
;MKHHHHHHHLVPRGSMTEYKLVVVGACGVGKSALTIQLIQNHFVDEYDPTIEDSYRKQVVIDGETSLLDILDTAGQEEYS
AMRDQYMRTGEGFLLVFAINNTKSFEDIHHYREQIKRVKDSEDVPMVLVGNKSDLPSRTVDTKQAQDLARSYGIPFIETS
AKTRQGVDDAFYTLVREIRKHKEK
;
_entity_poly.pdbx_strand_id                 A 
_entity_poly.pdbx_target_identifier         ? 
# 
loop_
_pdbx_entity_nonpoly.entity_id 
_pdbx_entity_nonpoly.name 
_pdbx_entity_nonpoly.comp_id 
2 'MAGNESIUM ION' MG  
3 "GUANOSINE-5'-DIPHOSPHATE" GDP 
4 
'2-{[(5-tert-butyl-6-chloro-1H-indazol-3-yl)amino]methyl}-4-chloro-1-methyl-N-(1-propanoylazetidin-3-yl)-1H-imidazole-5-carboxamide' 
U50 
5 'SULFATE ION' SO4 
6 water HOH 
# 
loop_
_entity_poly_seq.entity_id 
_entity_poly_seq.num 
_entity_poly_seq.mon_id 
_entity_poly_seq.hetero 
1 1   MET n 
1 2   LYS n 
1 3   HIS n 
1 4   HIS n 
1 5   HIS n 
1 6   HIS n 
1 7   HIS n 
1 8   HIS n 
1 9   HIS n 
1 10  LEU n 
1 11  VAL n 
1 12  PRO n 
1 13  ARG n 
1 14  GLY n 
1 15  SER n 
1 16  MET n 
1 17  THR n 
1 18  GLU n 
1 19  TYR n 
1 20  LYS n 
1 21  LEU n 
1 22  VAL n 
1 23  VAL n 
1 24  VAL n 
1 25  GLY n 
1 26  ALA n 
1 27  CYS n 
1 28  GLY n 
1 29  VAL n 
1 30  GLY n 
1 31  LYS n 
1 32  SER n 
1 33  ALA n 
1 34  LEU n 
1 35  THR n 
1 36  ILE n 
1 37  GLN n 
1 38  LEU n 
1 39  ILE n 
1 40  GLN n 
1 41  ASN n 
1 42  HIS n 
1 43  PHE n 
1 44  VAL n 
1 45  ASP n 
1 46  GLU n 
1 47  TYR n 
1 48  ASP n 
1 49  PRO n 
1 50  THR n 
1 51  ILE n 
1 52  GLU n 
1 53  ASP n 
1 54  SER n 
1 55  TYR n 
1 56  ARG n 
1 57  LYS n 
1 58  GLN n 
1 59  VAL n 
1 60  VAL n 
1 61  ILE n 
1 62  ASP n 
1 63  GLY n 
1 64  GLU n 
1 65  THR n 
1 66  SER n 
1 67  LEU n 
1 68  LEU n 
1 69  ASP n 
1 70  ILE n 
1 71  LEU n 
1 72  ASP n 
1 73  THR n 
1 74  ALA n 
1 75  GLY n 
1 76  GLN n 
1 77  GLU n 
1 78  GLU n 
1 79  TYR n 
1 80  SER n 
1 81  ALA n 
1 82  MET n 
1 83  ARG n 
1 84  ASP n 
1 85  GLN n 
1 86  TYR n 
1 87  MET n 
1 88  ARG n 
1 89  THR n 
1 90  GLY n 
1 91  GLU n 
1 92  GLY n 
1 93  PHE n 
1 94  LEU n 
1 95  LEU n 
1 96  VAL n 
1 97  PHE n 
1 98  ALA n 
1 99  ILE n 
1 100 ASN n 
1 101 ASN n 
1 102 THR n 
1 103 LYS n 
1 104 SER n 
1 105 PHE n 
1 106 GLU n 
1 107 ASP n 
1 108 ILE n 
1 109 HIS n 
1 110 HIS n 
1 111 TYR n 
1 112 ARG n 
1 113 GLU n 
1 114 GLN n 
1 115 ILE n 
1 116 LYS n 
1 117 ARG n 
1 118 VAL n 
1 119 LYS n 
1 120 ASP n 
1 121 SER n 
1 122 GLU n 
1 123 ASP n 
1 124 VAL n 
1 125 PRO n 
1 126 MET n 
1 127 VAL n 
1 128 LEU n 
1 129 VAL n 
1 130 GLY n 
1 131 ASN n 
1 132 LYS n 
1 133 SER n 
1 134 ASP n 
1 135 LEU n 
1 136 PRO n 
1 137 SER n 
1 138 ARG n 
1 139 THR n 
1 140 VAL n 
1 141 ASP n 
1 142 THR n 
1 143 LYS n 
1 144 GLN n 
1 145 ALA n 
1 146 GLN n 
1 147 ASP n 
1 148 LEU n 
1 149 ALA n 
1 150 ARG n 
1 151 SER n 
1 152 TYR n 
1 153 GLY n 
1 154 ILE n 
1 155 PRO n 
1 156 PHE n 
1 157 ILE n 
1 158 GLU n 
1 159 THR n 
1 160 SER n 
1 161 ALA n 
1 162 LYS n 
1 163 THR n 
1 164 ARG n 
1 165 GLN n 
1 166 GLY n 
1 167 VAL n 
1 168 ASP n 
1 169 ASP n 
1 170 ALA n 
1 171 PHE n 
1 172 TYR n 
1 173 THR n 
1 174 LEU n 
1 175 VAL n 
1 176 ARG n 
1 177 GLU n 
1 178 ILE n 
1 179 ARG n 
1 180 LYS n 
1 181 HIS n 
1 182 LYS n 
1 183 GLU n 
1 184 LYS n 
# 
_entity_src_gen.entity_id                          1 
_entity_src_gen.pdbx_src_id                        1 
_entity_src_gen.pdbx_alt_source_flag               sample 
_entity_src_gen.pdbx_seq_type                      'Biological sequence' 
_entity_src_gen.pdbx_beg_seq_num                   1 
_entity_src_gen.pdbx_end_seq_num                   184 
_entity_src_gen.gene_src_common_name               human 
_entity_src_gen.gene_src_genus                     ? 
_entity_src_gen.pdbx_gene_src_gene                 'KRAS, KRAS2, RASK2' 
_entity_src_gen.gene_src_species                   ? 
_entity_src_gen.gene_src_strain                    ? 
_entity_src_gen.gene_src_tissue                    ? 
_entity_src_gen.gene_src_tissue_fraction           ? 
_entity_src_gen.gene_src_details                   ? 
_entity_src_gen.pdbx_gene_src_fragment             ? 
_entity_src_gen.pdbx_gene_src_scientific_name      'Homo sapiens' 
_entity_src_gen.pdbx_gene_src_ncbi_taxonomy_id     9606 
_entity_src_gen.pdbx_gene_src_variant              'VAR_006839 G12C' 
_entity_src_gen.pdbx_gene_src_cell_line            ? 
_entity_src_gen.pdbx_gene_src_atcc                 ? 
_entity_src_gen.pdbx_gene_src_organ                ? 
_entity_src_gen.pdbx_gene_src_organelle            ? 
_entity_src_gen.pdbx_gene_src_cell                 ? 
_entity_src_gen.pdbx_gene_src_cellular_location    ? 
_entity_src_gen.host_org_common_name               ? 
_entity_src_gen.pdbx_host_org_scientific_name      'Escherichia coli' 
_entity_src_gen.pdbx_host_org_ncbi_taxonomy_id     562 
_entity_src_gen.host_org_genus                     ? 
_entity_src_gen.pdbx_host_org_gene                 ? 
_entity_src_gen.pdbx_host_org_organ                ? 
_entity_src_gen.host_org_species                   ? 
_entity_src_gen.pdbx_host_org_tissue               ? 
_entity_src_gen.pdbx_host_org_tissue_fraction      ? 
_entity_src_gen.pdbx_host_org_strain               ? 
_entity_src_gen.pdbx_host_org_variant              ? 
_entity_src_gen.pdbx_host_org_cell_line            ? 
_entity_src_gen.pdbx_host_org_atcc                 ? 
_entity_src_gen.pdbx_host_org_culture_collection   ? 
_entity_src_gen.pdbx_host_org_cell                 ? 
_entity_src_gen.pdbx_host_org_organelle            ? 
_entity_src_gen.pdbx_host_org_cellular_location    ? 
_entity_src_gen.pdbx_host_org_vector_type          ? 
_entity_src_gen.pdbx_host_org_vector               ? 
_entity_src_gen.host_org_details                   ? 
_entity_src_gen.expression_system_id               ? 
_entity_src_gen.plasmid_name                       ? 
_entity_src_gen.plasmid_details                    ? 
_entity_src_gen.pdbx_description                   ? 
# 
loop_
_chem_comp.id 
_chem_comp.type 
_chem_comp.mon_nstd_flag 
_chem_comp.name 
_chem_comp.pdbx_synonyms 
_chem_comp.formula 
_chem_comp.formula_weight 
ALA 'L-peptide linking' y ALANINE ? 'C3 H7 N O2'        89.093  
ARG 'L-peptide linking' y ARGININE ? 'C6 H15 N4 O2 1'    175.209 
ASN 'L-peptide linking' y ASPARAGINE ? 'C4 H8 N2 O3'       132.118 
ASP 'L-peptide linking' y 'ASPARTIC ACID' ? 'C4 H7 N O4'        133.103 
CYS 'L-peptide linking' y CYSTEINE ? 'C3 H7 N O2 S'      121.158 
GDP 'RNA linking'       n "GUANOSINE-5'-DIPHOSPHATE" ? 'C10 H15 N5 O11 P2' 443.201 
GLN 'L-peptide linking' y GLUTAMINE ? 'C5 H10 N2 O3'      146.144 
GLU 'L-peptide linking' y 'GLUTAMIC ACID' ? 'C5 H9 N O4'        147.129 
GLY 'peptide linking'   y GLYCINE ? 'C2 H5 N O2'        75.067  
HIS 'L-peptide linking' y HISTIDINE ? 'C6 H10 N3 O2 1'    156.162 
HOH non-polymer         . WATER ? 'H2 O'              18.015  
ILE 'L-peptide linking' y ISOLEUCINE ? 'C6 H13 N O2'       131.173 
LEU 'L-peptide linking' y LEUCINE ? 'C6 H13 N O2'       131.173 
LYS 'L-peptide linking' y LYSINE ? 'C6 H15 N2 O2 1'    147.195 
MET 'L-peptide linking' y METHIONINE ? 'C5 H11 N O2 S'     149.211 
MG  non-polymer         . 'MAGNESIUM ION' ? 'Mg 2'              24.305  
PHE 'L-peptide linking' y PHENYLALANINE ? 'C9 H11 N O2'       165.189 
PRO 'L-peptide linking' y PROLINE ? 'C5 H9 N O2'        115.130 
SER 'L-peptide linking' y SERINE ? 'C3 H7 N O3'        105.093 
SO4 non-polymer         . 'SULFATE ION' ? 'O4 S -2'           96.063  
THR 'L-peptide linking' y THREONINE ? 'C4 H9 N O3'        119.119 
TYR 'L-peptide linking' y TYROSINE ? 'C9 H11 N O3'       181.189 
U50 non-polymer         . 
'2-{[(5-tert-butyl-6-chloro-1H-indazol-3-yl)amino]methyl}-4-chloro-1-methyl-N-(1-propanoylazetidin-3-yl)-1H-imidazole-5-carboxamide' 
? 'C23 H29 Cl2 N7 O2' 506.428 
VAL 'L-peptide linking' y VALINE ? 'C5 H11 N O2'       117.146 
# 
loop_
_pdbx_poly_seq_scheme.asym_id 
_pdbx_poly_seq_scheme.entity_id 
_pdbx_poly_seq_scheme.seq_id 
_pdbx_poly_seq_scheme.mon_id 
_pdbx_poly_seq_scheme.ndb_seq_num 
_pdbx_poly_seq_scheme.pdb_seq_num 
_pdbx_poly_seq_scheme.auth_seq_num 
_pdbx_poly_seq_scheme.pdb_mon_id 
_pdbx_poly_seq_scheme.auth_mon_id 
_pdbx_poly_seq_scheme.pdb_strand_id 
_pdbx_poly_seq_scheme.pdb_ins_code 
_pdbx_poly_seq_scheme.hetero 
A 1 1   MET 1   -14 ?   ?   ?   A . n 
A 1 2   LYS 2   -13 ?   ?   ?   A . n 
A 1 3   HIS 3   -12 ?   ?   ?   A . n 
A 1 4   HIS 4   -11 ?   ?   ?   A . n 
A 1 5   HIS 5   -10 ?   ?   ?   A . n 
A 1 6   HIS 6   -9  ?   ?   ?   A . n 
A 1 7   HIS 7   -8  ?   ?   ?   A . n 
A 1 8   HIS 8   -7  ?   ?   ?   A . n 
A 1 9   HIS 9   -6  ?   ?   ?   A . n 
A 1 10  LEU 10  -5  ?   ?   ?   A . n 
A 1 11  VAL 11  -4  ?   ?   ?   A . n 
A 1 12  PRO 12  -3  ?   ?   ?   A . n 
A 1 13  ARG 13  -2  ?   ?   ?   A . n 
A 1 14  GLY 14  -1  ?   ?   ?   A . n 
A 1 15  SER 15  0   0   SER SER A . n 
A 1 16  MET 16  1   1   MET MET A . n 
A 1 17  THR 17  2   2   THR THR A . n 
A 1 18  GLU 18  3   3   GLU GLU A . n 
A 1 19  TYR 19  4   4   TYR TYR A . n 
A 1 20  LYS 20  5   5   LYS LYS A . n 
A 1 21  LEU 21  6   6   LEU LEU A . n 
A 1 22  VAL 22  7   7   VAL VAL A . n 
A 1 23  VAL 23  8   8   VAL VAL A . n 
A 1 24  VAL 24  9   9   VAL VAL A . n 
A 1 25  GLY 25  10  10  GLY GLY A . n 
A 1 26  ALA 26  11  11  ALA ALA A . n 
A 1 27  CYS 27  12  12  CYS CYS A . n 
A 1 28  GLY 28  13  13  GLY GLY A . n 
A 1 29  VAL 29  14  14  VAL VAL A . n 
A 1 30  GLY 30  15  15  GLY GLY A . n 
A 1 31  LYS 31  16  16  LYS LYS A . n 
A 1 32  SER 32  17  17  SER SER A . n 
A 1 33  ALA 33  18  18  ALA ALA A . n 
A 1 34  LEU 34  19  19  LEU LEU A . n 
A 1 35  THR 35  20  20  THR THR A . n 
A 1 36  ILE 36  21  21  ILE ILE A . n 
A 1 37  GLN 37  22  22  GLN GLN A . n 
A 1 38  LEU 38  23  23  LEU LEU A . n 
A 1 39  ILE 39  24  24  ILE ILE A . n 
A 1 40  GLN 40  25  25  GLN GLN A . n 
A 1 41  ASN 41  26  26  ASN ASN A . n 
A 1 42  HIS 42  27  27  HIS HIS A . n 
A 1 43  PHE 43  28  28  PHE PHE A . n 
A 1 44  VAL 44  29  29  VAL VAL A . n 
A 1 45  ASP 45  30  30  ASP ASP A . n 
A 1 46  GLU 46  31  31  GLU GLU A . n 
A 1 47  TYR 47  32  32  TYR TYR A . n 
A 1 48  ASP 48  33  33  ASP ASP A . n 
A 1 49  PRO 49  34  34  PRO PRO A . n 
A 1 50  THR 50  35  35  THR THR A . n 
A 1 51  ILE 51  36  36  ILE ILE A . n 
A 1 52  GLU 52  37  37  GLU GLU A . n 
A 1 53  ASP 53  38  38  ASP ASP A . n 
A 1 54  SER 54  39  39  SER SER A . n 
A 1 55  TYR 55  40  40  TYR TYR A . n 
A 1 56  ARG 56  41  41  ARG ARG A . n 
A 1 57  LYS 57  42  42  LYS LYS A . n 
A 1 58  GLN 58  43  43  GLN GLN A . n 
A 1 59  VAL 59  44  44  VAL VAL A . n 
A 1 60  VAL 60  45  45  VAL VAL A . n 
A 1 61  ILE 61  46  46  ILE ILE A . n 
A 1 62  ASP 62  47  47  ASP ASP A . n 
A 1 63  GLY 63  48  48  GLY GLY A . n 
A 1 64  GLU 64  49  49  GLU GLU A . n 
A 1 65  THR 65  50  50  THR THR A . n 
A 1 66  SER 66  51  51  SER SER A . n 
A 1 67  LEU 67  52  52  LEU LEU A . n 
A 1 68  LEU 68  53  53  LEU LEU A . n 
A 1 69  ASP 69  54  54  ASP ASP A . n 
A 1 70  ILE 70  55  55  ILE ILE A . n 
A 1 71  LEU 71  56  56  LEU LEU A . n 
A 1 72  ASP 72  57  57  ASP ASP A . n 
A 1 73  THR 73  58  58  THR THR A . n 
A 1 74  ALA 74  59  59  ALA ALA A . n 
A 1 75  GLY 75  60  60  GLY GLY A . n 
A 1 76  GLN 76  61  61  GLN GLN A . n 
A 1 77  GLU 77  62  62  GLU GLU A . n 
A 1 78  GLU 78  63  63  GLU GLU A . n 
A 1 79  TYR 79  64  64  TYR TYR A . n 
A 1 80  SER 80  65  65  SER SER A . n 
A 1 81  ALA 81  66  66  ALA ALA A . n 
A 1 82  MET 82  67  67  MET MET A . n 
A 1 83  ARG 83  68  68  ARG ARG A . n 
A 1 84  ASP 84  69  69  ASP ASP A . n 
A 1 85  GLN 85  70  70  GLN GLN A . n 
A 1 86  TYR 86  71  71  TYR TYR A . n 
A 1 87  MET 87  72  72  MET MET A . n 
A 1 88  ARG 88  73  73  ARG ARG A . n 
A 1 89  THR 89  74  74  THR THR A . n 
A 1 90  GLY 90  75  75  GLY GLY A . n 
A 1 91  GLU 91  76  76  GLU GLU A . n 
A 1 92  GLY 92  77  77  GLY GLY A . n 
A 1 93  PHE 93  78  78  PHE PHE A . n 
A 1 94  LEU 94  79  79  LEU LEU A . n 
A 1 95  LEU 95  80  80  LEU LEU A . n 
A 1 96  VAL 96  81  81  VAL VAL A . n 
A 1 97  PHE 97  82  82  PHE PHE A . n 
A 1 98  ALA 98  83  83  ALA ALA A . n 
A 1 99  ILE 99  84  84  ILE ILE A . n 
A 1 100 ASN 100 85  85  ASN ASN A . n 
A 1 101 ASN 101 86  86  ASN ASN A . n 
A 1 102 THR 102 87  87  THR THR A . n 
A 1 103 LYS 103 88  88  LYS LYS A . n 
A 1 104 SER 104 89  89  SER SER A . n 
A 1 105 PHE 105 90  90  PHE PHE A . n 
A 1 106 GLU 106 91  91  GLU GLU A . n 
A 1 107 ASP 107 92  92  ASP ASP A . n 
A 1 108 ILE 108 93  93  ILE ILE A . n 
A 1 109 HIS 109 94  94  HIS HIS A . n 
A 1 110 HIS 110 95  95  HIS HIS A . n 
A 1 111 TYR 111 96  96  TYR TYR A . n 
A 1 112 ARG 112 97  97  ARG ARG A . n 
A 1 113 GLU 113 98  98  GLU GLU A . n 
A 1 114 GLN 114 99  99  GLN GLN A . n 
A 1 115 ILE 115 100 100 ILE ILE A . n 
A 1 116 LYS 116 101 101 LYS LYS A . n 
A 1 117 ARG 117 102 102 ARG ARG A . n 
A 1 118 VAL 118 103 103 VAL VAL A . n 
A 1 119 LYS 119 104 104 LYS LYS A . n 
A 1 120 ASP 120 105 105 ASP ASP A . n 
A 1 121 SER 121 106 106 SER SER A . n 
A 1 122 GLU 122 107 107 GLU GLU A . n 
A 1 123 ASP 123 108 108 ASP ASP A . n 
A 1 124 VAL 124 109 109 VAL VAL A . n 
A 1 125 PRO 125 110 110 PRO PRO A . n 
A 1 126 MET 126 111 111 MET MET A . n 
A 1 127 VAL 127 112 112 VAL VAL A . n 
A 1 128 LEU 128 113 113 LEU LEU A . n 
A 1 129 VAL 129 114 114 VAL VAL A . n 
A 1 130 GLY 130 115 115 GLY GLY A . n 
A 1 131 ASN 131 116 116 ASN ASN A . n 
A 1 132 LYS 132 117 117 LYS LYS A . n 
A 1 133 SER 133 118 118 SER SER A . n 
A 1 134 ASP 134 119 119 ASP ASP A . n 
A 1 135 LEU 135 120 120 LEU LEU A . n 
A 1 136 PRO 136 121 121 PRO PRO A . n 
A 1 137 SER 137 122 122 SER SER A . n 
A 1 138 ARG 138 123 123 ARG ARG A . n 
A 1 139 THR 139 124 124 THR THR A . n 
A 1 140 VAL 140 125 125 VAL VAL A . n 
A 1 141 ASP 141 126 126 ASP ASP A . n 
A 1 142 THR 142 127 127 THR THR A . n 
A 1 143 LYS 143 128 128 LYS LYS A . n 
A 1 144 GLN 144 129 129 GLN GLN A . n 
A 1 145 ALA 145 130 130 ALA ALA A . n 
A 1 146 GLN 146 131 131 GLN GLN A . n 
A 1 147 ASP 147 132 132 ASP ASP A . n 
A 1 148 LEU 148 133 133 LEU LEU A . n 
A 1 149 ALA 149 134 134 ALA ALA A . n 
A 1 150 ARG 150 135 135 ARG ARG A . n 
A 1 151 SER 151 136 136 SER SER A . n 
A 1 152 TYR 152 137 137 TYR TYR A . n 
A 1 153 GLY 153 138 138 GLY GLY A . n 
A 1 154 ILE 154 139 139 ILE ILE A . n 
A 1 155 PRO 155 140 140 PRO PRO A . n 
A 1 156 PHE 156 141 141 PHE PHE A . n 
A 1 157 ILE 157 142 142 ILE ILE A . n 
A 1 158 GLU 158 143 143 GLU GLU A . n 
A 1 159 THR 159 144 144 THR THR A . n 
A 1 160 SER 160 145 145 SER SER A . n 
A 1 161 ALA 161 146 146 ALA ALA A . n 
A 1 162 LYS 162 147 147 LYS LYS A . n 
A 1 163 THR 163 148 148 THR THR A . n 
A 1 164 ARG 164 149 149 ARG ARG A . n 
A 1 165 GLN 165 150 150 GLN GLN A . n 
A 1 166 GLY 166 151 151 GLY GLY A . n 
A 1 167 VAL 167 152 152 VAL VAL A . n 
A 1 168 ASP 168 153 153 ASP ASP A . n 
A 1 169 ASP 169 154 154 ASP ASP A . n 
A 1 170 ALA 170 155 155 ALA ALA A . n 
A 1 171 PHE 171 156 156 PHE PHE A . n 
A 1 172 TYR 172 157 157 TYR TYR A . n 
A 1 173 THR 173 158 158 THR THR A . n 
A 1 174 LEU 174 159 159 LEU LEU A . n 
A 1 175 VAL 175 160 160 VAL VAL A . n 
A 1 176 ARG 176 161 161 ARG ARG A . n 
A 1 177 GLU 177 162 162 GLU GLU A . n 
A 1 178 ILE 178 163 163 ILE ILE A . n 
A 1 179 ARG 179 164 164 ARG ARG A . n 
A 1 180 LYS 180 165 165 LYS LYS A . n 
A 1 181 HIS 181 166 166 HIS HIS A . n 
A 1 182 LYS 182 167 167 LYS LYS A . n 
A 1 183 GLU 183 168 168 GLU GLU A . n 
A 1 184 LYS 184 169 ?   ?   ?   A . n 
# 
_pdbx_entity_instance_feature.ordinal        1 
_pdbx_entity_instance_feature.comp_id        U50 
_pdbx_entity_instance_feature.asym_id        ? 
_pdbx_entity_instance_feature.seq_num        ? 
_pdbx_entity_instance_feature.auth_comp_id   U50 
_pdbx_entity_instance_feature.auth_asym_id   ? 
_pdbx_entity_instance_feature.auth_seq_num   ? 
_pdbx_entity_instance_feature.feature_type   'SUBJECT OF INVESTIGATION' 
_pdbx_entity_instance_feature.details        ? 
# 
loop_
_pdbx_nonpoly_scheme.asym_id 
_pdbx_nonpoly_scheme.entity_id 
_pdbx_nonpoly_scheme.mon_id 
_pdbx_nonpoly_scheme.ndb_seq_num 
_pdbx_nonpoly_scheme.pdb_seq_num 
_pdbx_nonpoly_scheme.auth_seq_num 
_pdbx_nonpoly_scheme.pdb_mon_id 
_pdbx_nonpoly_scheme.auth_mon_id 
_pdbx_nonpoly_scheme.pdb_strand_id 
_pdbx_nonpoly_scheme.pdb_ins_code 
B 2 MG  1  301 301 MG  MG  A . 
C 3 GDP 1  302 501 GDP GDP A . 
D 4 U50 1  303 701 U50 UNL A . 
E 5 SO4 1  304 1   SO4 SO4 A . 
F 6 HOH 1  401 403 HOH HOH A . 
F 6 HOH 2  402 3   HOH HOH A . 
F 6 HOH 3  403 37  HOH HOH A . 
F 6 HOH 4  404 11  HOH HOH A . 
F 6 HOH 5  405 401 HOH HOH A . 
F 6 HOH 6  406 404 HOH HOH A . 
F 6 HOH 7  407 402 HOH HOH A . 
F 6 HOH 8  408 15  HOH HOH A . 
F 6 HOH 9  409 20  HOH HOH A . 
F 6 HOH 10 410 6   HOH HOH A . 
F 6 HOH 11 411 12  HOH HOH A . 
F 6 HOH 12 412 25  HOH HOH A . 
F 6 HOH 13 413 13  HOH HOH A . 
F 6 HOH 14 414 22  HOH HOH A . 
F 6 HOH 15 415 16  HOH HOH A . 
F 6 HOH 16 416 10  HOH HOH A . 
F 6 HOH 17 417 8   HOH HOH A . 
F 6 HOH 18 418 19  HOH HOH A . 
F 6 HOH 19 419 17  HOH HOH A . 
F 6 HOH 20 420 18  HOH HOH A . 
F 6 HOH 21 421 27  HOH HOH A . 
F 6 HOH 22 422 7   HOH HOH A . 
F 6 HOH 23 423 9   HOH HOH A . 
F 6 HOH 24 424 21  HOH HOH A . 
F 6 HOH 25 425 1   HOH HOH A . 
F 6 HOH 26 426 32  HOH HOH A . 
F 6 HOH 27 427 28  HOH HOH A . 
F 6 HOH 28 428 5   HOH HOH A . 
F 6 HOH 29 429 36  HOH HOH A . 
F 6 HOH 30 430 14  HOH HOH A . 
F 6 HOH 31 431 30  HOH HOH A . 
F 6 HOH 32 432 33  HOH HOH A . 
F 6 HOH 33 433 4   HOH HOH A . 
F 6 HOH 34 434 38  HOH HOH A . 
F 6 HOH 35 435 2   HOH HOH A . 
F 6 HOH 36 436 23  HOH HOH A . 
F 6 HOH 37 437 35  HOH HOH A . 
F 6 HOH 38 438 26  HOH HOH A . 
F 6 HOH 39 439 31  HOH HOH A . 
F 6 HOH 40 440 29  HOH HOH A . 
F 6 HOH 41 441 34  HOH HOH A . 
F 6 HOH 42 442 24  HOH HOH A . 
# 
loop_
_software.citation_id 
_software.classification 
_software.compiler_name 
_software.compiler_version 
_software.contact_author 
_software.contact_author_email 
_software.date 
_software.description 
_software.dependencies 
_software.hardware 
_software.language 
_software.location 
_software.mods 
_software.name 
_software.os 
_software.os_version 
_software.type 
_software.version 
_software.pdbx_ordinal 
? 'data collection' ? ? ? ? ? ? ? ? ? ? ? BOS         ? ? ? v3        1 
? 'data reduction'  ? ? ? ? ? ? ? ? ? ? ? DIALS       ? ? ? v1.14.3   2 
? 'data scaling'    ? ? ? ? ? ? ? ? ? ? ? xia2        ? ? ? v0.5.902  3 
? phasing           ? ? ? ? ? ? ? ? ? ? ? PHASER      ? ? ? v2.8.3    4 
? refinement        ? ? ? ? ? ? ? ? ? ? ? REFMAC      ? ? ? v5.8.0267 5 
? 'model building'  ? ? ? ? ? ? ? ? ? ? ? Coot        ? ? ? v0.8.9.1  6 
? 'data extraction' ? ? ? ? ? ? ? ? ? ? ? PDB_EXTRACT ? ? ? v3.27     7 
# 
_cell.angle_alpha                  90.000 
_cell.angle_alpha_esd              ? 
_cell.angle_beta                   90.000 
_cell.angle_beta_esd               ? 
_cell.angle_gamma                  90.000 
_cell.angle_gamma_esd              ? 
_cell.entry_id                     8DNK 
_cell.details                      ? 
_cell.formula_units_Z              ? 
_cell.length_a                     91.181 
_cell.length_a_esd                 ? 
_cell.length_b                     91.181 
_cell.length_b_esd                 ? 
_cell.length_c                     91.181 
_cell.length_c_esd                 ? 
_cell.volume                       ? 
_cell.volume_esd                   ? 
_cell.Z_PDB                        12 
_cell.reciprocal_angle_alpha       ? 
_cell.reciprocal_angle_beta        ? 
_cell.reciprocal_angle_gamma       ? 
_cell.reciprocal_angle_alpha_esd   ? 
_cell.reciprocal_angle_beta_esd    ? 
_cell.reciprocal_angle_gamma_esd   ? 
_cell.reciprocal_length_a          ? 
_cell.reciprocal_length_b          ? 
_cell.reciprocal_length_c          ? 
_cell.reciprocal_length_a_esd      ? 
_cell.reciprocal_length_b_esd      ? 
_cell.reciprocal_length_c_esd      ? 
_cell.pdbx_unique_axis             ? 
_cell.pdbx_esd_method              ? 
# 
_symmetry.entry_id                         8DNK 
_symmetry.cell_setting                     ? 
_symmetry.Int_Tables_number                195 
_symmetry.space_group_name_Hall            ? 
_symmetry.space_group_name_H-M             'P 2 3' 
_symmetry.pdbx_full_space_group_name_H-M   ? 
# 
_exptl.absorpt_coefficient_mu     ? 
_exptl.absorpt_correction_T_max   ? 
_exptl.absorpt_correction_T_min   ? 
_exptl.absorpt_correction_type    ? 
_exptl.absorpt_process_details    ? 
_exptl.entry_id                   8DNK 
_exptl.crystals_number            1 
_exptl.details                    ? 
_exptl.method                     'X-RAY DIFFRACTION' 
_exptl.method_details             ? 
# 
_exptl_crystal.colour                       ? 
_exptl_crystal.density_diffrn               ? 
_exptl_crystal.density_Matthews             2.99 
_exptl_crystal.density_method               ? 
_exptl_crystal.density_percent_sol          58.85 
_exptl_crystal.description                  ? 
_exptl_crystal.F_000                        ? 
_exptl_crystal.id                           1 
_exptl_crystal.preparation                  ? 
_exptl_crystal.size_max                     ? 
_exptl_crystal.size_mid                     ? 
_exptl_crystal.size_min                     ? 
_exptl_crystal.size_rad                     ? 
_exptl_crystal.colour_lustre                ? 
_exptl_crystal.colour_modifier              ? 
_exptl_crystal.colour_primary               ? 
_exptl_crystal.density_meas                 ? 
_exptl_crystal.density_meas_esd             ? 
_exptl_crystal.density_meas_gt              ? 
_exptl_crystal.density_meas_lt              ? 
_exptl_crystal.density_meas_temp            ? 
_exptl_crystal.density_meas_temp_esd        ? 
_exptl_crystal.density_meas_temp_gt         ? 
_exptl_crystal.density_meas_temp_lt         ? 
_exptl_crystal.pdbx_crystal_image_url       ? 
_exptl_crystal.pdbx_crystal_image_format    ? 
_exptl_crystal.pdbx_mosaicity               ? 
_exptl_crystal.pdbx_mosaicity_esd           ? 
_exptl_crystal.pdbx_mosaic_method           ? 
_exptl_crystal.pdbx_mosaic_block_size       ? 
_exptl_crystal.pdbx_mosaic_block_size_esd   ? 
# 
_exptl_crystal_grow.apparatus       ? 
_exptl_crystal_grow.atmosphere      ? 
_exptl_crystal_grow.crystal_id      1 
_exptl_crystal_grow.details         ? 
_exptl_crystal_grow.method          'VAPOR DIFFUSION, SITTING DROP' 
_exptl_crystal_grow.method_ref      ? 
_exptl_crystal_grow.pH              8.5 
_exptl_crystal_grow.pressure        ? 
_exptl_crystal_grow.pressure_esd    ? 
_exptl_crystal_grow.seeding         ? 
_exptl_crystal_grow.seeding_ref     ? 
_exptl_crystal_grow.temp            293 
_exptl_crystal_grow.temp_details    ? 
_exptl_crystal_grow.temp_esd        ? 
_exptl_crystal_grow.time            ? 
_exptl_crystal_grow.pdbx_details    '0.1 M TRIS pH 8.5, 2.0 M Ammonium sulfate' 
_exptl_crystal_grow.pdbx_pH_range   ? 
# 
_diffrn.ambient_environment              ? 
_diffrn.ambient_temp                     100 
_diffrn.ambient_temp_details             ? 
_diffrn.ambient_temp_esd                 ? 
_diffrn.crystal_id                       1 
_diffrn.crystal_support                  ? 
_diffrn.crystal_treatment                ? 
_diffrn.details                          ? 
_diffrn.id                               1 
_diffrn.ambient_pressure                 ? 
_diffrn.ambient_pressure_esd             ? 
_diffrn.ambient_pressure_gt              ? 
_diffrn.ambient_pressure_lt              ? 
_diffrn.ambient_temp_gt                  ? 
_diffrn.ambient_temp_lt                  ? 
_diffrn.pdbx_serial_crystal_experiment   N 
# 
_diffrn_detector.details                      ? 
_diffrn_detector.detector                     PIXEL 
_diffrn_detector.diffrn_id                    1 
_diffrn_detector.type                         'DECTRIS PILATUS3 6M' 
_diffrn_detector.area_resol_mean              ? 
_diffrn_detector.dtime                        ? 
_diffrn_detector.pdbx_frames_total            ? 
_diffrn_detector.pdbx_collection_time_total   ? 
_diffrn_detector.pdbx_collection_date         2020-12-18 
_diffrn_detector.pdbx_frequency               ? 
# 
_diffrn_radiation.collimation                      ? 
_diffrn_radiation.diffrn_id                        1 
_diffrn_radiation.filter_edge                      ? 
_diffrn_radiation.inhomogeneity                    ? 
_diffrn_radiation.monochromator                    'Double-crystal, Si(111)' 
_diffrn_radiation.polarisn_norm                    ? 
_diffrn_radiation.polarisn_ratio                   ? 
_diffrn_radiation.probe                            ? 
_diffrn_radiation.type                             ? 
_diffrn_radiation.xray_symbol                      ? 
_diffrn_radiation.wavelength_id                    1 
_diffrn_radiation.pdbx_monochromatic_or_laue_m_l   M 
_diffrn_radiation.pdbx_wavelength_list             ? 
_diffrn_radiation.pdbx_wavelength                  ? 
_diffrn_radiation.pdbx_diffrn_protocol             'SINGLE WAVELENGTH' 
_diffrn_radiation.pdbx_analyzer                    ? 
_diffrn_radiation.pdbx_scattering_type             x-ray 
# 
_diffrn_radiation_wavelength.id           1 
_diffrn_radiation_wavelength.wavelength   0.99999 
_diffrn_radiation_wavelength.wt           1.0 
# 
_diffrn_source.current                     ? 
_diffrn_source.details                     ? 
_diffrn_source.diffrn_id                   1 
_diffrn_source.power                       ? 
_diffrn_source.size                        ? 
_diffrn_source.source                      SYNCHROTRON 
_diffrn_source.target                      ? 
_diffrn_source.type                        'ALS BEAMLINE 5.0.2' 
_diffrn_source.voltage                     ? 
_diffrn_source.take-off_angle              ? 
_diffrn_source.pdbx_wavelength_list        0.99999 
_diffrn_source.pdbx_wavelength             ? 
_diffrn_source.pdbx_synchrotron_beamline   5.0.2 
_diffrn_source.pdbx_synchrotron_site       ALS 
# 
_reflns.B_iso_Wilson_estimate                          ? 
_reflns.entry_id                                       8DNK 
_reflns.data_reduction_details                         ? 
_reflns.data_reduction_method                          ? 
_reflns.d_resolution_high                              2.23 
_reflns.d_resolution_low                               64.48 
_reflns.details                                        ? 
_reflns.limit_h_max                                    ? 
_reflns.limit_h_min                                    ? 
_reflns.limit_k_max                                    ? 
_reflns.limit_k_min                                    ? 
_reflns.limit_l_max                                    ? 
_reflns.limit_l_min                                    ? 
_reflns.number_all                                     ? 
_reflns.number_obs                                     12603 
_reflns.observed_criterion                             ? 
_reflns.observed_criterion_F_max                       ? 
_reflns.observed_criterion_F_min                       ? 
_reflns.observed_criterion_I_max                       ? 
_reflns.observed_criterion_I_min                       ? 
_reflns.observed_criterion_sigma_F                     ? 
_reflns.observed_criterion_sigma_I                     ? 
_reflns.percent_possible_obs                           100.0 
_reflns.R_free_details                                 ? 
_reflns.Rmerge_F_all                                   ? 
_reflns.Rmerge_F_obs                                   ? 
_reflns.Friedel_coverage                               ? 
_reflns.number_gt                                      ? 
_reflns.threshold_expression                           ? 
_reflns.pdbx_redundancy                                38.4 
_reflns.pdbx_Rmerge_I_obs                              ? 
_reflns.pdbx_Rmerge_I_all                              ? 
_reflns.pdbx_Rsym_value                                ? 
_reflns.pdbx_netI_over_av_sigmaI                       ? 
_reflns.pdbx_netI_over_sigmaI                          11.8 
_reflns.pdbx_res_netI_over_av_sigmaI_2                 ? 
_reflns.pdbx_res_netI_over_sigmaI_2                    ? 
_reflns.pdbx_chi_squared                               ? 
_reflns.pdbx_scaling_rejects                           ? 
_reflns.pdbx_d_res_high_opt                            ? 
_reflns.pdbx_d_res_low_opt                             ? 
_reflns.pdbx_d_res_opt_method                          ? 
_reflns.phase_calculation_details                      ? 
_reflns.pdbx_Rrim_I_all                                ? 
_reflns.pdbx_Rpim_I_all                                ? 
_reflns.pdbx_d_opt                                     ? 
_reflns.pdbx_number_measured_all                       ? 
_reflns.pdbx_diffrn_id                                 1 
_reflns.pdbx_ordinal                                   1 
_reflns.pdbx_CC_half                                   0.998 
_reflns.pdbx_CC_star                                   ? 
_reflns.pdbx_R_split                                   ? 
_reflns.pdbx_aniso_diffraction_limit_axis_1_ortho[1]   ? 
_reflns.pdbx_aniso_diffraction_limit_axis_1_ortho[2]   ? 
_reflns.pdbx_aniso_diffraction_limit_axis_1_ortho[3]   ? 
_reflns.pdbx_aniso_diffraction_limit_axis_2_ortho[1]   ? 
_reflns.pdbx_aniso_diffraction_limit_axis_2_ortho[2]   ? 
_reflns.pdbx_aniso_diffraction_limit_axis_2_ortho[3]   ? 
_reflns.pdbx_aniso_diffraction_limit_axis_3_ortho[1]   ? 
_reflns.pdbx_aniso_diffraction_limit_axis_3_ortho[2]   ? 
_reflns.pdbx_aniso_diffraction_limit_axis_3_ortho[3]   ? 
_reflns.pdbx_aniso_diffraction_limit_1                 ? 
_reflns.pdbx_aniso_diffraction_limit_2                 ? 
_reflns.pdbx_aniso_diffraction_limit_3                 ? 
_reflns.pdbx_aniso_B_tensor_eigenvector_1_ortho[1]     ? 
_reflns.pdbx_aniso_B_tensor_eigenvector_1_ortho[2]     ? 
_reflns.pdbx_aniso_B_tensor_eigenvector_1_ortho[3]     ? 
_reflns.pdbx_aniso_B_tensor_eigenvector_2_ortho[1]     ? 
_reflns.pdbx_aniso_B_tensor_eigenvector_2_ortho[2]     ? 
_reflns.pdbx_aniso_B_tensor_eigenvector_2_ortho[3]     ? 
_reflns.pdbx_aniso_B_tensor_eigenvector_3_ortho[1]     ? 
_reflns.pdbx_aniso_B_tensor_eigenvector_3_ortho[2]     ? 
_reflns.pdbx_aniso_B_tensor_eigenvector_3_ortho[3]     ? 
_reflns.pdbx_aniso_B_tensor_eigenvalue_1               ? 
_reflns.pdbx_aniso_B_tensor_eigenvalue_2               ? 
_reflns.pdbx_aniso_B_tensor_eigenvalue_3               ? 
_reflns.pdbx_orthogonalization_convention              ? 
_reflns.pdbx_percent_possible_ellipsoidal              ? 
_reflns.pdbx_percent_possible_spherical                ? 
_reflns.pdbx_percent_possible_ellipsoidal_anomalous    ? 
_reflns.pdbx_percent_possible_spherical_anomalous      ? 
_reflns.pdbx_redundancy_anomalous                      ? 
_reflns.pdbx_CC_half_anomalous                         ? 
_reflns.pdbx_absDiff_over_sigma_anomalous              ? 
_reflns.pdbx_percent_possible_anomalous                ? 
_reflns.pdbx_observed_signal_threshold                 ? 
_reflns.pdbx_signal_type                               ? 
_reflns.pdbx_signal_details                            ? 
_reflns.pdbx_signal_software_id                        ? 
_reflns.pdbx_CC_split_method                           ? 
# 
_reflns_shell.d_res_high                                    2.23 
_reflns_shell.d_res_low                                     2.27 
_reflns_shell.meanI_over_sigI_all                           ? 
_reflns_shell.meanI_over_sigI_obs                           2.4 
_reflns_shell.number_measured_all                           ? 
_reflns_shell.number_measured_obs                           ? 
_reflns_shell.number_possible                               ? 
_reflns_shell.number_unique_all                             ? 
_reflns_shell.number_unique_obs                             627 
_reflns_shell.percent_possible_all                          100.0 
_reflns_shell.percent_possible_obs                          ? 
_reflns_shell.Rmerge_F_all                                  ? 
_reflns_shell.Rmerge_F_obs                                  ? 
_reflns_shell.Rmerge_I_all                                  ? 
_reflns_shell.Rmerge_I_obs                                  ? 
_reflns_shell.meanI_over_sigI_gt                            ? 
_reflns_shell.meanI_over_uI_all                             ? 
_reflns_shell.meanI_over_uI_gt                              ? 
_reflns_shell.number_measured_gt                            ? 
_reflns_shell.number_unique_gt                              ? 
_reflns_shell.percent_possible_gt                           ? 
_reflns_shell.Rmerge_F_gt                                   ? 
_reflns_shell.Rmerge_I_gt                                   ? 
_reflns_shell.pdbx_redundancy                               40.1 
_reflns_shell.pdbx_Rsym_value                               ? 
_reflns_shell.pdbx_chi_squared                              ? 
_reflns_shell.pdbx_netI_over_sigmaI_all                     ? 
_reflns_shell.pdbx_netI_over_sigmaI_obs                     ? 
_reflns_shell.pdbx_Rrim_I_all                               ? 
_reflns_shell.pdbx_Rpim_I_all                               ? 
_reflns_shell.pdbx_rejects                                  ? 
_reflns_shell.pdbx_ordinal                                  1 
_reflns_shell.pdbx_diffrn_id                                1 
_reflns_shell.pdbx_CC_half                                  0.757 
_reflns_shell.pdbx_CC_star                                  ? 
_reflns_shell.pdbx_R_split                                  ? 
_reflns_shell.pdbx_percent_possible_ellipsoidal             ? 
_reflns_shell.pdbx_percent_possible_spherical               ? 
_reflns_shell.pdbx_percent_possible_ellipsoidal_anomalous   ? 
_reflns_shell.pdbx_percent_possible_spherical_anomalous     ? 
_reflns_shell.pdbx_redundancy_anomalous                     ? 
_reflns_shell.pdbx_CC_half_anomalous                        ? 
_reflns_shell.pdbx_absDiff_over_sigma_anomalous             ? 
_reflns_shell.pdbx_percent_possible_anomalous               ? 
# 
_refine.aniso_B[1][1]                            0.0000 
_refine.aniso_B[1][2]                            0.0000 
_refine.aniso_B[1][3]                            0.0000 
_refine.aniso_B[2][2]                            0.0000 
_refine.aniso_B[2][3]                            0.0000 
_refine.aniso_B[3][3]                            0.0000 
_refine.B_iso_max                                119.750 
_refine.B_iso_mean                               39.2590 
_refine.B_iso_min                                20.390 
_refine.correlation_coeff_Fo_to_Fc               0.9580 
_refine.correlation_coeff_Fo_to_Fc_free          0.9220 
_refine.details                                  
'HYDROGENS HAVE BEEN ADDED IN THE RIDING POSITIONS U VALUES      : REFINED INDIVIDUALLY' 
_refine.diff_density_max                         ? 
_refine.diff_density_max_esd                     ? 
_refine.diff_density_min                         ? 
_refine.diff_density_min_esd                     ? 
_refine.diff_density_rms                         ? 
_refine.diff_density_rms_esd                     ? 
_refine.entry_id                                 8DNK 
_refine.pdbx_refine_id                           'X-RAY DIFFRACTION' 
_refine.ls_abs_structure_details                 ? 
_refine.ls_abs_structure_Flack                   ? 
_refine.ls_abs_structure_Flack_esd               ? 
_refine.ls_abs_structure_Rogers                  ? 
_refine.ls_abs_structure_Rogers_esd              ? 
_refine.ls_d_res_high                            2.2300 
_refine.ls_d_res_low                             30.0000 
_refine.ls_extinction_coef                       ? 
_refine.ls_extinction_coef_esd                   ? 
_refine.ls_extinction_expression                 ? 
_refine.ls_extinction_method                     ? 
_refine.ls_goodness_of_fit_all                   ? 
_refine.ls_goodness_of_fit_all_esd               ? 
_refine.ls_goodness_of_fit_obs                   ? 
_refine.ls_goodness_of_fit_obs_esd               ? 
_refine.ls_hydrogen_treatment                    ? 
_refine.ls_matrix_type                           ? 
_refine.ls_number_constraints                    ? 
_refine.ls_number_parameters                     ? 
_refine.ls_number_reflns_all                     ? 
_refine.ls_number_reflns_obs                     11916 
_refine.ls_number_reflns_R_free                  659 
_refine.ls_number_reflns_R_work                  ? 
_refine.ls_number_restraints                     ? 
_refine.ls_percent_reflns_obs                    99.8800 
_refine.ls_percent_reflns_R_free                 5.2000 
_refine.ls_R_factor_all                          ? 
_refine.ls_R_factor_obs                          0.1837 
_refine.ls_R_factor_R_free                       0.2354 
_refine.ls_R_factor_R_free_error                 ? 
_refine.ls_R_factor_R_free_error_details         ? 
_refine.ls_R_factor_R_work                       0.1809 
_refine.ls_R_Fsqd_factor_obs                     ? 
_refine.ls_R_I_factor_obs                        ? 
_refine.ls_redundancy_reflns_all                 ? 
_refine.ls_redundancy_reflns_obs                 ? 
_refine.ls_restrained_S_all                      ? 
_refine.ls_restrained_S_obs                      ? 
_refine.ls_shift_over_esd_max                    ? 
_refine.ls_shift_over_esd_mean                   ? 
_refine.ls_structure_factor_coef                 ? 
_refine.ls_weighting_details                     ? 
_refine.ls_weighting_scheme                      ? 
_refine.ls_wR_factor_all                         ? 
_refine.ls_wR_factor_obs                         ? 
_refine.ls_wR_factor_R_free                      ? 
_refine.ls_wR_factor_R_work                      ? 
_refine.occupancy_max                            ? 
_refine.occupancy_min                            ? 
_refine.solvent_model_details                    MASK 
_refine.solvent_model_param_bsol                 ? 
_refine.solvent_model_param_ksol                 ? 
_refine.pdbx_R_complete                          ? 
_refine.ls_R_factor_gt                           ? 
_refine.ls_goodness_of_fit_gt                    ? 
_refine.ls_goodness_of_fit_ref                   ? 
_refine.ls_shift_over_su_max                     ? 
_refine.ls_shift_over_su_max_lt                  ? 
_refine.ls_shift_over_su_mean                    ? 
_refine.ls_shift_over_su_mean_lt                 ? 
_refine.pdbx_ls_sigma_I                          ? 
_refine.pdbx_ls_sigma_F                          0.000 
_refine.pdbx_ls_sigma_Fsqd                       ? 
_refine.pdbx_data_cutoff_high_absF               ? 
_refine.pdbx_data_cutoff_high_rms_absF           ? 
_refine.pdbx_data_cutoff_low_absF                ? 
_refine.pdbx_isotropic_thermal_model             ? 
_refine.pdbx_ls_cross_valid_method               THROUGHOUT 
_refine.pdbx_method_to_determine_struct          'MOLECULAR REPLACEMENT' 
_refine.pdbx_starting_model                      6OIM 
_refine.pdbx_stereochemistry_target_values       'MAXIMUM LIKELIHOOD' 
_refine.pdbx_R_Free_selection_details            RANDOM 
_refine.pdbx_stereochem_target_val_spec_case     ? 
_refine.pdbx_overall_ESU_R                       0.2030 
_refine.pdbx_overall_ESU_R_Free                  0.1880 
_refine.pdbx_solvent_vdw_probe_radii             1.2000 
_refine.pdbx_solvent_ion_probe_radii             0.8000 
_refine.pdbx_solvent_shrinkage_radii             0.8000 
_refine.pdbx_real_space_R                        ? 
_refine.pdbx_density_correlation                 ? 
_refine.pdbx_pd_number_of_powder_patterns        ? 
_refine.pdbx_pd_number_of_points                 ? 
_refine.pdbx_pd_meas_number_of_points            ? 
_refine.pdbx_pd_proc_ls_prof_R_factor            ? 
_refine.pdbx_pd_proc_ls_prof_wR_factor           ? 
_refine.pdbx_pd_Marquardt_correlation_coeff      ? 
_refine.pdbx_pd_Fsqrd_R_factor                   ? 
_refine.pdbx_pd_ls_matrix_band_width             ? 
_refine.pdbx_overall_phase_error                 ? 
_refine.pdbx_overall_SU_R_free_Cruickshank_DPI   ? 
_refine.pdbx_overall_SU_R_free_Blow_DPI          ? 
_refine.pdbx_overall_SU_R_Blow_DPI               ? 
_refine.pdbx_TLS_residual_ADP_flag               ? 
_refine.pdbx_diffrn_id                           1 
_refine.overall_SU_B                             5.7000 
_refine.overall_SU_ML                            0.1340 
_refine.overall_SU_R_Cruickshank_DPI             ? 
_refine.overall_SU_R_free                        ? 
_refine.overall_FOM_free_R_set                   ? 
_refine.overall_FOM_work_R_set                   ? 
_refine.pdbx_average_fsc_overall                 ? 
_refine.pdbx_average_fsc_work                    ? 
_refine.pdbx_average_fsc_free                    ? 
# 
_refine_hist.pdbx_refine_id                   'X-RAY DIFFRACTION' 
_refine_hist.cycle_id                         final 
_refine_hist.details                          ? 
_refine_hist.d_res_high                       2.2300 
_refine_hist.d_res_low                        30.0000 
_refine_hist.number_atoms_solvent             42 
_refine_hist.number_atoms_total               1461 
_refine_hist.number_reflns_all                ? 
_refine_hist.number_reflns_obs                ? 
_refine_hist.number_reflns_R_free             ? 
_refine_hist.number_reflns_R_work             ? 
_refine_hist.R_factor_all                     ? 
_refine_hist.R_factor_obs                     ? 
_refine_hist.R_factor_R_free                  ? 
_refine_hist.R_factor_R_work                  ? 
_refine_hist.pdbx_number_residues_total       169 
_refine_hist.pdbx_B_iso_mean_ligand           42.61 
_refine_hist.pdbx_B_iso_mean_solvent          38.08 
_refine_hist.pdbx_number_atoms_protein        1351 
_refine_hist.pdbx_number_atoms_nucleic_acid   0 
_refine_hist.pdbx_number_atoms_ligand         68 
_refine_hist.pdbx_number_atoms_lipid          ? 
_refine_hist.pdbx_number_atoms_carb           ? 
_refine_hist.pdbx_pseudo_atom_details         ? 
# 
loop_
_refine_ls_restr.pdbx_refine_id 
_refine_ls_restr.criterion 
_refine_ls_restr.dev_ideal 
_refine_ls_restr.dev_ideal_target 
_refine_ls_restr.number 
_refine_ls_restr.rejects 
_refine_ls_restr.type 
_refine_ls_restr.weight 
_refine_ls_restr.pdbx_restraint_function 
'X-RAY DIFFRACTION' ? 0.013  0.013  1459 ? r_bond_refined_d       ? ? 
'X-RAY DIFFRACTION' ? 0.001  0.018  1349 ? r_bond_other_d         ? ? 
'X-RAY DIFFRACTION' ? 1.851  1.719  1973 ? r_angle_refined_deg    ? ? 
'X-RAY DIFFRACTION' ? 1.338  1.618  3075 ? r_angle_other_deg      ? ? 
'X-RAY DIFFRACTION' ? 6.571  5.000  170  ? r_dihedral_angle_1_deg ? ? 
'X-RAY DIFFRACTION' ? 37.455 22.346 81   ? r_dihedral_angle_2_deg ? ? 
'X-RAY DIFFRACTION' ? 17.569 15.000 255  ? r_dihedral_angle_3_deg ? ? 
'X-RAY DIFFRACTION' ? 19.985 15.000 11   ? r_dihedral_angle_4_deg ? ? 
'X-RAY DIFFRACTION' ? 0.082  0.200  189  ? r_chiral_restr         ? ? 
'X-RAY DIFFRACTION' ? 0.008  0.020  1611 ? r_gen_planes_refined   ? ? 
'X-RAY DIFFRACTION' ? 0.002  0.020  325  ? r_gen_planes_other     ? ? 
# 
_refine_ls_shell.pdbx_refine_id                   'X-RAY DIFFRACTION' 
_refine_ls_shell.d_res_high                       2.2310 
_refine_ls_shell.d_res_low                        2.2890 
_refine_ls_shell.number_reflns_all                913 
_refine_ls_shell.number_reflns_obs                ? 
_refine_ls_shell.number_reflns_R_free             32 
_refine_ls_shell.number_reflns_R_work             881 
_refine_ls_shell.percent_reflns_obs               99.8900 
_refine_ls_shell.percent_reflns_R_free            ? 
_refine_ls_shell.R_factor_all                     ? 
_refine_ls_shell.R_factor_obs                     ? 
_refine_ls_shell.R_factor_R_free                  0.2790 
_refine_ls_shell.R_factor_R_free_error            0.0000 
_refine_ls_shell.R_factor_R_work                  0.3080 
_refine_ls_shell.redundancy_reflns_all            ? 
_refine_ls_shell.redundancy_reflns_obs            ? 
_refine_ls_shell.wR_factor_all                    ? 
_refine_ls_shell.wR_factor_obs                    ? 
_refine_ls_shell.wR_factor_R_free                 ? 
_refine_ls_shell.wR_factor_R_work                 ? 
_refine_ls_shell.pdbx_R_complete                  ? 
_refine_ls_shell.pdbx_total_number_of_bins_used   20 
_refine_ls_shell.pdbx_phase_error                 ? 
_refine_ls_shell.pdbx_fsc_work                    ? 
_refine_ls_shell.pdbx_fsc_free                    ? 
# 
_struct.entry_id                     8DNK 
_struct.title                        'Crystal structure of human KRAS G12C covalently bound with Taiho WO2020/085493A1 compound 6' 
_struct.pdbx_model_details           ? 
_struct.pdbx_formula_weight          ? 
_struct.pdbx_formula_weight_method   ? 
_struct.pdbx_model_type_details      ? 
_struct.pdbx_CASP_flag               N 
# 
_struct_keywords.entry_id        8DNK 
_struct_keywords.text            'Inhibitor, GTPase, SIGNALING PROTEIN' 
_struct_keywords.pdbx_keywords   'SIGNALING PROTEIN' 
# 
loop_
_struct_asym.id 
_struct_asym.pdbx_blank_PDB_chainid_flag 
_struct_asym.pdbx_modified 
_struct_asym.entity_id 
_struct_asym.details 
A N N 1 ? 
B N N 2 ? 
C N N 3 ? 
D N N 4 ? 
E N N 5 ? 
F N N 6 ? 
# 
_struct_ref.id                         1 
_struct_ref.db_name                    UNP 
_struct_ref.db_code                    RASK_HUMAN 
_struct_ref.pdbx_db_accession          P01116-2 
_struct_ref.pdbx_db_isoform            ? 
_struct_ref.entity_id                  1 
_struct_ref.pdbx_seq_one_letter_code   
;MTEYKLVVVGAGGVGKSALTIQLIQNHFVDEYDPTIEDSYRKQVVIDGETCLLDILDTAGQEEYSAMRDQYMRTGEGFLC
VFAINNTKSFEDIHHYREQIKRVKDSEDVPMVLVGNKCDLPSRTVDTKQAQDLARSYGIPFIETSAKTRQGVDDAFYTLV
REIRKHKEK
;
_struct_ref.pdbx_align_begin           1 
# 
_struct_ref_seq.align_id                      1 
_struct_ref_seq.ref_id                        1 
_struct_ref_seq.pdbx_PDB_id_code              8DNK 
_struct_ref_seq.pdbx_strand_id                A 
_struct_ref_seq.seq_align_beg                 16 
_struct_ref_seq.pdbx_seq_align_beg_ins_code   ? 
_struct_ref_seq.seq_align_end                 184 
_struct_ref_seq.pdbx_seq_align_end_ins_code   ? 
_struct_ref_seq.pdbx_db_accession             P01116-2 
_struct_ref_seq.db_align_beg                  1 
_struct_ref_seq.pdbx_db_align_beg_ins_code    ? 
_struct_ref_seq.db_align_end                  169 
_struct_ref_seq.pdbx_db_align_end_ins_code    ? 
_struct_ref_seq.pdbx_auth_seq_align_beg       1 
_struct_ref_seq.pdbx_auth_seq_align_end       169 
# 
loop_
_struct_ref_seq_dif.align_id 
_struct_ref_seq_dif.pdbx_pdb_id_code 
_struct_ref_seq_dif.mon_id 
_struct_ref_seq_dif.pdbx_pdb_strand_id 
_struct_ref_seq_dif.seq_num 
_struct_ref_seq_dif.pdbx_pdb_ins_code 
_struct_ref_seq_dif.pdbx_seq_db_name 
_struct_ref_seq_dif.pdbx_seq_db_accession_code 
_struct_ref_seq_dif.db_mon_id 
_struct_ref_seq_dif.pdbx_seq_db_seq_num 
_struct_ref_seq_dif.details 
_struct_ref_seq_dif.pdbx_auth_seq_num 
_struct_ref_seq_dif.pdbx_ordinal 
1 8DNK MET A 1   ? UNP P01116-2 ?   ?   'initiating methionine' -14 1  
1 8DNK LYS A 2   ? UNP P01116-2 ?   ?   'expression tag'        -13 2  
1 8DNK HIS A 3   ? UNP P01116-2 ?   ?   'expression tag'        -12 3  
1 8DNK HIS A 4   ? UNP P01116-2 ?   ?   'expression tag'        -11 4  
1 8DNK HIS A 5   ? UNP P01116-2 ?   ?   'expression tag'        -10 5  
1 8DNK HIS A 6   ? UNP P01116-2 ?   ?   'expression tag'        -9  6  
1 8DNK HIS A 7   ? UNP P01116-2 ?   ?   'expression tag'        -8  7  
1 8DNK HIS A 8   ? UNP P01116-2 ?   ?   'expression tag'        -7  8  
1 8DNK HIS A 9   ? UNP P01116-2 ?   ?   'expression tag'        -6  9  
1 8DNK LEU A 10  ? UNP P01116-2 ?   ?   'expression tag'        -5  10 
1 8DNK VAL A 11  ? UNP P01116-2 ?   ?   'expression tag'        -4  11 
1 8DNK PRO A 12  ? UNP P01116-2 ?   ?   'expression tag'        -3  12 
1 8DNK ARG A 13  ? UNP P01116-2 ?   ?   'expression tag'        -2  13 
1 8DNK GLY A 14  ? UNP P01116-2 ?   ?   'expression tag'        -1  14 
1 8DNK SER A 15  ? UNP P01116-2 ?   ?   'expression tag'        0   15 
1 8DNK CYS A 27  ? UNP P01116-2 GLY 12  variant                 12  16 
1 8DNK SER A 66  ? UNP P01116-2 CYS 51  'engineered mutation'   51  17 
1 8DNK LEU A 95  ? UNP P01116-2 CYS 80  'engineered mutation'   80  18 
1 8DNK SER A 133 ? UNP P01116-2 CYS 118 'engineered mutation'   118 19 
# 
_pdbx_struct_assembly.id                   1 
_pdbx_struct_assembly.details              author_defined_assembly 
_pdbx_struct_assembly.method_details       ? 
_pdbx_struct_assembly.oligomeric_details   monomeric 
_pdbx_struct_assembly.oligomeric_count     1 
# 
_pdbx_struct_assembly_gen.assembly_id       1 
_pdbx_struct_assembly_gen.oper_expression   1 
_pdbx_struct_assembly_gen.asym_id_list      A,B,C,D,E,F 
# 
_pdbx_struct_assembly_auth_evidence.id                     1 
_pdbx_struct_assembly_auth_evidence.assembly_id            1 
_pdbx_struct_assembly_auth_evidence.experimental_support   none 
_pdbx_struct_assembly_auth_evidence.details                ? 
# 
_pdbx_struct_oper_list.id                   1 
_pdbx_struct_oper_list.type                 'identity operation' 
_pdbx_struct_oper_list.name                 1_555 
_pdbx_struct_oper_list.symmetry_operation   x,y,z 
_pdbx_struct_oper_list.matrix[1][1]         1.0000000000 
_pdbx_struct_oper_list.matrix[1][2]         0.0000000000 
_pdbx_struct_oper_list.matrix[1][3]         0.0000000000 
_pdbx_struct_oper_list.vector[1]            0.0000000000 
_pdbx_struct_oper_list.matrix[2][1]         0.0000000000 
_pdbx_struct_oper_list.matrix[2][2]         1.0000000000 
_pdbx_struct_oper_list.matrix[2][3]         0.0000000000 
_pdbx_struct_oper_list.vector[2]            0.0000000000 
_pdbx_struct_oper_list.matrix[3][1]         0.0000000000 
_pdbx_struct_oper_list.matrix[3][2]         0.0000000000 
_pdbx_struct_oper_list.matrix[3][3]         1.0000000000 
_pdbx_struct_oper_list.vector[3]            0.0000000000 
# 
loop_
_struct_conf.conf_type_id 
_struct_conf.id 
_struct_conf.pdbx_PDB_helix_id 
_struct_conf.beg_label_comp_id 
_struct_conf.beg_label_asym_id 
_struct_conf.beg_label_seq_id 
_struct_conf.pdbx_beg_PDB_ins_code 
_struct_conf.end_label_comp_id 
_struct_conf.end_label_asym_id 
_struct_conf.end_label_seq_id 
_struct_conf.pdbx_end_PDB_ins_code 
_struct_conf.beg_auth_comp_id 
_struct_conf.beg_auth_asym_id 
_struct_conf.beg_auth_seq_id 
_struct_conf.end_auth_comp_id 
_struct_conf.end_auth_asym_id 
_struct_conf.end_auth_seq_id 
_struct_conf.pdbx_PDB_helix_class 
_struct_conf.details 
_struct_conf.pdbx_PDB_helix_length 
HELX_P HELX_P1 AA1 GLY A 30  ? ASN A 41  ? GLY A 15  ASN A 26  1 ? 12 
HELX_P HELX_P2 AA2 SER A 80  ? THR A 89  ? SER A 65  THR A 74  1 ? 10 
HELX_P HELX_P3 AA3 ASN A 101 ? ASP A 120 ? ASN A 86  ASP A 105 1 ? 20 
HELX_P HELX_P4 AA4 ASP A 141 ? GLY A 153 ? ASP A 126 GLY A 138 1 ? 13 
HELX_P HELX_P5 AA5 GLY A 166 ? GLU A 183 ? GLY A 151 GLU A 168 1 ? 18 
# 
_struct_conf_type.id          HELX_P 
_struct_conf_type.criteria    ? 
_struct_conf_type.reference   ? 
# 
loop_
_struct_conn.id 
_struct_conn.conn_type_id 
_struct_conn.pdbx_leaving_atom_flag 
_struct_conn.pdbx_PDB_id 
_struct_conn.ptnr1_label_asym_id 
_struct_conn.ptnr1_label_comp_id 
_struct_conn.ptnr1_label_seq_id 
_struct_conn.ptnr1_label_atom_id 
_struct_conn.pdbx_ptnr1_label_alt_id 
_struct_conn.pdbx_ptnr1_PDB_ins_code 
_struct_conn.pdbx_ptnr1_standard_comp_id 
_struct_conn.ptnr1_symmetry 
_struct_conn.ptnr2_label_asym_id 
_struct_conn.ptnr2_label_comp_id 
_struct_conn.ptnr2_label_seq_id 
_struct_conn.ptnr2_label_atom_id 
_struct_conn.pdbx_ptnr2_label_alt_id 
_struct_conn.pdbx_ptnr2_PDB_ins_code 
_struct_conn.ptnr1_auth_asym_id 
_struct_conn.ptnr1_auth_comp_id 
_struct_conn.ptnr1_auth_seq_id 
_struct_conn.ptnr2_auth_asym_id 
_struct_conn.ptnr2_auth_comp_id 
_struct_conn.ptnr2_auth_seq_id 
_struct_conn.ptnr2_symmetry 
_struct_conn.pdbx_ptnr3_label_atom_id 
_struct_conn.pdbx_ptnr3_label_seq_id 
_struct_conn.pdbx_ptnr3_label_comp_id 
_struct_conn.pdbx_ptnr3_label_asym_id 
_struct_conn.pdbx_ptnr3_label_alt_id 
_struct_conn.pdbx_ptnr3_PDB_ins_code 
_struct_conn.details 
_struct_conn.pdbx_dist_value 
_struct_conn.pdbx_value_order 
_struct_conn.pdbx_role 
covale1 covale one ? A CYS 27 SG ? ? ? 1_555 D U50 . C23 ? ? A CYS 12  A U50 303 1_555 ? ? ? ? ? ? ? 1.807 ? ? 
metalc1 metalc ?   ? A SER 32 OG ? ? ? 1_555 B MG  . MG  ? ? A SER 17  A MG  301 1_555 ? ? ? ? ? ? ? 2.137 ? ? 
metalc2 metalc ?   ? B MG  .  MG ? ? ? 1_555 C GDP . O2B ? ? A MG  301 A GDP 302 1_555 ? ? ? ? ? ? ? 2.110 ? ? 
metalc3 metalc ?   ? B MG  .  MG ? ? ? 1_555 F HOH . O   ? ? A MG  301 A HOH 401 1_555 ? ? ? ? ? ? ? 2.141 ? ? 
metalc4 metalc ?   ? B MG  .  MG ? ? ? 1_555 F HOH . O   ? ? A MG  301 A HOH 405 1_555 ? ? ? ? ? ? ? 2.157 ? ? 
metalc5 metalc ?   ? B MG  .  MG ? ? ? 1_555 F HOH . O   ? ? A MG  301 A HOH 406 1_555 ? ? ? ? ? ? ? 2.161 ? ? 
metalc6 metalc ?   ? B MG  .  MG ? ? ? 1_555 F HOH . O   ? ? A MG  301 A HOH 407 1_555 ? ? ? ? ? ? ? 2.142 ? ? 
# 
loop_
_struct_conn_type.id 
_struct_conn_type.criteria 
_struct_conn_type.reference 
covale ? ? 
metalc ? ? 
# 
loop_
_pdbx_struct_conn_angle.id 
_pdbx_struct_conn_angle.ptnr1_label_atom_id 
_pdbx_struct_conn_angle.ptnr1_label_alt_id 
_pdbx_struct_conn_angle.ptnr1_label_asym_id 
_pdbx_struct_conn_angle.ptnr1_label_comp_id 
_pdbx_struct_conn_angle.ptnr1_label_seq_id 
_pdbx_struct_conn_angle.ptnr1_auth_atom_id 
_pdbx_struct_conn_angle.ptnr1_auth_asym_id 
_pdbx_struct_conn_angle.ptnr1_auth_comp_id 
_pdbx_struct_conn_angle.ptnr1_auth_seq_id 
_pdbx_struct_conn_angle.ptnr1_PDB_ins_code 
_pdbx_struct_conn_angle.ptnr1_symmetry 
_pdbx_struct_conn_angle.ptnr2_label_atom_id 
_pdbx_struct_conn_angle.ptnr2_label_alt_id 
_pdbx_struct_conn_angle.ptnr2_label_asym_id 
_pdbx_struct_conn_angle.ptnr2_label_comp_id 
_pdbx_struct_conn_angle.ptnr2_label_seq_id 
_pdbx_struct_conn_angle.ptnr2_auth_atom_id 
_pdbx_struct_conn_angle.ptnr2_auth_asym_id 
_pdbx_struct_conn_angle.ptnr2_auth_comp_id 
_pdbx_struct_conn_angle.ptnr2_auth_seq_id 
_pdbx_struct_conn_angle.ptnr2_PDB_ins_code 
_pdbx_struct_conn_angle.ptnr2_symmetry 
_pdbx_struct_conn_angle.ptnr3_label_atom_id 
_pdbx_struct_conn_angle.ptnr3_label_alt_id 
_pdbx_struct_conn_angle.ptnr3_label_asym_id 
_pdbx_struct_conn_angle.ptnr3_label_comp_id 
_pdbx_struct_conn_angle.ptnr3_label_seq_id 
_pdbx_struct_conn_angle.ptnr3_auth_atom_id 
_pdbx_struct_conn_angle.ptnr3_auth_asym_id 
_pdbx_struct_conn_angle.ptnr3_auth_comp_id 
_pdbx_struct_conn_angle.ptnr3_auth_seq_id 
_pdbx_struct_conn_angle.ptnr3_PDB_ins_code 
_pdbx_struct_conn_angle.ptnr3_symmetry 
_pdbx_struct_conn_angle.value 
_pdbx_struct_conn_angle.value_esd 
1  OG  ? A SER 32 ? A SER 17  ? 1_555 MG ? B MG . ? A MG 301 ? 1_555 O2B ? C GDP . ? A GDP 302 ? 1_555 93.0  ? 
2  OG  ? A SER 32 ? A SER 17  ? 1_555 MG ? B MG . ? A MG 301 ? 1_555 O   ? F HOH . ? A HOH 401 ? 1_555 87.0  ? 
3  O2B ? C GDP .  ? A GDP 302 ? 1_555 MG ? B MG . ? A MG 301 ? 1_555 O   ? F HOH . ? A HOH 401 ? 1_555 94.5  ? 
4  OG  ? A SER 32 ? A SER 17  ? 1_555 MG ? B MG . ? A MG 301 ? 1_555 O   ? F HOH . ? A HOH 405 ? 1_555 92.1  ? 
5  O2B ? C GDP .  ? A GDP 302 ? 1_555 MG ? B MG . ? A MG 301 ? 1_555 O   ? F HOH . ? A HOH 405 ? 1_555 83.2  ? 
6  O   ? F HOH .  ? A HOH 401 ? 1_555 MG ? B MG . ? A MG 301 ? 1_555 O   ? F HOH . ? A HOH 405 ? 1_555 177.6 ? 
7  OG  ? A SER 32 ? A SER 17  ? 1_555 MG ? B MG . ? A MG 301 ? 1_555 O   ? F HOH . ? A HOH 406 ? 1_555 173.5 ? 
8  O2B ? C GDP .  ? A GDP 302 ? 1_555 MG ? B MG . ? A MG 301 ? 1_555 O   ? F HOH . ? A HOH 406 ? 1_555 89.2  ? 
9  O   ? F HOH .  ? A HOH 401 ? 1_555 MG ? B MG . ? A MG 301 ? 1_555 O   ? F HOH . ? A HOH 406 ? 1_555 86.7  ? 
10 O   ? F HOH .  ? A HOH 405 ? 1_555 MG ? B MG . ? A MG 301 ? 1_555 O   ? F HOH . ? A HOH 406 ? 1_555 94.2  ? 
11 OG  ? A SER 32 ? A SER 17  ? 1_555 MG ? B MG . ? A MG 301 ? 1_555 O   ? F HOH . ? A HOH 407 ? 1_555 90.9  ? 
12 O2B ? C GDP .  ? A GDP 302 ? 1_555 MG ? B MG . ? A MG 301 ? 1_555 O   ? F HOH . ? A HOH 407 ? 1_555 168.8 ? 
13 O   ? F HOH .  ? A HOH 401 ? 1_555 MG ? B MG . ? A MG 301 ? 1_555 O   ? F HOH . ? A HOH 407 ? 1_555 96.1  ? 
14 O   ? F HOH .  ? A HOH 405 ? 1_555 MG ? B MG . ? A MG 301 ? 1_555 O   ? F HOH . ? A HOH 407 ? 1_555 86.2  ? 
15 O   ? F HOH .  ? A HOH 406 ? 1_555 MG ? B MG . ? A MG 301 ? 1_555 O   ? F HOH . ? A HOH 407 ? 1_555 88.1  ? 
# 
_pdbx_modification_feature.ordinal                            1 
_pdbx_modification_feature.label_comp_id                      U50 
_pdbx_modification_feature.label_asym_id                      D 
_pdbx_modification_feature.label_seq_id                       . 
_pdbx_modification_feature.label_alt_id                       ? 
_pdbx_modification_feature.modified_residue_label_comp_id     CYS 
_pdbx_modification_feature.modified_residue_label_asym_id     A 
_pdbx_modification_feature.modified_residue_label_seq_id      27 
_pdbx_modification_feature.modified_residue_label_alt_id      ? 
_pdbx_modification_feature.auth_comp_id                       U50 
_pdbx_modification_feature.auth_asym_id                       A 
_pdbx_modification_feature.auth_seq_id                        303 
_pdbx_modification_feature.PDB_ins_code                       ? 
_pdbx_modification_feature.symmetry                           1_555 
_pdbx_modification_feature.modified_residue_auth_comp_id      CYS 
_pdbx_modification_feature.modified_residue_auth_asym_id      A 
_pdbx_modification_feature.modified_residue_auth_seq_id       12 
_pdbx_modification_feature.modified_residue_PDB_ins_code      ? 
_pdbx_modification_feature.modified_residue_symmetry          1_555 
_pdbx_modification_feature.comp_id_linking_atom               C23 
_pdbx_modification_feature.modified_residue_id_linking_atom   SG 
_pdbx_modification_feature.modified_residue_id                CYS 
_pdbx_modification_feature.ref_pcm_id                         1 
_pdbx_modification_feature.ref_comp_id                        U50 
_pdbx_modification_feature.type                               None 
_pdbx_modification_feature.category                           'Covalent chemical modification' 
# 
_struct_sheet.id               AA1 
_struct_sheet.type             ? 
_struct_sheet.number_strands   6 
_struct_sheet.details          ? 
# 
loop_
_struct_sheet_order.sheet_id 
_struct_sheet_order.range_id_1 
_struct_sheet_order.range_id_2 
_struct_sheet_order.offset 
_struct_sheet_order.sense 
AA1 1 2 ? anti-parallel 
AA1 2 3 ? parallel      
AA1 3 4 ? parallel      
AA1 4 5 ? parallel      
AA1 5 6 ? parallel      
# 
loop_
_struct_sheet_range.sheet_id 
_struct_sheet_range.id 
_struct_sheet_range.beg_label_comp_id 
_struct_sheet_range.beg_label_asym_id 
_struct_sheet_range.beg_label_seq_id 
_struct_sheet_range.pdbx_beg_PDB_ins_code 
_struct_sheet_range.end_label_comp_id 
_struct_sheet_range.end_label_asym_id 
_struct_sheet_range.end_label_seq_id 
_struct_sheet_range.pdbx_end_PDB_ins_code 
_struct_sheet_range.beg_auth_comp_id 
_struct_sheet_range.beg_auth_asym_id 
_struct_sheet_range.beg_auth_seq_id 
_struct_sheet_range.end_auth_comp_id 
_struct_sheet_range.end_auth_asym_id 
_struct_sheet_range.end_auth_seq_id 
AA1 1 ASP A 53  ? ILE A 61  ? ASP A 38  ILE A 46  
AA1 2 GLU A 64  ? ASP A 72  ? GLU A 49  ASP A 57  
AA1 3 THR A 17  ? VAL A 24  ? THR A 2   VAL A 9   
AA1 4 GLY A 92  ? ALA A 98  ? GLY A 77  ALA A 83  
AA1 5 MET A 126 ? ASN A 131 ? MET A 111 ASN A 116 
AA1 6 PHE A 156 ? GLU A 158 ? PHE A 141 GLU A 143 
# 
loop_
_pdbx_struct_sheet_hbond.sheet_id 
_pdbx_struct_sheet_hbond.range_id_1 
_pdbx_struct_sheet_hbond.range_id_2 
_pdbx_struct_sheet_hbond.range_1_label_atom_id 
_pdbx_struct_sheet_hbond.range_1_label_comp_id 
_pdbx_struct_sheet_hbond.range_1_label_asym_id 
_pdbx_struct_sheet_hbond.range_1_label_seq_id 
_pdbx_struct_sheet_hbond.range_1_PDB_ins_code 
_pdbx_struct_sheet_hbond.range_1_auth_atom_id 
_pdbx_struct_sheet_hbond.range_1_auth_comp_id 
_pdbx_struct_sheet_hbond.range_1_auth_asym_id 
_pdbx_struct_sheet_hbond.range_1_auth_seq_id 
_pdbx_struct_sheet_hbond.range_2_label_atom_id 
_pdbx_struct_sheet_hbond.range_2_label_comp_id 
_pdbx_struct_sheet_hbond.range_2_label_asym_id 
_pdbx_struct_sheet_hbond.range_2_label_seq_id 
_pdbx_struct_sheet_hbond.range_2_PDB_ins_code 
_pdbx_struct_sheet_hbond.range_2_auth_atom_id 
_pdbx_struct_sheet_hbond.range_2_auth_comp_id 
_pdbx_struct_sheet_hbond.range_2_auth_asym_id 
_pdbx_struct_sheet_hbond.range_2_auth_seq_id 
AA1 1 2 N TYR A 55  ? N TYR A 40  O ILE A 70  ? O ILE A 55  
AA1 2 3 O LEU A 71  ? O LEU A 56  N VAL A 23  ? N VAL A 8   
AA1 3 4 N VAL A 24  ? N VAL A 9   O LEU A 94  ? O LEU A 79  
AA1 4 5 N LEU A 95  ? N LEU A 80  O VAL A 127 ? O VAL A 112 
AA1 5 6 N GLY A 130 ? N GLY A 115 O ILE A 157 ? O ILE A 142 
# 
_pdbx_entry_details.entry_id                   8DNK 
_pdbx_entry_details.has_ligand_of_interest     Y 
_pdbx_entry_details.compound_details           ? 
_pdbx_entry_details.source_details             ? 
_pdbx_entry_details.nonpolymer_details         ? 
_pdbx_entry_details.sequence_details           ? 
_pdbx_entry_details.has_protein_modification   Y 
# 
loop_
_pdbx_validate_torsion.id 
_pdbx_validate_torsion.PDB_model_num 
_pdbx_validate_torsion.auth_comp_id 
_pdbx_validate_torsion.auth_asym_id 
_pdbx_validate_torsion.auth_seq_id 
_pdbx_validate_torsion.PDB_ins_code 
_pdbx_validate_torsion.label_alt_id 
_pdbx_validate_torsion.phi 
_pdbx_validate_torsion.psi 
1 1 ARG A 149 ? ? 75.61 -3.52 
2 1 ARG A 149 ? ? 75.58 -3.37 
# 
_pdbx_struct_special_symmetry.id              1 
_pdbx_struct_special_symmetry.PDB_model_num   1 
_pdbx_struct_special_symmetry.auth_asym_id    A 
_pdbx_struct_special_symmetry.auth_comp_id    HOH 
_pdbx_struct_special_symmetry.auth_seq_id     442 
_pdbx_struct_special_symmetry.PDB_ins_code    ? 
_pdbx_struct_special_symmetry.label_asym_id   F 
_pdbx_struct_special_symmetry.label_comp_id   HOH 
_pdbx_struct_special_symmetry.label_seq_id    . 
# 
loop_
_pdbx_unobs_or_zero_occ_residues.id 
_pdbx_unobs_or_zero_occ_residues.PDB_model_num 
_pdbx_unobs_or_zero_occ_residues.polymer_flag 
_pdbx_unobs_or_zero_occ_residues.occupancy_flag 
_pdbx_unobs_or_zero_occ_residues.auth_asym_id 
_pdbx_unobs_or_zero_occ_residues.auth_comp_id 
_pdbx_unobs_or_zero_occ_residues.auth_seq_id 
_pdbx_unobs_or_zero_occ_residues.PDB_ins_code 
_pdbx_unobs_or_zero_occ_residues.label_asym_id 
_pdbx_unobs_or_zero_occ_residues.label_comp_id 
_pdbx_unobs_or_zero_occ_residues.label_seq_id 
1  1 Y 1 A MET -14 ? A MET 1   
2  1 Y 1 A LYS -13 ? A LYS 2   
3  1 Y 1 A HIS -12 ? A HIS 3   
4  1 Y 1 A HIS -11 ? A HIS 4   
5  1 Y 1 A HIS -10 ? A HIS 5   
6  1 Y 1 A HIS -9  ? A HIS 6   
7  1 Y 1 A HIS -8  ? A HIS 7   
8  1 Y 1 A HIS -7  ? A HIS 8   
9  1 Y 1 A HIS -6  ? A HIS 9   
10 1 Y 1 A LEU -5  ? A LEU 10  
11 1 Y 1 A VAL -4  ? A VAL 11  
12 1 Y 1 A PRO -3  ? A PRO 12  
13 1 Y 1 A ARG -2  ? A ARG 13  
14 1 Y 1 A GLY -1  ? A GLY 14  
15 1 Y 1 A LYS 169 ? A LYS 184 
# 
loop_
_chem_comp_atom.comp_id 
_chem_comp_atom.atom_id 
_chem_comp_atom.type_symbol 
_chem_comp_atom.pdbx_aromatic_flag 
_chem_comp_atom.pdbx_stereo_config 
_chem_comp_atom.pdbx_ordinal 
ALA N      N  N N 1   
ALA CA     C  N S 2   
ALA C      C  N N 3   
ALA O      O  N N 4   
ALA CB     C  N N 5   
ALA OXT    O  N N 6   
ALA H      H  N N 7   
ALA H2     H  N N 8   
ALA HA     H  N N 9   
ALA HB1    H  N N 10  
ALA HB2    H  N N 11  
ALA HB3    H  N N 12  
ALA HXT    H  N N 13  
ARG N      N  N N 14  
ARG CA     C  N S 15  
ARG C      C  N N 16  
ARG O      O  N N 17  
ARG CB     C  N N 18  
ARG CG     C  N N 19  
ARG CD     C  N N 20  
ARG NE     N  N N 21  
ARG CZ     C  N N 22  
ARG NH1    N  N N 23  
ARG NH2    N  N N 24  
ARG OXT    O  N N 25  
ARG H      H  N N 26  
ARG H2     H  N N 27  
ARG HA     H  N N 28  
ARG HB2    H  N N 29  
ARG HB3    H  N N 30  
ARG HG2    H  N N 31  
ARG HG3    H  N N 32  
ARG HD2    H  N N 33  
ARG HD3    H  N N 34  
ARG HE     H  N N 35  
ARG HH11   H  N N 36  
ARG HH12   H  N N 37  
ARG HH21   H  N N 38  
ARG HH22   H  N N 39  
ARG HXT    H  N N 40  
ASN N      N  N N 41  
ASN CA     C  N S 42  
ASN C      C  N N 43  
ASN O      O  N N 44  
ASN CB     C  N N 45  
ASN CG     C  N N 46  
ASN OD1    O  N N 47  
ASN ND2    N  N N 48  
ASN OXT    O  N N 49  
ASN H      H  N N 50  
ASN H2     H  N N 51  
ASN HA     H  N N 52  
ASN HB2    H  N N 53  
ASN HB3    H  N N 54  
ASN HD21   H  N N 55  
ASN HD22   H  N N 56  
ASN HXT    H  N N 57  
ASP N      N  N N 58  
ASP CA     C  N S 59  
ASP C      C  N N 60  
ASP O      O  N N 61  
ASP CB     C  N N 62  
ASP CG     C  N N 63  
ASP OD1    O  N N 64  
ASP OD2    O  N N 65  
ASP OXT    O  N N 66  
ASP H      H  N N 67  
ASP H2     H  N N 68  
ASP HA     H  N N 69  
ASP HB2    H  N N 70  
ASP HB3    H  N N 71  
ASP HD2    H  N N 72  
ASP HXT    H  N N 73  
CYS N      N  N N 74  
CYS CA     C  N R 75  
CYS C      C  N N 76  
CYS O      O  N N 77  
CYS CB     C  N N 78  
CYS SG     S  N N 79  
CYS OXT    O  N N 80  
CYS H      H  N N 81  
CYS H2     H  N N 82  
CYS HA     H  N N 83  
CYS HB2    H  N N 84  
CYS HB3    H  N N 85  
CYS HG     H  N N 86  
CYS HXT    H  N N 87  
GDP PB     P  N N 88  
GDP O1B    O  N N 89  
GDP O2B    O  N N 90  
GDP O3B    O  N N 91  
GDP O3A    O  N N 92  
GDP PA     P  N N 93  
GDP O1A    O  N N 94  
GDP O2A    O  N N 95  
GDP "O5'"  O  N N 96  
GDP "C5'"  C  N N 97  
GDP "C4'"  C  N R 98  
GDP "O4'"  O  N N 99  
GDP "C3'"  C  N S 100 
GDP "O3'"  O  N N 101 
GDP "C2'"  C  N R 102 
GDP "O2'"  O  N N 103 
GDP "C1'"  C  N R 104 
GDP N9     N  Y N 105 
GDP C8     C  Y N 106 
GDP N7     N  Y N 107 
GDP C5     C  Y N 108 
GDP C6     C  N N 109 
GDP O6     O  N N 110 
GDP N1     N  N N 111 
GDP C2     C  N N 112 
GDP N2     N  N N 113 
GDP N3     N  N N 114 
GDP C4     C  Y N 115 
GDP HOB2   H  N N 116 
GDP HOB3   H  N N 117 
GDP HOA2   H  N N 118 
GDP "H5'"  H  N N 119 
GDP "H5''" H  N N 120 
GDP "H4'"  H  N N 121 
GDP "H3'"  H  N N 122 
GDP "HO3'" H  N N 123 
GDP "H2'"  H  N N 124 
GDP "HO2'" H  N N 125 
GDP "H1'"  H  N N 126 
GDP H8     H  N N 127 
GDP HN1    H  N N 128 
GDP HN21   H  N N 129 
GDP HN22   H  N N 130 
GLN N      N  N N 131 
GLN CA     C  N S 132 
GLN C      C  N N 133 
GLN O      O  N N 134 
GLN CB     C  N N 135 
GLN CG     C  N N 136 
GLN CD     C  N N 137 
GLN OE1    O  N N 138 
GLN NE2    N  N N 139 
GLN OXT    O  N N 140 
GLN H      H  N N 141 
GLN H2     H  N N 142 
GLN HA     H  N N 143 
GLN HB2    H  N N 144 
GLN HB3    H  N N 145 
GLN HG2    H  N N 146 
GLN HG3    H  N N 147 
GLN HE21   H  N N 148 
GLN HE22   H  N N 149 
GLN HXT    H  N N 150 
GLU N      N  N N 151 
GLU CA     C  N S 152 
GLU C      C  N N 153 
GLU O      O  N N 154 
GLU CB     C  N N 155 
GLU CG     C  N N 156 
GLU CD     C  N N 157 
GLU OE1    O  N N 158 
GLU OE2    O  N N 159 
GLU OXT    O  N N 160 
GLU H      H  N N 161 
GLU H2     H  N N 162 
GLU HA     H  N N 163 
GLU HB2    H  N N 164 
GLU HB3    H  N N 165 
GLU HG2    H  N N 166 
GLU HG3    H  N N 167 
GLU HE2    H  N N 168 
GLU HXT    H  N N 169 
GLY N      N  N N 170 
GLY CA     C  N N 171 
GLY C      C  N N 172 
GLY O      O  N N 173 
GLY OXT    O  N N 174 
GLY H      H  N N 175 
GLY H2     H  N N 176 
GLY HA2    H  N N 177 
GLY HA3    H  N N 178 
GLY HXT    H  N N 179 
HIS N      N  N N 180 
HIS CA     C  N S 181 
HIS C      C  N N 182 
HIS O      O  N N 183 
HIS CB     C  N N 184 
HIS CG     C  Y N 185 
HIS ND1    N  Y N 186 
HIS CD2    C  Y N 187 
HIS CE1    C  Y N 188 
HIS NE2    N  Y N 189 
HIS OXT    O  N N 190 
HIS H      H  N N 191 
HIS H2     H  N N 192 
HIS HA     H  N N 193 
HIS HB2    H  N N 194 
HIS HB3    H  N N 195 
HIS HD1    H  N N 196 
HIS HD2    H  N N 197 
HIS HE1    H  N N 198 
HIS HE2    H  N N 199 
HIS HXT    H  N N 200 
HOH O      O  N N 201 
HOH H1     H  N N 202 
HOH H2     H  N N 203 
ILE N      N  N N 204 
ILE CA     C  N S 205 
ILE C      C  N N 206 
ILE O      O  N N 207 
ILE CB     C  N S 208 
ILE CG1    C  N N 209 
ILE CG2    C  N N 210 
ILE CD1    C  N N 211 
ILE OXT    O  N N 212 
ILE H      H  N N 213 
ILE H2     H  N N 214 
ILE HA     H  N N 215 
ILE HB     H  N N 216 
ILE HG12   H  N N 217 
ILE HG13   H  N N 218 
ILE HG21   H  N N 219 
ILE HG22   H  N N 220 
ILE HG23   H  N N 221 
ILE HD11   H  N N 222 
ILE HD12   H  N N 223 
ILE HD13   H  N N 224 
ILE HXT    H  N N 225 
LEU N      N  N N 226 
LEU CA     C  N S 227 
LEU C      C  N N 228 
LEU O      O  N N 229 
LEU CB     C  N N 230 
LEU CG     C  N N 231 
LEU CD1    C  N N 232 
LEU CD2    C  N N 233 
LEU OXT    O  N N 234 
LEU H      H  N N 235 
LEU H2     H  N N 236 
LEU HA     H  N N 237 
LEU HB2    H  N N 238 
LEU HB3    H  N N 239 
LEU HG     H  N N 240 
LEU HD11   H  N N 241 
LEU HD12   H  N N 242 
LEU HD13   H  N N 243 
LEU HD21   H  N N 244 
LEU HD22   H  N N 245 
LEU HD23   H  N N 246 
LEU HXT    H  N N 247 
LYS N      N  N N 248 
LYS CA     C  N S 249 
LYS C      C  N N 250 
LYS O      O  N N 251 
LYS CB     C  N N 252 
LYS CG     C  N N 253 
LYS CD     C  N N 254 
LYS CE     C  N N 255 
LYS NZ     N  N N 256 
LYS OXT    O  N N 257 
LYS H      H  N N 258 
LYS H2     H  N N 259 
LYS HA     H  N N 260 
LYS HB2    H  N N 261 
LYS HB3    H  N N 262 
LYS HG2    H  N N 263 
LYS HG3    H  N N 264 
LYS HD2    H  N N 265 
LYS HD3    H  N N 266 
LYS HE2    H  N N 267 
LYS HE3    H  N N 268 
LYS HZ1    H  N N 269 
LYS HZ2    H  N N 270 
LYS HZ3    H  N N 271 
LYS HXT    H  N N 272 
MET N      N  N N 273 
MET CA     C  N S 274 
MET C      C  N N 275 
MET O      O  N N 276 
MET CB     C  N N 277 
MET CG     C  N N 278 
MET SD     S  N N 279 
MET CE     C  N N 280 
MET OXT    O  N N 281 
MET H      H  N N 282 
MET H2     H  N N 283 
MET HA     H  N N 284 
MET HB2    H  N N 285 
MET HB3    H  N N 286 
MET HG2    H  N N 287 
MET HG3    H  N N 288 
MET HE1    H  N N 289 
MET HE2    H  N N 290 
MET HE3    H  N N 291 
MET HXT    H  N N 292 
MG  MG     MG N N 293 
PHE N      N  N N 294 
PHE CA     C  N S 295 
PHE C      C  N N 296 
PHE O      O  N N 297 
PHE CB     C  N N 298 
PHE CG     C  Y N 299 
PHE CD1    C  Y N 300 
PHE CD2    C  Y N 301 
PHE CE1    C  Y N 302 
PHE CE2    C  Y N 303 
PHE CZ     C  Y N 304 
PHE OXT    O  N N 305 
PHE H      H  N N 306 
PHE H2     H  N N 307 
PHE HA     H  N N 308 
PHE HB2    H  N N 309 
PHE HB3    H  N N 310 
PHE HD1    H  N N 311 
PHE HD2    H  N N 312 
PHE HE1    H  N N 313 
PHE HE2    H  N N 314 
PHE HZ     H  N N 315 
PHE HXT    H  N N 316 
PRO N      N  N N 317 
PRO CA     C  N S 318 
PRO C      C  N N 319 
PRO O      O  N N 320 
PRO CB     C  N N 321 
PRO CG     C  N N 322 
PRO CD     C  N N 323 
PRO OXT    O  N N 324 
PRO H      H  N N 325 
PRO HA     H  N N 326 
PRO HB2    H  N N 327 
PRO HB3    H  N N 328 
PRO HG2    H  N N 329 
PRO HG3    H  N N 330 
PRO HD2    H  N N 331 
PRO HD3    H  N N 332 
PRO HXT    H  N N 333 
SER N      N  N N 334 
SER CA     C  N S 335 
SER C      C  N N 336 
SER O      O  N N 337 
SER CB     C  N N 338 
SER OG     O  N N 339 
SER OXT    O  N N 340 
SER H      H  N N 341 
SER H2     H  N N 342 
SER HA     H  N N 343 
SER HB2    H  N N 344 
SER HB3    H  N N 345 
SER HG     H  N N 346 
SER HXT    H  N N 347 
SO4 S      S  N N 348 
SO4 O1     O  N N 349 
SO4 O2     O  N N 350 
SO4 O3     O  N N 351 
SO4 O4     O  N N 352 
THR N      N  N N 353 
THR CA     C  N S 354 
THR C      C  N N 355 
THR O      O  N N 356 
THR CB     C  N R 357 
THR OG1    O  N N 358 
THR CG2    C  N N 359 
THR OXT    O  N N 360 
THR H      H  N N 361 
THR H2     H  N N 362 
THR HA     H  N N 363 
THR HB     H  N N 364 
THR HG1    H  N N 365 
THR HG21   H  N N 366 
THR HG22   H  N N 367 
THR HG23   H  N N 368 
THR HXT    H  N N 369 
TYR N      N  N N 370 
TYR CA     C  N S 371 
TYR C      C  N N 372 
TYR O      O  N N 373 
TYR CB     C  N N 374 
TYR CG     C  Y N 375 
TYR CD1    C  Y N 376 
TYR CD2    C  Y N 377 
TYR CE1    C  Y N 378 
TYR CE2    C  Y N 379 
TYR CZ     C  Y N 380 
TYR OH     O  N N 381 
TYR OXT    O  N N 382 
TYR H      H  N N 383 
TYR H2     H  N N 384 
TYR HA     H  N N 385 
TYR HB2    H  N N 386 
TYR HB3    H  N N 387 
TYR HD1    H  N N 388 
TYR HD2    H  N N 389 
TYR HE1    H  N N 390 
TYR HE2    H  N N 391 
TYR HH     H  N N 392 
TYR HXT    H  N N 393 
U50 C23    C  N N 394 
U50 C22    C  N N 395 
U50 C21    C  N N 396 
U50 O2     O  N N 397 
U50 N7     N  N N 398 
U50 C20    C  N N 399 
U50 C19    C  N N 400 
U50 C18    C  N N 401 
U50 N6     N  N N 402 
U50 C17    C  N N 403 
U50 O1     O  N N 404 
U50 C14    C  Y N 405 
U50 N4     N  Y N 406 
U50 C16    C  N N 407 
U50 C15    C  Y N 408 
U50 CL2    CL N N 409 
U50 N5     N  Y N 410 
U50 C13    C  Y N 411 
U50 C12    C  N N 412 
U50 N3     N  N N 413 
U50 C7     C  Y N 414 
U50 C6     C  Y N 415 
U50 C5     C  Y N 416 
U50 C4     C  Y N 417 
U50 C8     C  N N 418 
U50 C10    C  N N 419 
U50 C11    C  N N 420 
U50 C9     C  N N 421 
U50 C3     C  Y N 422 
U50 CL1    CL N N 423 
U50 C2     C  Y N 424 
U50 C1     C  Y N 425 
U50 N2     N  Y N 426 
U50 N1     N  Y N 427 
U50 H1     H  N N 428 
U50 H2     H  N N 429 
U50 H3     H  N N 430 
U50 H4     H  N N 431 
U50 H5     H  N N 432 
U50 H6     H  N N 433 
U50 H7     H  N N 434 
U50 H8     H  N N 435 
U50 H9     H  N N 436 
U50 H10    H  N N 437 
U50 H11    H  N N 438 
U50 H12    H  N N 439 
U50 H13    H  N N 440 
U50 H14    H  N N 441 
U50 H15    H  N N 442 
U50 H16    H  N N 443 
U50 H17    H  N N 444 
U50 H18    H  N N 445 
U50 H19    H  N N 446 
U50 H20    H  N N 447 
U50 H21    H  N N 448 
U50 H22    H  N N 449 
U50 H23    H  N N 450 
U50 H24    H  N N 451 
U50 H25    H  N N 452 
U50 H26    H  N N 453 
U50 H27    H  N N 454 
U50 H28    H  N N 455 
U50 H29    H  N N 456 
VAL N      N  N N 457 
VAL CA     C  N S 458 
VAL C      C  N N 459 
VAL O      O  N N 460 
VAL CB     C  N N 461 
VAL CG1    C  N N 462 
VAL CG2    C  N N 463 
VAL OXT    O  N N 464 
VAL H      H  N N 465 
VAL H2     H  N N 466 
VAL HA     H  N N 467 
VAL HB     H  N N 468 
VAL HG11   H  N N 469 
VAL HG12   H  N N 470 
VAL HG13   H  N N 471 
VAL HG21   H  N N 472 
VAL HG22   H  N N 473 
VAL HG23   H  N N 474 
VAL HXT    H  N N 475 
# 
loop_
_chem_comp_bond.comp_id 
_chem_comp_bond.atom_id_1 
_chem_comp_bond.atom_id_2 
_chem_comp_bond.value_order 
_chem_comp_bond.pdbx_aromatic_flag 
_chem_comp_bond.pdbx_stereo_config 
_chem_comp_bond.pdbx_ordinal 
ALA N     CA     sing N N 1   
ALA N     H      sing N N 2   
ALA N     H2     sing N N 3   
ALA CA    C      sing N N 4   
ALA CA    CB     sing N N 5   
ALA CA    HA     sing N N 6   
ALA C     O      doub N N 7   
ALA C     OXT    sing N N 8   
ALA CB    HB1    sing N N 9   
ALA CB    HB2    sing N N 10  
ALA CB    HB3    sing N N 11  
ALA OXT   HXT    sing N N 12  
ARG N     CA     sing N N 13  
ARG N     H      sing N N 14  
ARG N     H2     sing N N 15  
ARG CA    C      sing N N 16  
ARG CA    CB     sing N N 17  
ARG CA    HA     sing N N 18  
ARG C     O      doub N N 19  
ARG C     OXT    sing N N 20  
ARG CB    CG     sing N N 21  
ARG CB    HB2    sing N N 22  
ARG CB    HB3    sing N N 23  
ARG CG    CD     sing N N 24  
ARG CG    HG2    sing N N 25  
ARG CG    HG3    sing N N 26  
ARG CD    NE     sing N N 27  
ARG CD    HD2    sing N N 28  
ARG CD    HD3    sing N N 29  
ARG NE    CZ     sing N N 30  
ARG NE    HE     sing N N 31  
ARG CZ    NH1    sing N N 32  
ARG CZ    NH2    doub N N 33  
ARG NH1   HH11   sing N N 34  
ARG NH1   HH12   sing N N 35  
ARG NH2   HH21   sing N N 36  
ARG NH2   HH22   sing N N 37  
ARG OXT   HXT    sing N N 38  
ASN N     CA     sing N N 39  
ASN N     H      sing N N 40  
ASN N     H2     sing N N 41  
ASN CA    C      sing N N 42  
ASN CA    CB     sing N N 43  
ASN CA    HA     sing N N 44  
ASN C     O      doub N N 45  
ASN C     OXT    sing N N 46  
ASN CB    CG     sing N N 47  
ASN CB    HB2    sing N N 48  
ASN CB    HB3    sing N N 49  
ASN CG    OD1    doub N N 50  
ASN CG    ND2    sing N N 51  
ASN ND2   HD21   sing N N 52  
ASN ND2   HD22   sing N N 53  
ASN OXT   HXT    sing N N 54  
ASP N     CA     sing N N 55  
ASP N     H      sing N N 56  
ASP N     H2     sing N N 57  
ASP CA    C      sing N N 58  
ASP CA    CB     sing N N 59  
ASP CA    HA     sing N N 60  
ASP C     O      doub N N 61  
ASP C     OXT    sing N N 62  
ASP CB    CG     sing N N 63  
ASP CB    HB2    sing N N 64  
ASP CB    HB3    sing N N 65  
ASP CG    OD1    doub N N 66  
ASP CG    OD2    sing N N 67  
ASP OD2   HD2    sing N N 68  
ASP OXT   HXT    sing N N 69  
CYS N     CA     sing N N 70  
CYS N     H      sing N N 71  
CYS N     H2     sing N N 72  
CYS CA    C      sing N N 73  
CYS CA    CB     sing N N 74  
CYS CA    HA     sing N N 75  
CYS C     O      doub N N 76  
CYS C     OXT    sing N N 77  
CYS CB    SG     sing N N 78  
CYS CB    HB2    sing N N 79  
CYS CB    HB3    sing N N 80  
CYS SG    HG     sing N N 81  
CYS OXT   HXT    sing N N 82  
GDP PB    O1B    doub N N 83  
GDP PB    O2B    sing N N 84  
GDP PB    O3B    sing N N 85  
GDP PB    O3A    sing N N 86  
GDP O2B   HOB2   sing N N 87  
GDP O3B   HOB3   sing N N 88  
GDP O3A   PA     sing N N 89  
GDP PA    O1A    doub N N 90  
GDP PA    O2A    sing N N 91  
GDP PA    "O5'"  sing N N 92  
GDP O2A   HOA2   sing N N 93  
GDP "O5'" "C5'"  sing N N 94  
GDP "C5'" "C4'"  sing N N 95  
GDP "C5'" "H5'"  sing N N 96  
GDP "C5'" "H5''" sing N N 97  
GDP "C4'" "O4'"  sing N N 98  
GDP "C4'" "C3'"  sing N N 99  
GDP "C4'" "H4'"  sing N N 100 
GDP "O4'" "C1'"  sing N N 101 
GDP "C3'" "O3'"  sing N N 102 
GDP "C3'" "C2'"  sing N N 103 
GDP "C3'" "H3'"  sing N N 104 
GDP "O3'" "HO3'" sing N N 105 
GDP "C2'" "O2'"  sing N N 106 
GDP "C2'" "C1'"  sing N N 107 
GDP "C2'" "H2'"  sing N N 108 
GDP "O2'" "HO2'" sing N N 109 
GDP "C1'" N9     sing N N 110 
GDP "C1'" "H1'"  sing N N 111 
GDP N9    C8     sing Y N 112 
GDP N9    C4     sing Y N 113 
GDP C8    N7     doub Y N 114 
GDP C8    H8     sing N N 115 
GDP N7    C5     sing Y N 116 
GDP C5    C6     sing N N 117 
GDP C5    C4     doub Y N 118 
GDP C6    O6     doub N N 119 
GDP C6    N1     sing N N 120 
GDP N1    C2     sing N N 121 
GDP N1    HN1    sing N N 122 
GDP C2    N2     sing N N 123 
GDP C2    N3     doub N N 124 
GDP N2    HN21   sing N N 125 
GDP N2    HN22   sing N N 126 
GDP N3    C4     sing N N 127 
GLN N     CA     sing N N 128 
GLN N     H      sing N N 129 
GLN N     H2     sing N N 130 
GLN CA    C      sing N N 131 
GLN CA    CB     sing N N 132 
GLN CA    HA     sing N N 133 
GLN C     O      doub N N 134 
GLN C     OXT    sing N N 135 
GLN CB    CG     sing N N 136 
GLN CB    HB2    sing N N 137 
GLN CB    HB3    sing N N 138 
GLN CG    CD     sing N N 139 
GLN CG    HG2    sing N N 140 
GLN CG    HG3    sing N N 141 
GLN CD    OE1    doub N N 142 
GLN CD    NE2    sing N N 143 
GLN NE2   HE21   sing N N 144 
GLN NE2   HE22   sing N N 145 
GLN OXT   HXT    sing N N 146 
GLU N     CA     sing N N 147 
GLU N     H      sing N N 148 
GLU N     H2     sing N N 149 
GLU CA    C      sing N N 150 
GLU CA    CB     sing N N 151 
GLU CA    HA     sing N N 152 
GLU C     O      doub N N 153 
GLU C     OXT    sing N N 154 
GLU CB    CG     sing N N 155 
GLU CB    HB2    sing N N 156 
GLU CB    HB3    sing N N 157 
GLU CG    CD     sing N N 158 
GLU CG    HG2    sing N N 159 
GLU CG    HG3    sing N N 160 
GLU CD    OE1    doub N N 161 
GLU CD    OE2    sing N N 162 
GLU OE2   HE2    sing N N 163 
GLU OXT   HXT    sing N N 164 
GLY N     CA     sing N N 165 
GLY N     H      sing N N 166 
GLY N     H2     sing N N 167 
GLY CA    C      sing N N 168 
GLY CA    HA2    sing N N 169 
GLY CA    HA3    sing N N 170 
GLY C     O      doub N N 171 
GLY C     OXT    sing N N 172 
GLY OXT   HXT    sing N N 173 
HIS N     CA     sing N N 174 
HIS N     H      sing N N 175 
HIS N     H2     sing N N 176 
HIS CA    C      sing N N 177 
HIS CA    CB     sing N N 178 
HIS CA    HA     sing N N 179 
HIS C     O      doub N N 180 
HIS C     OXT    sing N N 181 
HIS CB    CG     sing N N 182 
HIS CB    HB2    sing N N 183 
HIS CB    HB3    sing N N 184 
HIS CG    ND1    sing Y N 185 
HIS CG    CD2    doub Y N 186 
HIS ND1   CE1    doub Y N 187 
HIS ND1   HD1    sing N N 188 
HIS CD2   NE2    sing Y N 189 
HIS CD2   HD2    sing N N 190 
HIS CE1   NE2    sing Y N 191 
HIS CE1   HE1    sing N N 192 
HIS NE2   HE2    sing N N 193 
HIS OXT   HXT    sing N N 194 
HOH O     H1     sing N N 195 
HOH O     H2     sing N N 196 
ILE N     CA     sing N N 197 
ILE N     H      sing N N 198 
ILE N     H2     sing N N 199 
ILE CA    C      sing N N 200 
ILE CA    CB     sing N N 201 
ILE CA    HA     sing N N 202 
ILE C     O      doub N N 203 
ILE C     OXT    sing N N 204 
ILE CB    CG1    sing N N 205 
ILE CB    CG2    sing N N 206 
ILE CB    HB     sing N N 207 
ILE CG1   CD1    sing N N 208 
ILE CG1   HG12   sing N N 209 
ILE CG1   HG13   sing N N 210 
ILE CG2   HG21   sing N N 211 
ILE CG2   HG22   sing N N 212 
ILE CG2   HG23   sing N N 213 
ILE CD1   HD11   sing N N 214 
ILE CD1   HD12   sing N N 215 
ILE CD1   HD13   sing N N 216 
ILE OXT   HXT    sing N N 217 
LEU N     CA     sing N N 218 
LEU N     H      sing N N 219 
LEU N     H2     sing N N 220 
LEU CA    C      sing N N 221 
LEU CA    CB     sing N N 222 
LEU CA    HA     sing N N 223 
LEU C     O      doub N N 224 
LEU C     OXT    sing N N 225 
LEU CB    CG     sing N N 226 
LEU CB    HB2    sing N N 227 
LEU CB    HB3    sing N N 228 
LEU CG    CD1    sing N N 229 
LEU CG    CD2    sing N N 230 
LEU CG    HG     sing N N 231 
LEU CD1   HD11   sing N N 232 
LEU CD1   HD12   sing N N 233 
LEU CD1   HD13   sing N N 234 
LEU CD2   HD21   sing N N 235 
LEU CD2   HD22   sing N N 236 
LEU CD2   HD23   sing N N 237 
LEU OXT   HXT    sing N N 238 
LYS N     CA     sing N N 239 
LYS N     H      sing N N 240 
LYS N     H2     sing N N 241 
LYS CA    C      sing N N 242 
LYS CA    CB     sing N N 243 
LYS CA    HA     sing N N 244 
LYS C     O      doub N N 245 
LYS C     OXT    sing N N 246 
LYS CB    CG     sing N N 247 
LYS CB    HB2    sing N N 248 
LYS CB    HB3    sing N N 249 
LYS CG    CD     sing N N 250 
LYS CG    HG2    sing N N 251 
LYS CG    HG3    sing N N 252 
LYS CD    CE     sing N N 253 
LYS CD    HD2    sing N N 254 
LYS CD    HD3    sing N N 255 
LYS CE    NZ     sing N N 256 
LYS CE    HE2    sing N N 257 
LYS CE    HE3    sing N N 258 
LYS NZ    HZ1    sing N N 259 
LYS NZ    HZ2    sing N N 260 
LYS NZ    HZ3    sing N N 261 
LYS OXT   HXT    sing N N 262 
MET N     CA     sing N N 263 
MET N     H      sing N N 264 
MET N     H2     sing N N 265 
MET CA    C      sing N N 266 
MET CA    CB     sing N N 267 
MET CA    HA     sing N N 268 
MET C     O      doub N N 269 
MET C     OXT    sing N N 270 
MET CB    CG     sing N N 271 
MET CB    HB2    sing N N 272 
MET CB    HB3    sing N N 273 
MET CG    SD     sing N N 274 
MET CG    HG2    sing N N 275 
MET CG    HG3    sing N N 276 
MET SD    CE     sing N N 277 
MET CE    HE1    sing N N 278 
MET CE    HE2    sing N N 279 
MET CE    HE3    sing N N 280 
MET OXT   HXT    sing N N 281 
PHE N     CA     sing N N 282 
PHE N     H      sing N N 283 
PHE N     H2     sing N N 284 
PHE CA    C      sing N N 285 
PHE CA    CB     sing N N 286 
PHE CA    HA     sing N N 287 
PHE C     O      doub N N 288 
PHE C     OXT    sing N N 289 
PHE CB    CG     sing N N 290 
PHE CB    HB2    sing N N 291 
PHE CB    HB3    sing N N 292 
PHE CG    CD1    doub Y N 293 
PHE CG    CD2    sing Y N 294 
PHE CD1   CE1    sing Y N 295 
PHE CD1   HD1    sing N N 296 
PHE CD2   CE2    doub Y N 297 
PHE CD2   HD2    sing N N 298 
PHE CE1   CZ     doub Y N 299 
PHE CE1   HE1    sing N N 300 
PHE CE2   CZ     sing Y N 301 
PHE CE2   HE2    sing N N 302 
PHE CZ    HZ     sing N N 303 
PHE OXT   HXT    sing N N 304 
PRO N     CA     sing N N 305 
PRO N     CD     sing N N 306 
PRO N     H      sing N N 307 
PRO CA    C      sing N N 308 
PRO CA    CB     sing N N 309 
PRO CA    HA     sing N N 310 
PRO C     O      doub N N 311 
PRO C     OXT    sing N N 312 
PRO CB    CG     sing N N 313 
PRO CB    HB2    sing N N 314 
PRO CB    HB3    sing N N 315 
PRO CG    CD     sing N N 316 
PRO CG    HG2    sing N N 317 
PRO CG    HG3    sing N N 318 
PRO CD    HD2    sing N N 319 
PRO CD    HD3    sing N N 320 
PRO OXT   HXT    sing N N 321 
SER N     CA     sing N N 322 
SER N     H      sing N N 323 
SER N     H2     sing N N 324 
SER CA    C      sing N N 325 
SER CA    CB     sing N N 326 
SER CA    HA     sing N N 327 
SER C     O      doub N N 328 
SER C     OXT    sing N N 329 
SER CB    OG     sing N N 330 
SER CB    HB2    sing N N 331 
SER CB    HB3    sing N N 332 
SER OG    HG     sing N N 333 
SER OXT   HXT    sing N N 334 
SO4 S     O1     doub N N 335 
SO4 S     O2     doub N N 336 
SO4 S     O3     sing N N 337 
SO4 S     O4     sing N N 338 
THR N     CA     sing N N 339 
THR N     H      sing N N 340 
THR N     H2     sing N N 341 
THR CA    C      sing N N 342 
THR CA    CB     sing N N 343 
THR CA    HA     sing N N 344 
THR C     O      doub N N 345 
THR C     OXT    sing N N 346 
THR CB    OG1    sing N N 347 
THR CB    CG2    sing N N 348 
THR CB    HB     sing N N 349 
THR OG1   HG1    sing N N 350 
THR CG2   HG21   sing N N 351 
THR CG2   HG22   sing N N 352 
THR CG2   HG23   sing N N 353 
THR OXT   HXT    sing N N 354 
TYR N     CA     sing N N 355 
TYR N     H      sing N N 356 
TYR N     H2     sing N N 357 
TYR CA    C      sing N N 358 
TYR CA    CB     sing N N 359 
TYR CA    HA     sing N N 360 
TYR C     O      doub N N 361 
TYR C     OXT    sing N N 362 
TYR CB    CG     sing N N 363 
TYR CB    HB2    sing N N 364 
TYR CB    HB3    sing N N 365 
TYR CG    CD1    doub Y N 366 
TYR CG    CD2    sing Y N 367 
TYR CD1   CE1    sing Y N 368 
TYR CD1   HD1    sing N N 369 
TYR CD2   CE2    doub Y N 370 
TYR CD2   HD2    sing N N 371 
TYR CE1   CZ     doub Y N 372 
TYR CE1   HE1    sing N N 373 
TYR CE2   CZ     sing Y N 374 
TYR CE2   HE2    sing N N 375 
TYR CZ    OH     sing N N 376 
TYR OH    HH     sing N N 377 
TYR OXT   HXT    sing N N 378 
U50 C23   C22    sing N N 379 
U50 C22   C21    sing N N 380 
U50 O2    C21    doub N N 381 
U50 C21   N7     sing N N 382 
U50 N7    C19    sing N N 383 
U50 N7    C20    sing N N 384 
U50 C19   C18    sing N N 385 
U50 C20   C18    sing N N 386 
U50 C18   N6     sing N N 387 
U50 CL2   C15    sing N N 388 
U50 N6    C17    sing N N 389 
U50 C15   N5     sing Y N 390 
U50 C15   C14    doub Y N 391 
U50 C17   C14    sing N N 392 
U50 C17   O1     doub N N 393 
U50 N5    C13    doub Y N 394 
U50 C14   N4     sing Y N 395 
U50 N4    C13    sing Y N 396 
U50 N4    C16    sing N N 397 
U50 C13   C12    sing N N 398 
U50 C12   N3     sing N N 399 
U50 N3    C7     sing N N 400 
U50 C7    N1     doub Y N 401 
U50 C7    C6     sing Y N 402 
U50 C9    C8     sing N N 403 
U50 C5    C6     doub Y N 404 
U50 C5    C4     sing Y N 405 
U50 N1    N2     sing Y N 406 
U50 C6    C1     sing Y N 407 
U50 C8    C10    sing N N 408 
U50 C8    C4     sing N N 409 
U50 C8    C11    sing N N 410 
U50 C4    C3     doub Y N 411 
U50 N2    C1     sing Y N 412 
U50 C1    C2     doub Y N 413 
U50 C3    C2     sing Y N 414 
U50 C3    CL1    sing N N 415 
U50 C23   H1     sing N N 416 
U50 C23   H2     sing N N 417 
U50 C23   H3     sing N N 418 
U50 C22   H4     sing N N 419 
U50 C22   H5     sing N N 420 
U50 C20   H6     sing N N 421 
U50 C20   H7     sing N N 422 
U50 C19   H8     sing N N 423 
U50 C19   H9     sing N N 424 
U50 C18   H10    sing N N 425 
U50 N6    H11    sing N N 426 
U50 C16   H12    sing N N 427 
U50 C16   H13    sing N N 428 
U50 C16   H14    sing N N 429 
U50 C12   H15    sing N N 430 
U50 C12   H16    sing N N 431 
U50 N3    H17    sing N N 432 
U50 C5    H18    sing N N 433 
U50 C10   H19    sing N N 434 
U50 C10   H20    sing N N 435 
U50 C10   H21    sing N N 436 
U50 C11   H22    sing N N 437 
U50 C11   H23    sing N N 438 
U50 C11   H24    sing N N 439 
U50 C9    H25    sing N N 440 
U50 C9    H26    sing N N 441 
U50 C9    H27    sing N N 442 
U50 C2    H28    sing N N 443 
U50 N2    H29    sing N N 444 
VAL N     CA     sing N N 445 
VAL N     H      sing N N 446 
VAL N     H2     sing N N 447 
VAL CA    C      sing N N 448 
VAL CA    CB     sing N N 449 
VAL CA    HA     sing N N 450 
VAL C     O      doub N N 451 
VAL C     OXT    sing N N 452 
VAL CB    CG1    sing N N 453 
VAL CB    CG2    sing N N 454 
VAL CB    HB     sing N N 455 
VAL CG1   HG11   sing N N 456 
VAL CG1   HG12   sing N N 457 
VAL CG1   HG13   sing N N 458 
VAL CG2   HG21   sing N N 459 
VAL CG2   HG22   sing N N 460 
VAL CG2   HG23   sing N N 461 
VAL OXT   HXT    sing N N 462 
# 
_pdbx_audit_support.funding_organization   'Not funded' 
_pdbx_audit_support.country                ? 
_pdbx_audit_support.grant_number           ? 
_pdbx_audit_support.ordinal                1 
# 
_pdbx_initial_refinement_model.id               1 
_pdbx_initial_refinement_model.entity_id_list   ? 
_pdbx_initial_refinement_model.type             'experimental model' 
_pdbx_initial_refinement_model.source_name      PDB 
_pdbx_initial_refinement_model.accession_code   6OIM 
_pdbx_initial_refinement_model.details          ? 
# 
_atom_sites.entry_id                    8DNK 
_atom_sites.Cartn_transf_matrix[1][1]   ? 
_atom_sites.Cartn_transf_matrix[1][2]   ? 
_atom_sites.Cartn_transf_matrix[1][3]   ? 
_atom_sites.Cartn_transf_matrix[2][1]   ? 
_atom_sites.Cartn_transf_matrix[2][2]   ? 
_atom_sites.Cartn_transf_matrix[2][3]   ? 
_atom_sites.Cartn_transf_matrix[3][1]   ? 
_atom_sites.Cartn_transf_matrix[3][2]   ? 
_atom_sites.Cartn_transf_matrix[3][3]   ? 
_atom_sites.Cartn_transf_vector[1]      ? 
_atom_sites.Cartn_transf_vector[2]      ? 
_atom_sites.Cartn_transf_vector[3]      ? 
_atom_sites.fract_transf_matrix[1][1]   0.00456914 
_atom_sites.fract_transf_matrix[1][2]   -0.00470266 
_atom_sites.fract_transf_matrix[1][3]   -0.00879107 
_atom_sites.fract_transf_matrix[2][1]   -0.00870445 
_atom_sites.fract_transf_matrix[2][2]   -0.00659675 
_atom_sites.fract_transf_matrix[2][3]   -0.00099528 
_atom_sites.fract_transf_matrix[3][1]   -0.00486113 
_atom_sites.fract_transf_matrix[3][2]   0.00739209 
_atom_sites.fract_transf_matrix[3][3]   -0.00648086 
_atom_sites.fract_transf_vector[1]      0.169884 
_atom_sites.fract_transf_vector[2]      0.495128 
_atom_sites.fract_transf_vector[3]      -0.287176 
_atom_sites.solution_primary            ? 
_atom_sites.solution_secondary          ? 
_atom_sites.solution_hydrogens          ? 
_atom_sites.special_details             ? 
# 
loop_
_atom_type.symbol 
C  
CL 
MG 
N  
O  
P  
S  
# 
loop_
_atom_site.group_PDB 
_atom_site.id 
_atom_site.type_symbol 
_atom_site.label_atom_id 
_atom_site.label_alt_id 
_atom_site.label_comp_id 
_atom_site.label_asym_id 
_atom_site.label_entity_id 
_atom_site.label_seq_id 
_atom_site.pdbx_PDB_ins_code 
_atom_site.Cartn_x 
_atom_site.Cartn_y 
_atom_site.Cartn_z 
_atom_site.occupancy 
_atom_site.B_iso_or_equiv 
_atom_site.pdbx_formal_charge 
_atom_site.auth_seq_id 
_atom_site.auth_comp_id 
_atom_site.auth_asym_id 
_atom_site.auth_atom_id 
_atom_site.pdbx_PDB_model_num 
ATOM   1    N  N     . SER A 1 15  ? -25.566 -4.207  6.482   1.00 96.01  ? 0   SER A N     1 
ATOM   2    C  CA    . SER A 1 15  ? -24.396 -5.071  6.472   1.00 94.46  ? 0   SER A CA    1 
ATOM   3    C  C     . SER A 1 15  ? -23.116 -4.267  6.264   1.00 85.52  ? 0   SER A C     1 
ATOM   4    O  O     . SER A 1 15  ? -23.033 -3.426  5.376   1.00 68.94  ? 0   SER A O     1 
ATOM   5    C  CB    . SER A 1 15  ? -24.540 -6.167  5.412   1.00 92.17  ? 0   SER A CB    1 
ATOM   6    O  OG    . SER A 1 15  ? -24.593 -5.633  4.103   1.00 84.25  ? 0   SER A OG    1 
ATOM   7    N  N     . MET A 1 16  ? -22.133 -4.543  7.107   1.00 72.73  ? 1   MET A N     1 
ATOM   8    C  CA    . MET A 1 16  ? -20.836 -3.888  7.081   1.00 65.75  ? 1   MET A CA    1 
ATOM   9    C  C     . MET A 1 16  ? -20.121 -4.064  5.744   1.00 59.10  ? 1   MET A C     1 
ATOM   10   O  O     . MET A 1 16  ? -20.049 -5.157  5.202   1.00 43.84  ? 1   MET A O     1 
ATOM   11   C  CB    . MET A 1 16  ? -20.005 -4.409  8.255   1.00 60.47  ? 1   MET A CB    1 
ATOM   12   C  CG    . MET A 1 16  ? -18.584 -3.918  8.351   1.00 53.27  ? 1   MET A CG    1 
ATOM   13   S  SD    . MET A 1 16  ? -17.802 -4.593  9.818   1.00 54.36  ? 1   MET A SD    1 
ATOM   14   C  CE    . MET A 1 16  ? -17.566 -6.292  9.340   1.00 62.01  ? 1   MET A CE    1 
ATOM   15   N  N     . THR A 1 17  ? -19.593 -2.953  5.241   1.00 54.28  ? 2   THR A N     1 
ATOM   16   C  CA    . THR A 1 17  ? -18.889 -2.874  3.937   1.00 55.88  ? 2   THR A CA    1 
ATOM   17   C  C     . THR A 1 17  ? -17.536 -3.584  4.036   1.00 44.10  ? 2   THR A C     1 
ATOM   18   O  O     . THR A 1 17  ? -16.899 -3.494  5.082   1.00 39.57  ? 2   THR A O     1 
ATOM   19   C  CB    . THR A 1 17  ? -18.637 -1.415  3.541   1.00 59.06  ? 2   THR A CB    1 
ATOM   20   O  OG1   . THR A 1 17  ? -19.825 -0.663  3.780   1.00 65.01  ? 2   THR A OG1   1 
ATOM   21   C  CG2   . THR A 1 17  ? -18.221 -1.258  2.097   1.00 60.05  ? 2   THR A CG2   1 
ATOM   22   N  N     . GLU A 1 18  ? -17.164 -4.292  2.972   1.00 43.66  ? 3   GLU A N     1 
ATOM   23   C  CA    . GLU A 1 18  ? -15.860 -4.985  2.817   1.00 48.15  ? 3   GLU A CA    1 
ATOM   24   C  C     . GLU A 1 18  ? -15.010 -4.215  1.792   1.00 47.87  ? 3   GLU A C     1 
ATOM   25   O  O     . GLU A 1 18  ? -15.512 -3.897  0.697   1.00 46.74  ? 3   GLU A O     1 
ATOM   26   C  CB    . GLU A 1 18  ? -16.083 -6.435  2.398   1.00 59.50  ? 3   GLU A CB    1 
ATOM   27   C  CG    . GLU A 1 18  ? -17.261 -7.070  3.131   1.00 78.71  ? 3   GLU A CG    1 
ATOM   28   C  CD    . GLU A 1 18  ? -17.408 -8.585  3.060   1.00 84.33  ? 3   GLU A CD    1 
ATOM   29   O  OE1   . GLU A 1 18  ? -18.564 -9.056  2.931   1.00 83.38  ? 3   GLU A OE1   1 
ATOM   30   O  OE2   . GLU A 1 18  ? -16.376 -9.292  3.178   1.00 93.44  ? 3   GLU A OE2   1 
ATOM   31   N  N     . TYR A 1 19  ? -13.768 -3.893  2.139   1.00 40.49  ? 4   TYR A N     1 
ATOM   32   C  CA    . TYR A 1 19  ? -12.792 -3.230  1.235   1.00 36.79  ? 4   TYR A CA    1 
ATOM   33   C  C     . TYR A 1 19  ? -11.616 -4.168  1.024   1.00 33.58  ? 4   TYR A C     1 
ATOM   34   O  O     . TYR A 1 19  ? -11.034 -4.612  2.019   1.00 34.30  ? 4   TYR A O     1 
ATOM   35   C  CB    . TYR A 1 19  ? -12.316 -1.928  1.851   1.00 35.66  ? 4   TYR A CB    1 
ATOM   36   C  CG    . TYR A 1 19  ? -13.412 -0.939  2.135   1.00 37.41  ? 4   TYR A CG    1 
ATOM   37   C  CD1   . TYR A 1 19  ? -14.088 -0.312  1.110   1.00 39.36  ? 4   TYR A CD1   1 
ATOM   38   C  CD2   . TYR A 1 19  ? -13.773 -0.615  3.434   1.00 42.27  ? 4   TYR A CD2   1 
ATOM   39   C  CE1   . TYR A 1 19  ? -15.081 0.625   1.364   1.00 39.38  ? 4   TYR A CE1   1 
ATOM   40   C  CE2   . TYR A 1 19  ? -14.768 0.313   3.705   1.00 38.55  ? 4   TYR A CE2   1 
ATOM   41   C  CZ    . TYR A 1 19  ? -15.408 0.959   2.662   1.00 41.45  ? 4   TYR A CZ    1 
ATOM   42   O  OH    . TYR A 1 19  ? -16.402 1.871   2.916   1.00 54.50  ? 4   TYR A OH    1 
ATOM   43   N  N     . LYS A 1 20  ? -11.315 -4.458  -0.240  1.00 38.28  ? 5   LYS A N     1 
ATOM   44   C  CA    . LYS A 1 20  ? -10.163 -5.309  -0.619  1.00 40.93  ? 5   LYS A CA    1 
ATOM   45   C  C     . LYS A 1 20  ? -8.992  -4.377  -0.932  1.00 36.21  ? 5   LYS A C     1 
ATOM   46   O  O     . LYS A 1 20  ? -9.085  -3.621  -1.899  1.00 36.33  ? 5   LYS A O     1 
ATOM   47   C  CB    . LYS A 1 20  ? -10.522 -6.193  -1.814  1.00 46.21  ? 5   LYS A CB    1 
ATOM   48   C  CG    . LYS A 1 20  ? -9.398  -7.095  -2.304  1.00 58.93  ? 5   LYS A CG    1 
ATOM   49   C  CD    . LYS A 1 20  ? -8.936  -8.096  -1.272  1.00 59.68  ? 5   LYS A CD    1 
ATOM   50   C  CE    . LYS A 1 20  ? -7.941  -9.093  -1.825  1.00 69.92  ? 5   LYS A CE    1 
ATOM   51   N  NZ    . LYS A 1 20  ? -7.347  -9.921  -0.751  1.00 73.59  ? 5   LYS A NZ    1 
ATOM   52   N  N     . LEU A 1 21  ? -7.956  -4.420  -0.100  1.00 35.67  ? 6   LEU A N     1 
ATOM   53   C  CA    . LEU A 1 21  ? -6.747  -3.547  -0.248  1.00 31.65  ? 6   LEU A CA    1 
ATOM   54   C  C     . LEU A 1 21  ? -5.556  -4.394  -0.718  1.00 29.76  ? 6   LEU A C     1 
ATOM   55   O  O     . LEU A 1 21  ? -5.386  -5.527  -0.185  1.00 27.89  ? 6   LEU A O     1 
ATOM   56   C  CB    . LEU A 1 21  ? -6.405  -2.890  1.084   1.00 27.79  ? 6   LEU A CB    1 
ATOM   57   C  CG    . LEU A 1 21  ? -7.521  -2.155  1.810   1.00 30.22  ? 6   LEU A CG    1 
ATOM   58   C  CD1   . LEU A 1 21  ? -6.938  -1.273  2.907   1.00 28.08  ? 6   LEU A CD1   1 
ATOM   59   C  CD2   . LEU A 1 21  ? -8.343  -1.316  0.861   1.00 31.58  ? 6   LEU A CD2   1 
ATOM   60   N  N     . VAL A 1 22  ? -4.752  -3.871  -1.651  1.00 27.38  ? 7   VAL A N     1 
ATOM   61   C  CA    . VAL A 1 22  ? -3.519  -4.560  -2.136  1.00 28.33  ? 7   VAL A CA    1 
ATOM   62   C  C     . VAL A 1 22  ? -2.290  -3.703  -1.800  1.00 25.48  ? 7   VAL A C     1 
ATOM   63   O  O     . VAL A 1 22  ? -2.279  -2.536  -2.183  1.00 25.80  ? 7   VAL A O     1 
ATOM   64   C  CB    . VAL A 1 22  ? -3.564  -4.889  -3.637  1.00 30.97  ? 7   VAL A CB    1 
ATOM   65   C  CG1   . VAL A 1 22  ? -2.345  -5.699  -4.014  1.00 30.54  ? 7   VAL A CG1   1 
ATOM   66   C  CG2   . VAL A 1 22  ? -4.830  -5.639  -4.042  1.00 31.42  ? 7   VAL A CG2   1 
ATOM   67   N  N     . VAL A 1 23  ? -1.329  -4.284  -1.074  1.00 24.08  ? 8   VAL A N     1 
ATOM   68   C  CA    . VAL A 1 23  ? -0.039  -3.646  -0.710  1.00 25.98  ? 8   VAL A CA    1 
ATOM   69   C  C     . VAL A 1 23  ? 1.014   -4.038  -1.746  1.00 25.05  ? 8   VAL A C     1 
ATOM   70   O  O     . VAL A 1 23  ? 1.278   -5.244  -1.909  1.00 22.58  ? 8   VAL A O     1 
ATOM   71   C  CB    . VAL A 1 23  ? 0.395   -4.043  0.701   1.00 25.53  ? 8   VAL A CB    1 
ATOM   72   C  CG1   . VAL A 1 23  ? 1.640   -3.267  1.128   1.00 24.84  ? 8   VAL A CG1   1 
ATOM   73   C  CG2   . VAL A 1 23  ? -0.744  -3.852  1.686   1.00 26.94  ? 8   VAL A CG2   1 
ATOM   74   N  N     . VAL A 1 24  ? 1.526   -3.048  -2.462  1.00 26.51  ? 9   VAL A N     1 
ATOM   75   C  CA    . VAL A 1 24  ? 2.458   -3.284  -3.600  1.00 30.12  ? 9   VAL A CA    1 
ATOM   76   C  C     . VAL A 1 24  ? 3.734   -2.481  -3.354  1.00 26.22  ? 9   VAL A C     1 
ATOM   77   O  O     . VAL A 1 24  ? 3.687   -1.448  -2.683  1.00 30.78  ? 9   VAL A O     1 
ATOM   78   C  CB    . VAL A 1 24  ? 1.817   -3.022  -4.981  1.00 31.09  ? 9   VAL A CB    1 
ATOM   79   C  CG1   . VAL A 1 24  ? 0.677   -3.980  -5.273  1.00 34.95  ? 9   VAL A CG1   1 
ATOM   80   C  CG2   . VAL A 1 24  ? 1.349   -1.619  -5.174  1.00 33.44  ? 9   VAL A CG2   1 
ATOM   81   N  N     . GLY A 1 25  ? 4.830   -2.957  -3.911  1.00 27.48  ? 10  GLY A N     1 
ATOM   82   C  CA    . GLY A 1 25  ? 6.129   -2.256  -3.888  1.00 27.91  ? 10  GLY A CA    1 
ATOM   83   C  C     . GLY A 1 25  ? 7.255   -3.258  -3.963  1.00 26.14  ? 10  GLY A C     1 
ATOM   84   O  O     . GLY A 1 25  ? 7.000   -4.469  -3.770  1.00 24.15  ? 10  GLY A O     1 
ATOM   85   N  N     . ALA A 1 26  ? 8.450   -2.769  -4.278  1.00 30.70  ? 11  ALA A N     1 
ATOM   86   C  CA    . ALA A 1 26  ? 9.641   -3.610  -4.502  1.00 30.67  ? 11  ALA A CA    1 
ATOM   87   C  C     . ALA A 1 26  ? 9.934   -4.455  -3.267  1.00 31.96  ? 11  ALA A C     1 
ATOM   88   O  O     . ALA A 1 26  ? 9.478   -4.142  -2.143  1.00 35.80  ? 11  ALA A O     1 
ATOM   89   C  CB    . ALA A 1 26  ? 10.818  -2.739  -4.843  1.00 32.48  ? 11  ALA A CB    1 
ATOM   90   N  N     . CYS A 1 27  ? 10.720  -5.482  -3.471  1.00 31.92  ? 12  CYS A N     1 
ATOM   91   C  CA    . CYS A 1 27  ? 11.245  -6.356  -2.406  1.00 38.09  ? 12  CYS A CA    1 
ATOM   92   C  C     . CYS A 1 27  ? 11.874  -5.502  -1.305  1.00 33.70  ? 12  CYS A C     1 
ATOM   93   O  O     . CYS A 1 27  ? 12.547  -4.525  -1.685  1.00 28.96  ? 12  CYS A O     1 
ATOM   94   C  CB    . CYS A 1 27  ? 12.284  -7.301  -2.983  1.00 40.67  ? 12  CYS A CB    1 
ATOM   95   S  SG    . CYS A 1 27  ? 12.190  -8.866  -2.100  1.00 52.33  ? 12  CYS A SG    1 
ATOM   96   N  N     . GLY A 1 28  ? 11.573  -5.787  -0.028  1.00 34.02  ? 13  GLY A N     1 
ATOM   97   C  CA    . GLY A 1 28  ? 12.260  -5.193  1.143   1.00 30.57  ? 13  GLY A CA    1 
ATOM   98   C  C     . GLY A 1 28  ? 11.780  -3.789  1.508   1.00 28.98  ? 13  GLY A C     1 
ATOM   99   O  O     . GLY A 1 28  ? 12.370  -3.204  2.419   1.00 26.13  ? 13  GLY A O     1 
ATOM   100  N  N     . VAL A 1 29  ? 10.740  -3.263  0.875   1.00 29.85  ? 14  VAL A N     1 
ATOM   101  C  CA    . VAL A 1 29  ? 10.273  -1.924  1.228   1.00 30.34  ? 14  VAL A CA    1 
ATOM   102  C  C     . VAL A 1 29  ? 9.513   -1.878  2.554   1.00 29.14  ? 14  VAL A C     1 
ATOM   103  O  O     . VAL A 1 29  ? 9.405   -0.829  3.162   1.00 28.00  ? 14  VAL A O     1 
ATOM   104  C  CB    . VAL A 1 29  ? 9.421   -1.252  0.128   1.00 29.64  ? 14  VAL A CB    1 
ATOM   105  C  CG1   . VAL A 1 29  ? 10.234  -1.011  -1.128  1.00 29.68  ? 14  VAL A CG1   1 
ATOM   106  C  CG2   . VAL A 1 29  ? 8.152   -2.036  -0.148  1.00 28.87  ? 14  VAL A CG2   1 
ATOM   107  N  N     . GLY A 1 30  ? 8.989   -3.011  2.991   1.00 25.44  ? 15  GLY A N     1 
ATOM   108  C  CA    . GLY A 1 30  ? 8.248   -3.065  4.228   1.00 30.89  ? 15  GLY A CA    1 
ATOM   109  C  C     . GLY A 1 30  ? 6.776   -3.407  4.106   1.00 28.19  ? 15  GLY A C     1 
ATOM   110  O  O     . GLY A 1 30  ? 6.004   -3.134  5.001   1.00 30.19  ? 15  GLY A O     1 
ATOM   111  N  N     . LYS A 1 31  ? 6.383   -3.988  2.989   1.00 27.90  ? 16  LYS A N     1 
ATOM   112  C  CA    . LYS A 1 31  ? 4.973   -4.404  2.778   1.00 27.40  ? 16  LYS A CA    1 
ATOM   113  C  C     . LYS A 1 31  ? 4.516   -5.320  3.919   1.00 27.76  ? 16  LYS A C     1 
ATOM   114  O  O     . LYS A 1 31  ? 3.503   -5.054  4.535   1.00 28.12  ? 16  LYS A O     1 
ATOM   115  C  CB    . LYS A 1 31  ? 4.875   -5.143  1.448   1.00 26.86  ? 16  LYS A CB    1 
ATOM   116  C  CG    . LYS A 1 31  ? 5.171   -4.291  0.226   1.00 26.35  ? 16  LYS A CG    1 
ATOM   117  C  CD    . LYS A 1 31  ? 5.068   -5.083  -1.035  1.00 27.53  ? 16  LYS A CD    1 
ATOM   118  C  CE    . LYS A 1 31  ? 5.920   -6.344  -0.987  1.00 28.12  ? 16  LYS A CE    1 
ATOM   119  N  NZ    . LYS A 1 31  ? 7.300   -6.049  -1.417  1.00 27.09  ? 16  LYS A NZ    1 
ATOM   120  N  N     . SER A 1 32  ? 5.274   -6.358  4.225   1.00 30.43  ? 17  SER A N     1 
ATOM   121  C  CA    . SER A 1 32  ? 4.912   -7.348  5.270   1.00 30.61  ? 17  SER A CA    1 
ATOM   122  C  C     . SER A 1 32  ? 4.916   -6.700  6.648   1.00 29.35  ? 17  SER A C     1 
ATOM   123  O  O     . SER A 1 32  ? 4.012   -6.953  7.405   1.00 33.77  ? 17  SER A O     1 
ATOM   124  C  CB    . SER A 1 32  ? 5.826   -8.526  5.217   1.00 32.27  ? 17  SER A CB    1 
ATOM   125  O  OG    . SER A 1 32  ? 5.516   -9.294  4.075   1.00 32.39  ? 17  SER A OG    1 
ATOM   126  N  N     . ALA A 1 33  ? 5.897   -5.870  6.957   1.00 26.23  ? 18  ALA A N     1 
ATOM   127  C  CA    . ALA A 1 33  ? 6.006   -5.225  8.283   1.00 25.26  ? 18  ALA A CA    1 
ATOM   128  C  C     . ALA A 1 33  ? 4.868   -4.220  8.499   1.00 23.46  ? 18  ALA A C     1 
ATOM   129  O  O     . ALA A 1 33  ? 4.375   -4.162  9.603   1.00 22.92  ? 18  ALA A O     1 
ATOM   130  C  CB    . ALA A 1 33  ? 7.349   -4.570  8.409   1.00 26.86  ? 18  ALA A CB    1 
ATOM   131  N  N     . LEU A 1 34  ? 4.465   -3.463  7.483   1.00 22.20  ? 19  LEU A N     1 
ATOM   132  C  CA    . LEU A 1 34  ? 3.300   -2.548  7.573   1.00 23.52  ? 19  LEU A CA    1 
ATOM   133  C  C     . LEU A 1 34  ? 2.021   -3.338  7.874   1.00 25.93  ? 19  LEU A C     1 
ATOM   134  O  O     . LEU A 1 34  ? 1.310   -2.966  8.807   1.00 27.45  ? 19  LEU A O     1 
ATOM   135  C  CB    . LEU A 1 34  ? 3.144   -1.796  6.252   1.00 24.41  ? 19  LEU A CB    1 
ATOM   136  C  CG    . LEU A 1 34  ? 4.181   -0.709  5.954   1.00 26.06  ? 19  LEU A CG    1 
ATOM   137  C  CD1   . LEU A 1 34  ? 3.950   -0.141  4.572   1.00 26.79  ? 19  LEU A CD1   1 
ATOM   138  C  CD2   . LEU A 1 34  ? 4.146   0.429   6.982   1.00 25.49  ? 19  LEU A CD2   1 
ATOM   139  N  N     . THR A 1 35  ? 1.686   -4.318  7.038   1.00 26.45  ? 20  THR A N     1 
ATOM   140  C  CA    . THR A 1 35  ? 0.515   -5.203  7.201   1.00 27.51  ? 20  THR A CA    1 
ATOM   141  C  C     . THR A 1 35  ? 0.547   -5.881  8.575   1.00 29.89  ? 20  THR A C     1 
ATOM   142  O  O     . THR A 1 35  ? -0.477  -5.871  9.237   1.00 25.15  ? 20  THR A O     1 
ATOM   143  C  CB    . THR A 1 35  ? 0.469   -6.277  6.117   1.00 27.19  ? 20  THR A CB    1 
ATOM   144  O  OG1   . THR A 1 35  ? 0.629   -5.664  4.835   1.00 25.10  ? 20  THR A OG1   1 
ATOM   145  C  CG2   . THR A 1 35  ? -0.827  -7.041  6.180   1.00 31.91  ? 20  THR A CG2   1 
ATOM   146  N  N     . ILE A 1 36  ? 1.679   -6.430  9.013   1.00 29.67  ? 21  ILE A N     1 
ATOM   147  C  CA    . ILE A 1 36  ? 1.704   -7.114  10.337  1.00 32.21  ? 21  ILE A CA    1 
ATOM   148  C  C     . ILE A 1 36  ? 1.497   -6.076  11.449  1.00 34.69  ? 21  ILE A C     1 
ATOM   149  O  O     . ILE A 1 36  ? 0.857   -6.455  12.455  1.00 37.02  ? 21  ILE A O     1 
ATOM   150  C  CB    . ILE A 1 36  ? 2.954   -7.988  10.546  1.00 31.19  ? 21  ILE A CB    1 
ATOM   151  C  CG1   . ILE A 1 36  ? 2.983   -9.157  9.565   1.00 36.23  ? 21  ILE A CG1   1 
ATOM   152  C  CG2   . ILE A 1 36  ? 3.032   -8.503  11.961  1.00 33.12  ? 21  ILE A CG2   1 
ATOM   153  C  CD1   . ILE A 1 36  ? 1.740   -10.031 9.628   1.00 44.34  ? 21  ILE A CD1   1 
ATOM   154  N  N     . GLN A 1 37  ? 1.990   -4.836  11.308  1.00 30.94  ? 22  GLN A N     1 
ATOM   155  C  CA    . GLN A 1 37  ? 1.756   -3.780  12.338  1.00 30.99  ? 22  GLN A CA    1 
ATOM   156  C  C     . GLN A 1 37  ? 0.276   -3.448  12.397  1.00 28.85  ? 22  GLN A C     1 
ATOM   157  O  O     . GLN A 1 37  ? -0.250  -3.327  13.485  1.00 30.64  ? 22  GLN A O     1 
ATOM   158  C  CB    . GLN A 1 37  ? 2.520   -2.483  12.077  1.00 30.83  ? 22  GLN A CB    1 
ATOM   159  C  CG    . GLN A 1 37  ? 3.958   -2.572  12.539  1.00 30.51  ? 22  GLN A CG    1 
ATOM   160  C  CD    . GLN A 1 37  ? 4.059   -2.400  14.038  1.00 32.58  ? 22  GLN A CD    1 
ATOM   161  O  OE1   . GLN A 1 37  ? 3.131   -2.682  14.801  1.00 31.03  ? 22  GLN A OE1   1 
ATOM   162  N  NE2   . GLN A 1 37  ? 5.195   -1.888  14.465  1.00 33.92  ? 22  GLN A NE2   1 
ATOM   163  N  N     . LEU A 1 38  ? -0.362  -3.281  11.258  1.00 28.81  ? 23  LEU A N     1 
ATOM   164  C  CA    . LEU A 1 38  ? -1.816  -2.995  11.226  1.00 28.85  ? 23  LEU A CA    1 
ATOM   165  C  C     . LEU A 1 38  ? -2.575  -4.146  11.892  1.00 30.71  ? 23  LEU A C     1 
ATOM   166  O  O     . LEU A 1 38  ? -3.504  -3.877  12.699  1.00 34.49  ? 23  LEU A O     1 
ATOM   167  C  CB    . LEU A 1 38  ? -2.261  -2.855  9.778   1.00 28.21  ? 23  LEU A CB    1 
ATOM   168  C  CG    . LEU A 1 38  ? -3.739  -2.526  9.587   1.00 28.83  ? 23  LEU A CG    1 
ATOM   169  C  CD1   . LEU A 1 38  ? -4.048  -1.073  9.900   1.00 28.31  ? 23  LEU A CD1   1 
ATOM   170  C  CD2   . LEU A 1 38  ? -4.123  -2.835  8.170   1.00 28.66  ? 23  LEU A CD2   1 
ATOM   171  N  N     . ILE A 1 39  ? -2.231  -5.383  11.561  1.00 27.92  ? 24  ILE A N     1 
ATOM   172  C  CA    . ILE A 1 39  ? -3.025  -6.555  12.018  1.00 34.11  ? 24  ILE A CA    1 
ATOM   173  C  C     . ILE A 1 39  ? -2.668  -6.868  13.465  1.00 32.67  ? 24  ILE A C     1 
ATOM   174  O  O     . ILE A 1 39  ? -3.574  -6.834  14.265  1.00 38.30  ? 24  ILE A O     1 
ATOM   175  C  CB    . ILE A 1 39  ? -2.844  -7.781  11.102  1.00 34.03  ? 24  ILE A CB    1 
ATOM   176  C  CG1   . ILE A 1 39  ? -3.217  -7.428  9.662   1.00 37.46  ? 24  ILE A CG1   1 
ATOM   177  C  CG2   . ILE A 1 39  ? -3.658  -8.962  11.629  1.00 33.00  ? 24  ILE A CG2   1 
ATOM   178  C  CD1   . ILE A 1 39  ? -4.627  -6.926  9.478   1.00 35.61  ? 24  ILE A CD1   1 
ATOM   179  N  N     . GLN A 1 40  ? -1.397  -7.107  13.774  1.00 35.40  ? 25  GLN A N     1 
ATOM   180  C  CA    . GLN A 1 40  ? -0.960  -7.695  15.069  1.00 37.60  ? 25  GLN A CA    1 
ATOM   181  C  C     . GLN A 1 40  ? -0.343  -6.644  15.995  1.00 37.14  ? 25  GLN A C     1 
ATOM   182  O  O     . GLN A 1 40  ? -0.064  -6.998  17.128  1.00 37.21  ? 25  GLN A O     1 
ATOM   183  C  CB    . GLN A 1 40  ? -0.029  -8.880  14.788  1.00 43.99  ? 25  GLN A CB    1 
ATOM   184  C  CG    . GLN A 1 40  ? -0.768  -10.218 14.797  1.00 55.40  ? 25  GLN A CG    1 
ATOM   185  C  CD    . GLN A 1 40  ? -0.217  -11.251 13.847  1.00 60.42  ? 25  GLN A CD    1 
ATOM   186  O  OE1   . GLN A 1 40  ? 0.949   -11.236 13.484  1.00 64.83  ? 25  GLN A OE1   1 
ATOM   187  N  NE2   . GLN A 1 40  ? -1.058  -12.195 13.457  1.00 70.01  ? 25  GLN A NE2   1 
ATOM   188  N  N     . ASN A 1 41  ? -0.124  -5.406  15.544  1.00 36.95  ? 26  ASN A N     1 
ATOM   189  C  CA    . ASN A 1 41  ? 0.571   -4.355  16.335  1.00 38.71  ? 26  ASN A CA    1 
ATOM   190  C  C     . ASN A 1 41  ? 1.954   -4.833  16.794  1.00 39.86  ? 26  ASN A C     1 
ATOM   191  O  O     . ASN A 1 41  ? 2.403   -4.431  17.849  1.00 37.23  ? 26  ASN A O     1 
ATOM   192  C  CB    . ASN A 1 41  ? -0.241  -3.906  17.551  1.00 40.77  ? 26  ASN A CB    1 
ATOM   193  C  CG    . ASN A 1 41  ? -1.515  -3.198  17.147  1.00 50.73  ? 26  ASN A CG    1 
ATOM   194  O  OD1   . ASN A 1 41  ? -1.502  -2.007  16.810  1.00 49.23  ? 26  ASN A OD1   1 
ATOM   195  N  ND2   . ASN A 1 41  ? -2.615  -3.937  17.154  1.00 50.09  ? 26  ASN A ND2   1 
ATOM   196  N  N     . HIS A 1 42  ? 2.686   -5.522  15.937  1.00 44.17  ? 27  HIS A N     1 
ATOM   197  C  CA    . HIS A 1 42  ? 4.028   -5.955  16.285  1.00 47.16  ? 27  HIS A CA    1 
ATOM   198  C  C     . HIS A 1 42  ? 4.964   -5.810  15.066  1.00 40.31  ? 27  HIS A C     1 
ATOM   199  O  O     . HIS A 1 42  ? 4.524   -5.996  13.951  1.00 34.93  ? 27  HIS A O     1 
ATOM   200  C  CB    . HIS A 1 42  ? 3.949   -7.368  16.872  1.00 58.34  ? 27  HIS A CB    1 
ATOM   201  C  CG    . HIS A 1 42  ? 5.096   -8.253  16.526  1.00 72.44  ? 27  HIS A CG    1 
ATOM   202  N  ND1   . HIS A 1 42  ? 6.265   -8.273  17.253  1.00 96.12  ? 27  HIS A ND1   1 
ATOM   203  C  CD2   . HIS A 1 42  ? 5.241   -9.184  15.555  1.00 78.54  ? 27  HIS A CD2   1 
ATOM   204  C  CE1   . HIS A 1 42  ? 7.089   -9.163  16.734  1.00 99.40  ? 27  HIS A CE1   1 
ATOM   205  N  NE2   . HIS A 1 42  ? 6.494   -9.728  15.700  1.00 115.98 ? 27  HIS A NE2   1 
ATOM   206  N  N     . PHE A 1 43  ? 6.223   -5.420  15.284  1.00 35.48  ? 28  PHE A N     1 
ATOM   207  C  CA    . PHE A 1 43  ? 7.224   -5.245  14.213  1.00 35.79  ? 28  PHE A CA    1 
ATOM   208  C  C     . PHE A 1 43  ? 7.950   -6.571  14.003  1.00 36.67  ? 28  PHE A C     1 
ATOM   209  O  O     . PHE A 1 43  ? 8.707   -7.017  14.892  1.00 34.82  ? 28  PHE A O     1 
ATOM   210  C  CB    . PHE A 1 43  ? 8.231   -4.155  14.576  1.00 36.89  ? 28  PHE A CB    1 
ATOM   211  C  CG    . PHE A 1 43  ? 9.299   -3.924  13.542  1.00 36.89  ? 28  PHE A CG    1 
ATOM   212  C  CD1   . PHE A 1 43  ? 8.950   -3.667  12.226  1.00 38.56  ? 28  PHE A CD1   1 
ATOM   213  C  CD2   . PHE A 1 43  ? 10.640  -3.945  13.883  1.00 36.68  ? 28  PHE A CD2   1 
ATOM   214  C  CE1   . PHE A 1 43  ? 9.920   -3.445  11.266  1.00 42.94  ? 28  PHE A CE1   1 
ATOM   215  C  CE2   . PHE A 1 43  ? 11.616  -3.714  12.928  1.00 41.92  ? 28  PHE A CE2   1 
ATOM   216  C  CZ    . PHE A 1 43  ? 11.254  -3.463  11.619  1.00 46.43  ? 28  PHE A CZ    1 
ATOM   217  N  N     . VAL A 1 44  ? 7.718   -7.177  12.848  1.00 39.39  ? 29  VAL A N     1 
ATOM   218  C  CA    . VAL A 1 44  ? 8.431   -8.397  12.380  1.00 52.06  ? 29  VAL A CA    1 
ATOM   219  C  C     . VAL A 1 44  ? 9.561   -7.919  11.477  1.00 51.91  ? 29  VAL A C     1 
ATOM   220  O  O     . VAL A 1 44  ? 9.250   -7.196  10.535  1.00 45.68  ? 29  VAL A O     1 
ATOM   221  C  CB    . VAL A 1 44  ? 7.495   -9.362  11.629  1.00 67.09  ? 29  VAL A CB    1 
ATOM   222  C  CG1   . VAL A 1 44  ? 8.163   -10.714 11.400  1.00 81.04  ? 29  VAL A CG1   1 
ATOM   223  C  CG2   . VAL A 1 44  ? 6.181   -9.554  12.366  1.00 70.56  ? 29  VAL A CG2   1 
ATOM   224  N  N     . ASP A 1 45  ? 10.789  -8.359  11.703  1.00 49.93  ? 30  ASP A N     1 
ATOM   225  C  CA    . ASP A 1 45  ? 11.869  -7.979  10.814  1.00 53.99  ? 30  ASP A CA    1 
ATOM   226  C  C     . ASP A 1 45  ? 12.344  -9.162  9.978   1.00 51.29  ? 30  ASP A C     1 
ATOM   227  O  O     . ASP A 1 45  ? 13.111  -8.983  9.048   1.00 51.86  ? 30  ASP A O     1 
ATOM   228  C  CB    . ASP A 1 45  ? 13.033  -7.346  11.570  1.00 64.93  ? 30  ASP A CB    1 
ATOM   229  C  CG    . ASP A 1 45  ? 13.470  -8.156  12.760  1.00 66.05  ? 30  ASP A CG    1 
ATOM   230  O  OD1   . ASP A 1 45  ? 13.873  -9.319  12.582  1.00 63.40  ? 30  ASP A OD1   1 
ATOM   231  O  OD2   . ASP A 1 45  ? 13.426  -7.618  13.881  1.00 66.61  ? 30  ASP A OD2   1 
ATOM   232  N  N     . GLU A 1 46  ? 11.876  -10.366 10.300  1.00 50.05  ? 31  GLU A N     1 
ATOM   233  C  CA    . GLU A 1 46  ? 12.298  -11.583 9.548   1.00 53.15  ? 31  GLU A CA    1 
ATOM   234  C  C     . GLU A 1 46  ? 11.114  -12.322 8.909   1.00 51.79  ? 31  GLU A C     1 
ATOM   235  O  O     . GLU A 1 46  ? 11.139  -13.562 8.903   1.00 49.81  ? 31  GLU A O     1 
ATOM   236  C  CB    . GLU A 1 46  ? 13.099  -12.522 10.450  1.00 65.33  ? 31  GLU A CB    1 
ATOM   237  C  CG    . GLU A 1 46  ? 14.536  -12.081 10.672  1.00 68.01  ? 31  GLU A CG    1 
ATOM   238  C  CD    . GLU A 1 46  ? 15.299  -11.696 9.418   1.00 74.18  ? 31  GLU A CD    1 
ATOM   239  O  OE1   . GLU A 1 46  ? 16.338  -11.029 9.545   1.00 73.37  ? 31  GLU A OE1   1 
ATOM   240  O  OE2   . GLU A 1 46  ? 14.849  -12.062 8.318   1.00 76.79  ? 31  GLU A OE2   1 
ATOM   241  N  N     . TYR A 1 47  ? 10.112  -11.588 8.425   1.00 51.84  ? 32  TYR A N     1 
ATOM   242  C  CA    . TYR A 1 47  ? 8.904   -12.173 7.774   1.00 46.74  ? 32  TYR A CA    1 
ATOM   243  C  C     . TYR A 1 47  ? 9.292   -12.666 6.370   1.00 43.77  ? 32  TYR A C     1 
ATOM   244  O  O     . TYR A 1 47  ? 9.752   -11.876 5.548   1.00 40.64  ? 32  TYR A O     1 
ATOM   245  C  CB    . TYR A 1 47  ? 7.724   -11.203 7.749   1.00 41.71  ? 32  TYR A CB    1 
ATOM   246  C  CG    . TYR A 1 47  ? 6.435   -11.844 7.288   1.00 42.50  ? 32  TYR A CG    1 
ATOM   247  C  CD1   . TYR A 1 47  ? 6.217   -12.135 5.956   1.00 42.32  ? 32  TYR A CD1   1 
ATOM   248  C  CD2   . TYR A 1 47  ? 5.432   -12.170 8.177   1.00 42.61  ? 32  TYR A CD2   1 
ATOM   249  C  CE1   . TYR A 1 47  ? 5.042   -12.716 5.525   1.00 44.60  ? 32  TYR A CE1   1 
ATOM   250  C  CE2   . TYR A 1 47  ? 4.245   -12.748 7.763   1.00 44.65  ? 32  TYR A CE2   1 
ATOM   251  C  CZ    . TYR A 1 47  ? 4.053   -13.030 6.429   1.00 43.35  ? 32  TYR A CZ    1 
ATOM   252  O  OH    . TYR A 1 47  ? 2.891   -13.596 5.998   1.00 54.99  ? 32  TYR A OH    1 
ATOM   253  N  N     . ASP A 1 48  ? 9.041   -13.957 6.135   1.00 48.07  ? 33  ASP A N     1 
ATOM   254  C  CA    . ASP A 1 48  ? 9.503   -14.662 4.915   1.00 51.12  ? 33  ASP A CA    1 
ATOM   255  C  C     . ASP A 1 48  ? 9.156   -13.807 3.703   1.00 47.70  ? 33  ASP A C     1 
ATOM   256  O  O     . ASP A 1 48  ? 7.968   -13.561 3.469   1.00 44.27  ? 33  ASP A O     1 
ATOM   257  C  CB    . ASP A 1 48  ? 8.793   -16.016 4.839   1.00 56.29  ? 33  ASP A CB    1 
ATOM   258  C  CG    . ASP A 1 48  ? 9.416   -17.032 3.902   1.00 57.11  ? 33  ASP A CG    1 
ATOM   259  O  OD1   . ASP A 1 48  ? 9.671   -16.680 2.743   1.00 56.31  ? 33  ASP A OD1   1 
ATOM   260  O  OD2   . ASP A 1 48  ? 9.600   -18.180 4.338   1.00 54.04  ? 33  ASP A OD2   1 
ATOM   261  N  N     . PRO A 1 49  ? 10.157  -13.398 2.897   1.00 51.34  ? 34  PRO A N     1 
ATOM   262  C  CA    . PRO A 1 49  ? 9.903   -12.543 1.725   1.00 47.07  ? 34  PRO A CA    1 
ATOM   263  C  C     . PRO A 1 49  ? 9.085   -13.080 0.544   1.00 48.61  ? 34  PRO A C     1 
ATOM   264  O  O     . PRO A 1 49  ? 8.721   -12.316 -0.331  1.00 45.46  ? 34  PRO A O     1 
ATOM   265  C  CB    . PRO A 1 49  ? 11.306  -12.299 1.134   1.00 47.79  ? 34  PRO A CB    1 
ATOM   266  C  CG    . PRO A 1 49  ? 12.263  -12.515 2.293   1.00 49.97  ? 34  PRO A CG    1 
ATOM   267  C  CD    . PRO A 1 49  ? 11.595  -13.558 3.174   1.00 51.58  ? 34  PRO A CD    1 
ATOM   268  N  N     . THR A 1 50  ? 8.904   -14.390 0.482   1.00 56.49  ? 35  THR A N     1 
ATOM   269  C  CA    . THR A 1 50  ? 8.268   -15.078 -0.669  1.00 62.35  ? 35  THR A CA    1 
ATOM   270  C  C     . THR A 1 50  ? 6.778   -15.255 -0.378  1.00 60.42  ? 35  THR A C     1 
ATOM   271  O  O     . THR A 1 50  ? 6.011   -15.474 -1.347  1.00 54.18  ? 35  THR A O     1 
ATOM   272  C  CB    . THR A 1 50  ? 8.975   -16.414 -0.918  1.00 69.92  ? 35  THR A CB    1 
ATOM   273  O  OG1   . THR A 1 50  ? 9.173   -16.994 0.377   1.00 58.98  ? 35  THR A OG1   1 
ATOM   274  C  CG2   . THR A 1 50  ? 10.284  -16.238 -1.668  1.00 72.03  ? 35  THR A CG2   1 
ATOM   275  N  N     . ILE A 1 51  ? 6.404   -15.144 0.902   1.00 52.76  ? 36  ILE A N     1 
ATOM   276  C  CA    . ILE A 1 51  ? 5.026   -15.404 1.398   1.00 57.02  ? 36  ILE A CA    1 
ATOM   277  C  C     . ILE A 1 51  ? 4.107   -14.232 1.041   1.00 48.85  ? 36  ILE A C     1 
ATOM   278  O  O     . ILE A 1 51  ? 4.328   -13.139 1.518   1.00 47.75  ? 36  ILE A O     1 
ATOM   279  C  CB    . ILE A 1 51  ? 5.054   -15.735 2.893   1.00 59.59  ? 36  ILE A CB    1 
ATOM   280  C  CG1   . ILE A 1 51  ? 5.948   -16.966 3.084   1.00 60.74  ? 36  ILE A CG1   1 
ATOM   281  C  CG2   . ILE A 1 51  ? 3.632   -15.917 3.431   1.00 62.05  ? 36  ILE A CG2   1 
ATOM   282  C  CD1   . ILE A 1 51  ? 5.767   -17.693 4.382   1.00 63.24  ? 36  ILE A CD1   1 
ATOM   283  N  N     . GLU A 1 52  ? 3.096   -14.546 0.234   1.00 47.60  ? 37  GLU A N     1 
ATOM   284  C  CA    . GLU A 1 52  ? 2.041   -13.651 -0.216  1.00 47.07  ? 37  GLU A CA    1 
ATOM   285  C  C     . GLU A 1 52  ? 0.796   -14.210 0.452   1.00 46.97  ? 37  GLU A C     1 
ATOM   286  O  O     . GLU A 1 52  ? 0.283   -15.248 0.066   1.00 50.74  ? 37  GLU A O     1 
ATOM   287  C  CB    . GLU A 1 52  ? 1.900   -13.717 -1.728  1.00 44.55  ? 37  GLU A CB    1 
ATOM   288  C  CG    . GLU A 1 52  ? 1.031   -12.630 -2.326  1.00 46.54  ? 37  GLU A CG    1 
ATOM   289  C  CD    . GLU A 1 52  ? 1.049   -12.651 -3.836  1.00 50.85  ? 37  GLU A CD    1 
ATOM   290  O  OE1   . GLU A 1 52  ? 1.811   -11.880 -4.442  1.00 39.02  ? 37  GLU A OE1   1 
ATOM   291  O  OE2   . GLU A 1 52  ? 0.298   -13.449 -4.416  1.00 62.21  ? 37  GLU A OE2   1 
ATOM   292  N  N     . ASP A 1 53  ? 0.314   -13.493 1.451   1.00 48.95  ? 38  ASP A N     1 
ATOM   293  C  CA    . ASP A 1 53  ? -0.819  -13.905 2.312   1.00 47.30  ? 38  ASP A CA    1 
ATOM   294  C  C     . ASP A 1 53  ? -1.801  -12.739 2.356   1.00 46.78  ? 38  ASP A C     1 
ATOM   295  O  O     . ASP A 1 53  ? -1.397  -11.618 1.993   1.00 43.74  ? 38  ASP A O     1 
ATOM   296  C  CB    . ASP A 1 53  ? -0.338  -14.309 3.711   1.00 53.06  ? 38  ASP A CB    1 
ATOM   297  C  CG    . ASP A 1 53  ? -1.341  -15.122 4.517   1.00 61.62  ? 38  ASP A CG    1 
ATOM   298  O  OD1   . ASP A 1 53  ? -2.497  -15.308 4.035   1.00 64.08  ? 38  ASP A OD1   1 
ATOM   299  O  OD2   . ASP A 1 53  ? -0.962  -15.573 5.618   1.00 66.85  ? 38  ASP A OD2   1 
ATOM   300  N  N     . SER A 1 54  ? -3.051  -13.000 2.753   1.00 43.83  ? 39  SER A N     1 
ATOM   301  C  CA    . SER A 1 54  ? -4.044  -11.938 3.036   1.00 43.82  ? 39  SER A CA    1 
ATOM   302  C  C     . SER A 1 54  ? -4.569  -12.054 4.474   1.00 40.91  ? 39  SER A C     1 
ATOM   303  O  O     . SER A 1 54  ? -4.386  -13.095 5.151   1.00 39.07  ? 39  SER A O     1 
ATOM   304  C  CB    . SER A 1 54  ? -5.145  -11.906 2.020   1.00 43.67  ? 39  SER A CB    1 
ATOM   305  O  OG    . SER A 1 54  ? -6.019  -12.978 2.254   1.00 44.30  ? 39  SER A OG    1 
ATOM   306  N  N     . TYR A 1 55  ? -5.136  -10.952 4.940   1.00 39.77  ? 40  TYR A N     1 
ATOM   307  C  CA    . TYR A 1 55  ? -5.432  -10.672 6.358   1.00 38.74  ? 40  TYR A CA    1 
ATOM   308  C  C     . TYR A 1 55  ? -6.721  -9.866  6.423   1.00 37.67  ? 40  TYR A C     1 
ATOM   309  O  O     . TYR A 1 55  ? -6.927  -8.977  5.559   1.00 36.02  ? 40  TYR A O     1 
ATOM   310  C  CB    . TYR A 1 55  ? -4.286  -9.890  6.986   1.00 39.15  ? 40  TYR A CB    1 
ATOM   311  C  CG    . TYR A 1 55  ? -2.975  -10.616 7.014   1.00 42.02  ? 40  TYR A CG    1 
ATOM   312  C  CD1   . TYR A 1 55  ? -2.701  -11.525 8.015   1.00 47.92  ? 40  TYR A CD1   1 
ATOM   313  C  CD2   . TYR A 1 55  ? -1.999  -10.377 6.067   1.00 44.85  ? 40  TYR A CD2   1 
ATOM   314  C  CE1   . TYR A 1 55  ? -1.480  -12.164 8.096   1.00 52.81  ? 40  TYR A CE1   1 
ATOM   315  C  CE2   . TYR A 1 55  ? -0.779  -11.023 6.117   1.00 49.85  ? 40  TYR A CE2   1 
ATOM   316  C  CZ    . TYR A 1 55  ? -0.516  -11.922 7.137   1.00 56.93  ? 40  TYR A CZ    1 
ATOM   317  O  OH    . TYR A 1 55  ? 0.675   -12.594 7.208   1.00 70.02  ? 40  TYR A OH    1 
ATOM   318  N  N     . ARG A 1 56  ? -7.546  -10.205 7.411   1.00 36.84  ? 41  ARG A N     1 
ATOM   319  C  CA    . ARG A 1 56  ? -8.841  -9.536  7.659   1.00 40.57  ? 41  ARG A CA    1 
ATOM   320  C  C     . ARG A 1 56  ? -8.716  -8.738  8.956   1.00 34.67  ? 41  ARG A C     1 
ATOM   321  O  O     . ARG A 1 56  ? -8.059  -9.211  9.890   1.00 35.17  ? 41  ARG A O     1 
ATOM   322  C  CB    . ARG A 1 56  ? -9.978  -10.557 7.756   1.00 49.62  ? 41  ARG A CB    1 
ATOM   323  C  CG    . ARG A 1 56  ? -10.207 -11.366 6.488   1.00 63.67  ? 41  ARG A CG    1 
ATOM   324  C  CD    . ARG A 1 56  ? -11.545 -12.078 6.486   1.00 72.14  ? 41  ARG A CD    1 
ATOM   325  N  NE    . ARG A 1 56  ? -12.586 -11.288 5.847   1.00 84.45  ? 41  ARG A NE    1 
ATOM   326  C  CZ    . ARG A 1 56  ? -12.911 -11.371 4.563   1.00 94.00  ? 41  ARG A CZ    1 
ATOM   327  N  NH1   . ARG A 1 56  ? -12.272 -12.214 3.773   1.00 97.22  ? 41  ARG A NH1   1 
ATOM   328  N  NH2   . ARG A 1 56  ? -13.872 -10.612 4.071   1.00 89.61  ? 41  ARG A NH2   1 
ATOM   329  N  N     . LYS A 1 57  ? -9.265  -7.532  8.951   1.00 32.95  ? 42  LYS A N     1 
ATOM   330  C  CA    . LYS A 1 57  ? -9.280  -6.641  10.124  1.00 34.99  ? 42  LYS A CA    1 
ATOM   331  C  C     . LYS A 1 57  ? -10.562 -5.815  10.080  1.00 33.08  ? 42  LYS A C     1 
ATOM   332  O  O     . LYS A 1 57  ? -10.820 -5.189  9.049   1.00 29.33  ? 42  LYS A O     1 
ATOM   333  C  CB    . LYS A 1 57  ? -8.055  -5.723  10.110  1.00 39.63  ? 42  LYS A CB    1 
ATOM   334  C  CG    . LYS A 1 57  ? -8.075  -4.606  11.140  1.00 41.70  ? 42  LYS A CG    1 
ATOM   335  C  CD    . LYS A 1 57  ? -6.704  -4.218  11.627  1.00 45.18  ? 42  LYS A CD    1 
ATOM   336  C  CE    . LYS A 1 57  ? -6.720  -3.126  12.671  1.00 46.41  ? 42  LYS A CE    1 
ATOM   337  N  NZ    . LYS A 1 57  ? -6.333  -3.645  14.001  1.00 48.33  ? 42  LYS A NZ    1 
ATOM   338  N  N     . GLN A 1 58  ? -11.330 -5.850  11.164  1.00 34.36  ? 43  GLN A N     1 
ATOM   339  C  CA    . GLN A 1 58  ? -12.514 -4.979  11.323  1.00 32.79  ? 43  GLN A CA    1 
ATOM   340  C  C     . GLN A 1 58  ? -12.025 -3.650  11.910  1.00 30.93  ? 43  GLN A C     1 
ATOM   341  O  O     . GLN A 1 58  ? -11.382 -3.690  12.941  1.00 34.01  ? 43  GLN A O     1 
ATOM   342  C  CB    . GLN A 1 58  ? -13.525 -5.672  12.222  1.00 32.90  ? 43  GLN A CB    1 
ATOM   343  C  CG    . GLN A 1 58  ? -14.817 -4.910  12.279  1.00 37.81  ? 43  GLN A CG    1 
ATOM   344  C  CD    . GLN A 1 58  ? -15.803 -5.630  13.158  1.00 41.32  ? 43  GLN A CD    1 
ATOM   345  O  OE1   . GLN A 1 58  ? -16.194 -6.750  12.862  1.00 45.18  ? 43  GLN A OE1   1 
ATOM   346  N  NE2   . GLN A 1 58  ? -16.218 -4.966  14.231  1.00 41.38  ? 43  GLN A NE2   1 
ATOM   347  N  N     . VAL A 1 59  ? -12.373 -2.526  11.295  1.00 27.53  ? 44  VAL A N     1 
ATOM   348  C  CA    . VAL A 1 59  ? -11.896 -1.176  11.676  1.00 27.52  ? 44  VAL A CA    1 
ATOM   349  C  C     . VAL A 1 59  ? -13.102 -0.247  11.761  1.00 29.37  ? 44  VAL A C     1 
ATOM   350  O  O     . VAL A 1 59  ? -14.108 -0.501  11.108  1.00 30.75  ? 44  VAL A O     1 
ATOM   351  C  CB    . VAL A 1 59  ? -10.879 -0.653  10.640  1.00 29.45  ? 44  VAL A CB    1 
ATOM   352  C  CG1   . VAL A 1 59  ? -9.794  -1.669  10.402  1.00 31.66  ? 44  VAL A CG1   1 
ATOM   353  C  CG2   . VAL A 1 59  ? -11.525 -0.336  9.304   1.00 31.21  ? 44  VAL A CG2   1 
ATOM   354  N  N     . VAL A 1 60  ? -12.951 0.833   12.509  1.00 29.49  ? 45  VAL A N     1 
ATOM   355  C  CA    . VAL A 1 60  ? -13.891 1.971   12.505  1.00 31.19  ? 45  VAL A CA    1 
ATOM   356  C  C     . VAL A 1 60  ? -13.102 3.148   11.929  1.00 32.66  ? 45  VAL A C     1 
ATOM   357  O  O     . VAL A 1 60  ? -12.115 3.539   12.531  1.00 28.10  ? 45  VAL A O     1 
ATOM   358  C  CB    . VAL A 1 60  ? -14.431 2.245   13.923  1.00 32.69  ? 45  VAL A CB    1 
ATOM   359  C  CG1   . VAL A 1 60  ? -15.336 3.456   13.976  1.00 32.14  ? 45  VAL A CG1   1 
ATOM   360  C  CG2   . VAL A 1 60  ? -15.128 1.029   14.498  1.00 33.34  ? 45  VAL A CG2   1 
ATOM   361  N  N     . ILE A 1 61  ? -13.550 3.654   10.793  1.00 32.59  ? 46  ILE A N     1 
ATOM   362  C  CA    . ILE A 1 61  ? -12.974 4.827   10.115  1.00 33.69  ? 46  ILE A CA    1 
ATOM   363  C  C     . ILE A 1 61  ? -14.087 5.852   9.949   1.00 32.86  ? 46  ILE A C     1 
ATOM   364  O  O     . ILE A 1 61  ? -15.058 5.506   9.275   1.00 31.93  ? 46  ILE A O     1 
ATOM   365  C  CB    . ILE A 1 61  ? -12.397 4.394   8.761   1.00 35.22  ? 46  ILE A CB    1 
ATOM   366  C  CG1   . ILE A 1 61  ? -11.407 3.237   8.941   1.00 36.15  ? 46  ILE A CG1   1 
ATOM   367  C  CG2   . ILE A 1 61  ? -11.797 5.600   8.053   1.00 36.17  ? 46  ILE A CG2   1 
ATOM   368  C  CD1   . ILE A 1 61  ? -10.931 2.601   7.649   1.00 36.26  ? 46  ILE A CD1   1 
ATOM   369  N  N     . ASP A 1 62  ? -13.898 7.063   10.496  1.00 35.29  ? 47  ASP A N     1 
ATOM   370  C  CA    . ASP A 1 62  ? -14.854 8.202   10.407  1.00 39.99  ? 47  ASP A CA    1 
ATOM   371  C  C     . ASP A 1 62  ? -16.223 7.731   10.918  1.00 39.13  ? 47  ASP A C     1 
ATOM   372  O  O     . ASP A 1 62  ? -17.236 8.181   10.378  1.00 37.76  ? 47  ASP A O     1 
ATOM   373  C  CB    . ASP A 1 62  ? -14.956 8.726   8.968   1.00 40.96  ? 47  ASP A CB    1 
ATOM   374  C  CG    . ASP A 1 62  ? -13.636 9.207   8.377   1.00 43.34  ? 47  ASP A CG    1 
ATOM   375  O  OD1   . ASP A 1 62  ? -12.753 9.638   9.157   1.00 43.21  ? 47  ASP A OD1   1 
ATOM   376  O  OD2   . ASP A 1 62  ? -13.494 9.147   7.135   1.00 45.55  ? 47  ASP A OD2   1 
ATOM   377  N  N     . GLY A 1 63  ? -16.215 6.834   11.901  1.00 36.55  ? 48  GLY A N     1 
ATOM   378  C  CA    . GLY A 1 63  ? -17.408 6.367   12.618  1.00 42.95  ? 48  GLY A CA    1 
ATOM   379  C  C     . GLY A 1 63  ? -18.135 5.248   11.892  1.00 40.29  ? 48  GLY A C     1 
ATOM   380  O  O     . GLY A 1 63  ? -19.061 4.766   12.484  1.00 37.58  ? 48  GLY A O     1 
ATOM   381  N  N     . GLU A 1 64  ? -17.728 4.830   10.685  1.00 42.94  ? 49  GLU A N     1 
ATOM   382  C  CA    . GLU A 1 64  ? -18.356 3.688   9.950   1.00 47.12  ? 49  GLU A CA    1 
ATOM   383  C  C     . GLU A 1 64  ? -17.484 2.427   10.126  1.00 42.32  ? 49  GLU A C     1 
ATOM   384  O  O     . GLU A 1 64  ? -16.259 2.485   9.925   1.00 39.50  ? 49  GLU A O     1 
ATOM   385  C  CB    . GLU A 1 64  ? -18.594 4.106   8.495   1.00 51.09  ? 49  GLU A CB    1 
ATOM   386  C  CG    . GLU A 1 64  ? -19.506 3.175   7.699   1.00 69.37  ? 49  GLU A CG    1 
ATOM   387  C  CD    . GLU A 1 64  ? -19.341 3.214   6.176   1.00 74.22  ? 49  GLU A CD    1 
ATOM   388  O  OE1   . GLU A 1 64  ? -19.230 4.331   5.601   1.00 75.56  ? 49  GLU A OE1   1 
ATOM   389  O  OE2   . GLU A 1 64  ? -19.299 2.123   5.560   1.00 70.77  ? 49  GLU A OE2   1 
ATOM   390  N  N     . THR A 1 65  ? -18.065 1.332   10.596  1.00 39.15  ? 50  THR A N     1 
ATOM   391  C  CA    . THR A 1 65  ? -17.342 0.047   10.786  1.00 39.57  ? 50  THR A CA    1 
ATOM   392  C  C     . THR A 1 65  ? -17.227 -0.587  9.401   1.00 40.30  ? 50  THR A C     1 
ATOM   393  O  O     . THR A 1 65  ? -18.170 -0.431  8.624   1.00 38.67  ? 50  THR A O     1 
ATOM   394  C  CB    . THR A 1 65  ? -18.025 -0.910  11.780  1.00 37.69  ? 50  THR A CB    1 
ATOM   395  O  OG1   . THR A 1 65  ? -18.055 -0.315  13.074  1.00 37.14  ? 50  THR A OG1   1 
ATOM   396  C  CG2   . THR A 1 65  ? -17.318 -2.246  11.907  1.00 38.15  ? 50  THR A CG2   1 
ATOM   397  N  N     . SER A 1 66  ? -16.083 -1.186  9.080   1.00 40.00  ? 51  SER A N     1 
ATOM   398  C  CA    . SER A 1 66  ? -15.898 -1.935  7.815   1.00 40.01  ? 51  SER A CA    1 
ATOM   399  C  C     . SER A 1 66  ? -14.940 -3.102  8.031   1.00 37.85  ? 51  SER A C     1 
ATOM   400  O  O     . SER A 1 66  ? -14.270 -3.187  9.087   1.00 34.49  ? 51  SER A O     1 
ATOM   401  C  CB    . SER A 1 66  ? -15.461 -1.070  6.659   1.00 46.39  ? 51  SER A CB    1 
ATOM   402  O  OG    . SER A 1 66  ? -14.191 -0.503  6.874   1.00 56.30  ? 51  SER A OG    1 
ATOM   403  N  N     . LEU A 1 67  ? -14.943 -4.012  7.068   1.00 33.68  ? 52  LEU A N     1 
ATOM   404  C  CA    . LEU A 1 67  ? -14.034 -5.166  7.083   1.00 37.88  ? 52  LEU A CA    1 
ATOM   405  C  C     . LEU A 1 67  ? -13.014 -4.961  5.955   1.00 37.69  ? 52  LEU A C     1 
ATOM   406  O  O     . LEU A 1 67  ? -13.412 -4.779  4.786   1.00 35.66  ? 52  LEU A O     1 
ATOM   407  C  CB    . LEU A 1 67  ? -14.878 -6.431  6.937   1.00 36.86  ? 52  LEU A CB    1 
ATOM   408  C  CG    . LEU A 1 67  ? -14.140 -7.739  7.193   1.00 44.63  ? 52  LEU A CG    1 
ATOM   409  C  CD1   . LEU A 1 67  ? -13.669 -7.842  8.638   1.00 44.42  ? 52  LEU A CD1   1 
ATOM   410  C  CD2   . LEU A 1 67  ? -15.032 -8.924  6.826   1.00 49.16  ? 52  LEU A CD2   1 
ATOM   411  N  N     . LEU A 1 68  ? -11.743 -4.926  6.323   1.00 34.24  ? 53  LEU A N     1 
ATOM   412  C  CA    . LEU A 1 68  ? -10.621 -4.863  5.364   1.00 31.42  ? 53  LEU A CA    1 
ATOM   413  C  C     . LEU A 1 68  ? -10.175 -6.283  5.078   1.00 30.55  ? 53  LEU A C     1 
ATOM   414  O  O     . LEU A 1 68  ? -9.999  -7.033  6.012   1.00 34.59  ? 53  LEU A O     1 
ATOM   415  C  CB    . LEU A 1 68  ? -9.496  -4.029  5.968   1.00 29.10  ? 53  LEU A CB    1 
ATOM   416  C  CG    . LEU A 1 68  ? -9.952  -2.689  6.522   1.00 30.79  ? 53  LEU A CG    1 
ATOM   417  C  CD1   . LEU A 1 68  ? -8.755  -1.864  7.007   1.00 30.83  ? 53  LEU A CD1   1 
ATOM   418  C  CD2   . LEU A 1 68  ? -10.777 -1.952  5.469   1.00 33.18  ? 53  LEU A CD2   1 
ATOM   419  N  N     . ASP A 1 69  ? -10.037 -6.614  3.805   1.00 33.53  ? 54  ASP A N     1 
ATOM   420  C  CA    . ASP A 1 69  ? -9.301  -7.796  3.325   1.00 34.16  ? 54  ASP A CA    1 
ATOM   421  C  C     . ASP A 1 69  ? -8.020  -7.243  2.714   1.00 31.90  ? 54  ASP A C     1 
ATOM   422  O  O     . ASP A 1 69  ? -8.105  -6.500  1.753   1.00 35.16  ? 54  ASP A O     1 
ATOM   423  C  CB    . ASP A 1 69  ? -10.175 -8.602  2.371   1.00 42.43  ? 54  ASP A CB    1 
ATOM   424  C  CG    . ASP A 1 69  ? -9.653  -9.995  2.045   1.00 59.95  ? 54  ASP A CG    1 
ATOM   425  O  OD1   . ASP A 1 69  ? -8.856  -10.558 2.863   1.00 69.42  ? 54  ASP A OD1   1 
ATOM   426  O  OD2   . ASP A 1 69  ? -10.044 -10.518 0.965   1.00 76.06  ? 54  ASP A OD2   1 
ATOM   427  N  N     . ILE A 1 70  ? -6.869  -7.562  3.269   1.00 28.70  ? 55  ILE A N     1 
ATOM   428  C  CA    . ILE A 1 70  ? -5.596  -6.901  2.871   1.00 29.93  ? 55  ILE A CA    1 
ATOM   429  C  C     . ILE A 1 70  ? -4.655  -7.949  2.284   1.00 31.20  ? 55  ILE A C     1 
ATOM   430  O  O     . ILE A 1 70  ? -4.335  -8.908  3.029   1.00 29.58  ? 55  ILE A O     1 
ATOM   431  C  CB    . ILE A 1 70  ? -4.962  -6.209  4.093   1.00 28.99  ? 55  ILE A CB    1 
ATOM   432  C  CG1   . ILE A 1 70  ? -5.926  -5.176  4.690   1.00 31.84  ? 55  ILE A CG1   1 
ATOM   433  C  CG2   . ILE A 1 70  ? -3.622  -5.640  3.701   1.00 29.24  ? 55  ILE A CG2   1 
ATOM   434  C  CD1   . ILE A 1 70  ? -5.365  -4.406  5.829   1.00 34.73  ? 55  ILE A CD1   1 
ATOM   435  N  N     . LEU A 1 71  ? -4.218  -7.747  1.032   1.00 29.27  ? 56  LEU A N     1 
ATOM   436  C  CA    . LEU A 1 71  ? -3.235  -8.630  0.358   1.00 31.23  ? 56  LEU A CA    1 
ATOM   437  C  C     . LEU A 1 71  ? -1.871  -7.945  0.399   1.00 27.37  ? 56  LEU A C     1 
ATOM   438  O  O     . LEU A 1 71  ? -1.711  -6.798  -0.119  1.00 23.48  ? 56  LEU A O     1 
ATOM   439  C  CB    . LEU A 1 71  ? -3.647  -8.954  -1.078  1.00 30.87  ? 56  LEU A CB    1 
ATOM   440  C  CG    . LEU A 1 71  ? -2.676  -9.873  -1.821  1.00 36.01  ? 56  LEU A CG    1 
ATOM   441  C  CD1   . LEU A 1 71  ? -2.405  -11.165 -1.081  1.00 34.03  ? 56  LEU A CD1   1 
ATOM   442  C  CD2   . LEU A 1 71  ? -3.174  -10.184 -3.223  1.00 40.03  ? 56  LEU A CD2   1 
ATOM   443  N  N     . ASP A 1 72  ? -0.960  -8.651  1.027   1.00 29.02  ? 57  ASP A N     1 
ATOM   444  C  CA    . ASP A 1 72  ? 0.485   -8.332  1.104   1.00 38.60  ? 57  ASP A CA    1 
ATOM   445  C  C     . ASP A 1 72  ? 1.215   -9.082  -0.033  1.00 36.57  ? 57  ASP A C     1 
ATOM   446  O  O     . ASP A 1 72  ? 1.512   -10.281 0.138   1.00 40.85  ? 57  ASP A O     1 
ATOM   447  C  CB    . ASP A 1 72  ? 0.958   -8.685  2.517   1.00 41.97  ? 57  ASP A CB    1 
ATOM   448  C  CG    . ASP A 1 72  ? 2.460   -8.726  2.650   1.00 46.01  ? 57  ASP A CG    1 
ATOM   449  O  OD1   . ASP A 1 72  ? 3.080   -7.812  2.058   1.00 47.44  ? 57  ASP A OD1   1 
ATOM   450  O  OD2   . ASP A 1 72  ? 2.985   -9.717  3.278   1.00 54.17  ? 57  ASP A OD2   1 
ATOM   451  N  N     . THR A 1 73  ? 1.472   -8.426  -1.165  1.00 34.11  ? 58  THR A N     1 
ATOM   452  C  CA    . THR A 1 73  ? 2.119   -9.046  -2.347  1.00 32.32  ? 58  THR A CA    1 
ATOM   453  C  C     . THR A 1 73  ? 3.536   -9.454  -1.959  1.00 36.98  ? 58  THR A C     1 
ATOM   454  O  O     . THR A 1 73  ? 4.097   -8.860  -1.028  1.00 36.76  ? 58  THR A O     1 
ATOM   455  C  CB    . THR A 1 73  ? 2.124   -8.129  -3.565  1.00 34.55  ? 58  THR A CB    1 
ATOM   456  O  OG1   . THR A 1 73  ? 2.828   -6.907  -3.297  1.00 36.56  ? 58  THR A OG1   1 
ATOM   457  C  CG2   . THR A 1 73  ? 0.716   -7.838  -4.036  1.00 33.68  ? 58  THR A CG2   1 
ATOM   458  N  N     . ALA A 1 74  ? 4.043   -10.502 -2.587  1.00 38.31  ? 59  ALA A N     1 
ATOM   459  C  CA    . ALA A 1 74  ? 5.372   -11.079 -2.314  1.00 44.80  ? 59  ALA A CA    1 
ATOM   460  C  C     . ALA A 1 74  ? 5.765   -11.947 -3.504  1.00 50.47  ? 59  ALA A C     1 
ATOM   461  O  O     . ALA A 1 74  ? 4.843   -12.359 -4.258  1.00 59.56  ? 59  ALA A O     1 
ATOM   462  C  CB    . ALA A 1 74  ? 5.330   -11.866 -1.032  1.00 39.35  ? 59  ALA A CB    1 
ATOM   463  N  N     . GLY A 1 75  ? 7.062   -12.210 -3.663  1.00 62.34  ? 60  GLY A N     1 
ATOM   464  C  CA    . GLY A 1 75  ? 7.575   -13.294 -4.530  1.00 75.95  ? 60  GLY A CA    1 
ATOM   465  C  C     . GLY A 1 75  ? 7.537   -12.924 -6.005  1.00 74.62  ? 60  GLY A C     1 
ATOM   466  O  O     . GLY A 1 75  ? 6.440   -12.635 -6.534  1.00 66.33  ? 60  GLY A O     1 
ATOM   467  N  N     . GLN A 1 76  ? 8.699   -12.927 -6.652  1.00 74.75  ? 61  GLN A N     1 
ATOM   468  C  CA    . GLN A 1 76  ? 8.834   -12.477 -8.056  1.00 77.37  ? 61  GLN A CA    1 
ATOM   469  C  C     . GLN A 1 76  ? 8.010   -13.432 -8.938  1.00 66.10  ? 61  GLN A C     1 
ATOM   470  O  O     . GLN A 1 76  ? 7.967   -14.621 -8.647  1.00 66.10  ? 61  GLN A O     1 
ATOM   471  C  CB    . GLN A 1 76  ? 10.317  -12.337 -8.415  1.00 80.97  ? 61  GLN A CB    1 
ATOM   472  C  CG    . GLN A 1 76  ? 10.583  -11.342 -9.541  1.00 91.39  ? 61  GLN A CG    1 
ATOM   473  C  CD    . GLN A 1 76  ? 9.895   -10.003 -9.366  1.00 91.04  ? 61  GLN A CD    1 
ATOM   474  O  OE1   . GLN A 1 76  ? 10.330  -9.149  -8.593  1.00 80.61  ? 61  GLN A OE1   1 
ATOM   475  N  NE2   . GLN A 1 76  ? 8.815   -9.792  -10.107 1.00 88.20  ? 61  GLN A NE2   1 
ATOM   476  N  N     . GLU A 1 77  ? 7.333   -12.850 -9.922  1.00 68.07  ? 62  GLU A N     1 
ATOM   477  C  CA    . GLU A 1 77  ? 6.460   -13.540 -10.851 1.00 69.45  ? 62  GLU A CA    1 
ATOM   478  C  C     . GLU A 1 77  ? 6.248   -12.612 -12.033 1.00 67.09  ? 62  GLU A C     1 
ATOM   479  O  O     . GLU A 1 77  ? 6.277   -11.394 -11.881 1.00 54.75  ? 62  GLU A O     1 
ATOM   480  C  CB    . GLU A 1 77  ? 5.101   -13.774 -10.200 1.00 73.82  ? 62  GLU A CB    1 
ATOM   481  C  CG    . GLU A 1 77  ? 4.767   -15.215 -9.866  1.00 75.86  ? 62  GLU A CG    1 
ATOM   482  C  CD    . GLU A 1 77  ? 3.613   -15.313 -8.888  1.00 75.59  ? 62  GLU A CD    1 
ATOM   483  O  OE1   . GLU A 1 77  ? 2.860   -14.331 -8.764  1.00 81.44  ? 62  GLU A OE1   1 
ATOM   484  O  OE2   . GLU A 1 77  ? 3.460   -16.366 -8.241  1.00 79.27  ? 62  GLU A OE2   1 
ATOM   485  N  N     . GLU A 1 78  ? 6.041   -13.183 -13.211 1.00 66.54  ? 63  GLU A N     1 
ATOM   486  C  CA    . GLU A 1 78  ? 5.786   -12.370 -14.424 1.00 68.38  ? 63  GLU A CA    1 
ATOM   487  C  C     . GLU A 1 78  ? 4.297   -12.005 -14.416 1.00 52.58  ? 63  GLU A C     1 
ATOM   488  O  O     . GLU A 1 78  ? 3.465   -12.783 -13.884 1.00 51.28  ? 63  GLU A O     1 
ATOM   489  C  CB    . GLU A 1 78  ? 6.182   -13.074 -15.731 1.00 80.58  ? 63  GLU A CB    1 
ATOM   490  C  CG    . GLU A 1 78  ? 7.688   -13.163 -15.990 1.00 92.38  ? 63  GLU A CG    1 
ATOM   491  C  CD    . GLU A 1 78  ? 8.295   -14.555 -15.834 1.00 99.52  ? 63  GLU A CD    1 
ATOM   492  O  OE1   . GLU A 1 78  ? 7.523   -15.542 -15.749 1.00 106.16 ? 63  GLU A OE1   1 
ATOM   493  O  OE2   . GLU A 1 78  ? 9.539   -14.656 -15.787 1.00 87.10  ? 63  GLU A OE2   1 
ATOM   494  N  N     . TYR A 1 79  ? 4.024   -10.938 -15.163 1.00 47.81  ? 64  TYR A N     1 
ATOM   495  C  CA    . TYR A 1 79  ? 2.664   -10.397 -15.343 1.00 51.12  ? 64  TYR A CA    1 
ATOM   496  C  C     . TYR A 1 79  ? 1.964   -11.313 -16.343 1.00 55.23  ? 64  TYR A C     1 
ATOM   497  O  O     . TYR A 1 79  ? 2.271   -11.298 -17.544 1.00 62.65  ? 64  TYR A O     1 
ATOM   498  C  CB    . TYR A 1 79  ? 2.755   -8.973  -15.892 1.00 50.95  ? 64  TYR A CB    1 
ATOM   499  C  CG    . TYR A 1 79  ? 3.168   -7.942  -14.874 1.00 57.09  ? 64  TYR A CG    1 
ATOM   500  C  CD1   . TYR A 1 79  ? 2.230   -7.327  -14.065 1.00 57.54  ? 64  TYR A CD1   1 
ATOM   501  C  CD2   . TYR A 1 79  ? 4.495   -7.588  -14.712 1.00 61.04  ? 64  TYR A CD2   1 
ATOM   502  C  CE1   . TYR A 1 79  ? 2.598   -6.386  -13.121 1.00 56.82  ? 64  TYR A CE1   1 
ATOM   503  C  CE2   . TYR A 1 79  ? 4.879   -6.644  -13.777 1.00 58.88  ? 64  TYR A CE2   1 
ATOM   504  C  CZ    . TYR A 1 79  ? 3.926   -6.040  -12.980 1.00 57.85  ? 64  TYR A CZ    1 
ATOM   505  O  OH    . TYR A 1 79  ? 4.292   -5.110  -12.057 1.00 70.41  ? 64  TYR A OH    1 
ATOM   506  N  N     . SER A 1 80  ? 1.062   -12.111 -15.787 1.00 55.75  ? 65  SER A N     1 
ATOM   507  C  CA    . SER A 1 80  ? 0.196   -13.109 -16.468 1.00 57.10  ? 65  SER A CA    1 
ATOM   508  C  C     . SER A 1 80  ? -1.258  -12.622 -16.539 1.00 63.98  ? 65  SER A C     1 
ATOM   509  O  O     . SER A 1 80  ? -1.610  -11.583 -15.924 1.00 64.01  ? 65  SER A O     1 
ATOM   510  C  CB    . SER A 1 80  ? 0.273   -14.440 -15.779 1.00 59.04  ? 65  SER A CB    1 
ATOM   511  O  OG    . SER A 1 80  ? -0.573  -14.481 -14.639 1.00 59.55  ? 65  SER A OG    1 
ATOM   512  N  N     . ALA A 1 81  ? -2.099  -13.354 -17.271 1.00 63.61  ? 66  ALA A N     1 
ATOM   513  C  CA    . ALA A 1 81  ? -3.503  -12.952 -17.507 1.00 58.41  ? 66  ALA A CA    1 
ATOM   514  C  C     . ALA A 1 81  ? -4.301  -13.416 -16.300 1.00 43.55  ? 66  ALA A C     1 
ATOM   515  O  O     . ALA A 1 81  ? -5.094  -12.622 -15.817 1.00 51.35  ? 66  ALA A O     1 
ATOM   516  C  CB    . ALA A 1 81  ? -4.053  -13.517 -18.802 1.00 62.37  ? 66  ALA A CB    1 
ATOM   517  N  N     . MET A 1 82  ? -4.085  -14.644 -15.848 1.00 38.31  ? 67  MET A N     1 
ATOM   518  C  CA    . MET A 1 82  ? -4.783  -15.178 -14.656 1.00 46.66  ? 67  MET A CA    1 
ATOM   519  C  C     . MET A 1 82  ? -4.571  -14.195 -13.507 1.00 47.62  ? 67  MET A C     1 
ATOM   520  O  O     . MET A 1 82  ? -5.545  -13.889 -12.780 1.00 44.49  ? 67  MET A O     1 
ATOM   521  C  CB    . MET A 1 82  ? -4.231  -16.526 -14.201 1.00 49.09  ? 67  MET A CB    1 
ATOM   522  C  CG    . MET A 1 82  ? -4.469  -17.634 -15.166 1.00 61.48  ? 67  MET A CG    1 
ATOM   523  S  SD    . MET A 1 82  ? -4.013  -19.213 -14.447 1.00 79.76  ? 67  MET A SD    1 
ATOM   524  C  CE    . MET A 1 82  ? -5.178  -19.313 -13.087 1.00 61.36  ? 67  MET A CE    1 
ATOM   525  N  N     . ARG A 1 83  ? -3.316  -13.812 -13.273 1.00 50.07  ? 68  ARG A N     1 
ATOM   526  C  CA    . ARG A 1 83  ? -2.958  -12.915 -12.174 1.00 42.85  ? 68  ARG A CA    1 
ATOM   527  C  C     . ARG A 1 83  ? -3.602  -11.560 -12.347 1.00 36.90  ? 68  ARG A C     1 
ATOM   528  O  O     . ARG A 1 83  ? -4.121  -11.005 -11.411 1.00 32.17  ? 68  ARG A O     1 
ATOM   529  C  CB    . ARG A 1 83  ? -1.449  -12.820 -11.976 1.00 45.50  ? 68  ARG A CB    1 
ATOM   530  C  CG    . ARG A 1 83  ? -1.073  -12.593 -10.524 1.00 51.89  ? 68  ARG A CG    1 
ATOM   531  C  CD    . ARG A 1 83  ? 0.296   -13.132 -10.160 1.00 49.97  ? 68  ARG A CD    1 
ATOM   532  N  NE    . ARG A 1 83  ? 0.984   -12.222 -9.257  1.00 51.28  ? 68  ARG A NE    1 
ATOM   533  C  CZ    . ARG A 1 83  ? 0.803   -12.201 -7.945  1.00 53.20  ? 68  ARG A CZ    1 
ATOM   534  N  NH1   . ARG A 1 83  ? 1.463   -11.337 -7.199  1.00 51.53  ? 68  ARG A NH1   1 
ATOM   535  N  NH2   . ARG A 1 83  ? -0.036  -13.048 -7.380  1.00 50.09  ? 68  ARG A NH2   1 
ATOM   536  N  N     . ASP A 1 84  ? -3.528  -11.010 -13.544 1.00 37.35  ? 69  ASP A N     1 
ATOM   537  C  CA    . ASP A 1 84  ? -4.271  -9.760  -13.817 1.00 39.59  ? 69  ASP A CA    1 
ATOM   538  C  C     . ASP A 1 84  ? -5.698  -9.873  -13.272 1.00 41.26  ? 69  ASP A C     1 
ATOM   539  O  O     . ASP A 1 84  ? -6.156  -8.953  -12.625 1.00 37.24  ? 69  ASP A O     1 
ATOM   540  C  CB    . ASP A 1 84  ? -4.287  -9.458  -15.306 1.00 45.50  ? 69  ASP A CB    1 
ATOM   541  C  CG    . ASP A 1 84  ? -2.979  -8.902  -15.831 1.00 55.28  ? 69  ASP A CG    1 
ATOM   542  O  OD1   . ASP A 1 84  ? -1.983  -8.897  -15.079 1.00 55.67  ? 69  ASP A OD1   1 
ATOM   543  O  OD2   . ASP A 1 84  ? -2.977  -8.447  -16.986 1.00 63.31  ? 69  ASP A OD2   1 
ATOM   544  N  N     . GLN A 1 85  ? -6.392  -10.968 -13.535 1.00 42.72  ? 70  GLN A N     1 
ATOM   545  C  CA    . GLN A 1 85  ? -7.817  -11.093 -13.165 1.00 43.63  ? 70  GLN A CA    1 
ATOM   546  C  C     . GLN A 1 85  ? -7.894  -11.148 -11.633 1.00 39.24  ? 70  GLN A C     1 
ATOM   547  O  O     . GLN A 1 85  ? -8.870  -10.637 -11.061 1.00 35.69  ? 70  GLN A O     1 
ATOM   548  C  CB    . GLN A 1 85  ? -8.426  -12.316 -13.857 1.00 53.31  ? 70  GLN A CB    1 
ATOM   549  C  CG    . GLN A 1 85  ? -9.942  -12.449 -13.715 1.00 59.77  ? 70  GLN A CG    1 
ATOM   550  C  CD    . GLN A 1 85  ? -10.403 -13.868 -13.985 1.00 70.20  ? 70  GLN A CD    1 
ATOM   551  O  OE1   . GLN A 1 85  ? -9.919  -14.846 -13.392 1.00 62.91  ? 70  GLN A OE1   1 
ATOM   552  N  NE2   . GLN A 1 85  ? -11.348 -13.996 -14.907 1.00 70.40  ? 70  GLN A NE2   1 
ATOM   553  N  N     . TYR A 1 86  ? -6.919  -11.765 -10.972 1.00 33.84  ? 71  TYR A N     1 
ATOM   554  C  CA    . TYR A 1 86  ? -6.927  -11.831 -9.495  1.00 34.07  ? 71  TYR A CA    1 
ATOM   555  C  C     . TYR A 1 86  ? -6.784  -10.402 -8.933  1.00 31.26  ? 71  TYR A C     1 
ATOM   556  O  O     . TYR A 1 86  ? -7.579  -10.002 -8.092  1.00 26.88  ? 71  TYR A O     1 
ATOM   557  C  CB    . TYR A 1 86  ? -5.872  -12.802 -8.959  1.00 34.91  ? 71  TYR A CB    1 
ATOM   558  C  CG    . TYR A 1 86  ? -5.864  -12.827 -7.454  1.00 35.09  ? 71  TYR A CG    1 
ATOM   559  C  CD1   . TYR A 1 86  ? -6.981  -13.238 -6.767  1.00 40.35  ? 71  TYR A CD1   1 
ATOM   560  C  CD2   . TYR A 1 86  ? -4.791  -12.366 -6.711  1.00 43.44  ? 71  TYR A CD2   1 
ATOM   561  C  CE1   . TYR A 1 86  ? -7.040  -13.242 -5.382  1.00 42.73  ? 71  TYR A CE1   1 
ATOM   562  C  CE2   . TYR A 1 86  ? -4.834  -12.346 -5.321  1.00 46.55  ? 71  TYR A CE2   1 
ATOM   563  C  CZ    . TYR A 1 86  ? -5.972  -12.767 -4.650  1.00 43.88  ? 71  TYR A CZ    1 
ATOM   564  O  OH    . TYR A 1 86  ? -6.087  -12.756 -3.284  1.00 47.57  ? 71  TYR A OH    1 
ATOM   565  N  N     . MET A 1 87  ? -5.809  -9.630  -9.419  1.00 32.09  ? 72  MET A N     1 
ATOM   566  C  CA    . MET A 1 87  ? -5.538  -8.250  -8.949  1.00 30.76  ? 72  MET A CA    1 
ATOM   567  C  C     . MET A 1 87  ? -6.694  -7.311  -9.296  1.00 34.59  ? 72  MET A C     1 
ATOM   568  O  O     . MET A 1 87  ? -6.771  -6.251  -8.646  1.00 33.57  ? 72  MET A O     1 
ATOM   569  C  CB    . MET A 1 87  ? -4.246  -7.713  -9.561  1.00 32.04  ? 72  MET A CB    1 
ATOM   570  C  CG    . MET A 1 87  ? -3.001  -8.412  -9.032  1.00 35.97  ? 72  MET A CG    1 
ATOM   571  S  SD    . MET A 1 87  ? -2.914  -8.616  -7.188  1.00 37.21  ? 72  MET A SD    1 
ATOM   572  C  CE    . MET A 1 87  ? -1.412  -9.581  -7.093  1.00 33.60  ? 72  MET A CE    1 
ATOM   573  N  N     . ARG A 1 88  ? -7.506  -7.629  -10.312 1.00 34.21  ? 73  ARG A N     1 
ATOM   574  C  CA    . ARG A 1 88  ? -8.625  -6.767  -10.764 1.00 39.62  ? 73  ARG A CA    1 
ATOM   575  C  C     . ARG A 1 88  ? -9.608  -6.645  -9.592  1.00 37.90  ? 73  ARG A C     1 
ATOM   576  O  O     . ARG A 1 88  ? -10.261 -5.592  -9.466  1.00 39.36  ? 73  ARG A O     1 
ATOM   577  C  CB    . ARG A 1 88  ? -9.237  -7.323  -12.063 1.00 45.52  ? 73  ARG A CB    1 
ATOM   578  C  CG    . ARG A 1 88  ? -10.232 -6.414  -12.773 1.00 52.38  ? 73  ARG A CG    1 
ATOM   579  C  CD    . ARG A 1 88  ? -10.722 -6.830  -14.169 1.00 53.96  ? 73  ARG A CD    1 
ATOM   580  N  NE    . ARG A 1 88  ? -9.591  -6.687  -15.092 1.00 70.45  ? 73  ARG A NE    1 
ATOM   581  C  CZ    . ARG A 1 88  ? -8.926  -7.664  -15.750 1.00 64.73  ? 73  ARG A CZ    1 
ATOM   582  N  NH1   . ARG A 1 88  ? -7.881  -7.339  -16.502 1.00 54.19  ? 73  ARG A NH1   1 
ATOM   583  N  NH2   . ARG A 1 88  ? -9.297  -8.939  -15.669 1.00 63.06  ? 73  ARG A NH2   1 
ATOM   584  N  N     . THR A 1 89  ? -9.660  -7.639  -8.711  1.00 37.05  ? 74  THR A N     1 
ATOM   585  C  CA    . THR A 1 89  ? -10.574 -7.650  -7.526  1.00 42.12  ? 74  THR A CA    1 
ATOM   586  C  C     . THR A 1 89  ? -10.104 -6.696  -6.407  1.00 38.87  ? 74  THR A C     1 
ATOM   587  O  O     . THR A 1 89  ? -10.898 -6.468  -5.522  1.00 38.27  ? 74  THR A O     1 
ATOM   588  C  CB    . THR A 1 89  ? -10.794 -9.064  -6.966  1.00 41.92  ? 74  THR A CB    1 
ATOM   589  O  OG1   . THR A 1 89  ? -9.687  -9.573  -6.217  1.00 46.80  ? 74  THR A OG1   1 
ATOM   590  C  CG2   . THR A 1 89  ? -11.094 -10.035 -8.088  1.00 49.07  ? 74  THR A CG2   1 
ATOM   591  N  N     . GLY A 1 90  ? -8.882  -6.165  -6.446  1.00 33.79  ? 75  GLY A N     1 
ATOM   592  C  CA    . GLY A 1 90  ? -8.433  -5.129  -5.514  1.00 30.11  ? 75  GLY A CA    1 
ATOM   593  C  C     . GLY A 1 90  ? -9.225  -3.868  -5.744  1.00 33.13  ? 75  GLY A C     1 
ATOM   594  O  O     . GLY A 1 90  ? -9.378  -3.501  -6.909  1.00 30.79  ? 75  GLY A O     1 
ATOM   595  N  N     . GLU A 1 91  ? -9.732  -3.244  -4.679  1.00 32.69  ? 76  GLU A N     1 
ATOM   596  C  CA    . GLU A 1 91  ? -10.491 -1.974  -4.772  1.00 35.37  ? 76  GLU A CA    1 
ATOM   597  C  C     . GLU A 1 91  ? -9.535  -0.805  -4.533  1.00 33.31  ? 76  GLU A C     1 
ATOM   598  O  O     . GLU A 1 91  ? -9.796  0.295   -5.045  1.00 33.22  ? 76  GLU A O     1 
ATOM   599  C  CB    . GLU A 1 91  ? -11.645 -1.936  -3.779  1.00 41.09  ? 76  GLU A CB    1 
ATOM   600  C  CG    . GLU A 1 91  ? -12.741 -2.946  -4.084  1.00 45.36  ? 76  GLU A CG    1 
ATOM   601  C  CD    . GLU A 1 91  ? -13.792 -2.999  -2.982  1.00 54.62  ? 76  GLU A CD    1 
ATOM   602  O  OE1   . GLU A 1 91  ? -13.648 -3.864  -2.096  1.00 51.94  ? 76  GLU A OE1   1 
ATOM   603  O  OE2   . GLU A 1 91  ? -14.736 -2.146  -2.994  1.00 64.30  ? 76  GLU A OE2   1 
ATOM   604  N  N     . GLY A 1 92  ? -8.455  -1.038  -3.795  1.00 30.40  ? 77  GLY A N     1 
ATOM   605  C  CA    . GLY A 1 92  ? -7.471  0.011   -3.490  1.00 28.09  ? 77  GLY A CA    1 
ATOM   606  C  C     . GLY A 1 92  ? -6.080  -0.561  -3.353  1.00 26.13  ? 77  GLY A C     1 
ATOM   607  O  O     . GLY A 1 92  ? -5.934  -1.732  -2.915  1.00 24.19  ? 77  GLY A O     1 
ATOM   608  N  N     . PHE A 1 93  ? -5.095  0.258   -3.693  1.00 26.97  ? 78  PHE A N     1 
ATOM   609  C  CA    . PHE A 1 93  ? -3.666  -0.132  -3.806  1.00 27.44  ? 78  PHE A CA    1 
ATOM   610  C  C     . PHE A 1 93  ? -2.805  0.843   -2.994  1.00 25.68  ? 78  PHE A C     1 
ATOM   611  O  O     . PHE A 1 93  ? -2.885  2.061   -3.200  1.00 25.91  ? 78  PHE A O     1 
ATOM   612  C  CB    . PHE A 1 93  ? -3.267  -0.176  -5.280  1.00 27.13  ? 78  PHE A CB    1 
ATOM   613  C  CG    . PHE A 1 93  ? -4.053  -1.193  -6.056  1.00 25.61  ? 78  PHE A CG    1 
ATOM   614  C  CD1   . PHE A 1 93  ? -5.309  -0.876  -6.522  1.00 24.28  ? 78  PHE A CD1   1 
ATOM   615  C  CD2   . PHE A 1 93  ? -3.557  -2.469  -6.243  1.00 23.92  ? 78  PHE A CD2   1 
ATOM   616  C  CE1   . PHE A 1 93  ? -6.082  -1.842  -7.139  1.00 25.59  ? 78  PHE A CE1   1 
ATOM   617  C  CE2   . PHE A 1 93  ? -4.306  -3.420  -6.906  1.00 26.31  ? 78  PHE A CE2   1 
ATOM   618  C  CZ    . PHE A 1 93  ? -5.566  -3.102  -7.352  1.00 25.63  ? 78  PHE A CZ    1 
ATOM   619  N  N     . LEU A 1 94  ? -2.026  0.279   -2.084  1.00 28.26  ? 79  LEU A N     1 
ATOM   620  C  CA    . LEU A 1 94  ? -0.953  0.967   -1.307  1.00 29.24  ? 79  LEU A CA    1 
ATOM   621  C  C     . LEU A 1 94  ? 0.337   0.820   -2.112  1.00 29.01  ? 79  LEU A C     1 
ATOM   622  O  O     . LEU A 1 94  ? 0.836   -0.290  -2.269  1.00 27.49  ? 79  LEU A O     1 
ATOM   623  C  CB    . LEU A 1 94  ? -0.850  0.293   0.060   1.00 30.68  ? 79  LEU A CB    1 
ATOM   624  C  CG    . LEU A 1 94  ? -0.682  1.198   1.262   1.00 33.59  ? 79  LEU A CG    1 
ATOM   625  C  CD1   . LEU A 1 94  ? -1.805  2.204   1.381   1.00 38.89  ? 79  LEU A CD1   1 
ATOM   626  C  CD2   . LEU A 1 94  ? -0.634  0.363   2.517   1.00 34.92  ? 79  LEU A CD2   1 
ATOM   627  N  N     . LEU A 1 95  ? 0.812   1.915   -2.675  1.00 27.73  ? 80  LEU A N     1 
ATOM   628  C  CA    . LEU A 1 95  ? 2.087   1.907   -3.422  1.00 29.20  ? 80  LEU A CA    1 
ATOM   629  C  C     . LEU A 1 95  ? 3.202   2.255   -2.435  1.00 26.03  ? 80  LEU A C     1 
ATOM   630  O  O     . LEU A 1 95  ? 3.266   3.412   -2.045  1.00 23.45  ? 80  LEU A O     1 
ATOM   631  C  CB    . LEU A 1 95  ? 1.976   2.934   -4.551  1.00 29.13  ? 80  LEU A CB    1 
ATOM   632  C  CG    . LEU A 1 95  ? 0.744   2.773   -5.435  1.00 32.36  ? 80  LEU A CG    1 
ATOM   633  C  CD1   . LEU A 1 95  ? 0.786   3.765   -6.581  1.00 36.10  ? 80  LEU A CD1   1 
ATOM   634  C  CD2   . LEU A 1 95  ? 0.631   1.342   -5.930  1.00 31.67  ? 80  LEU A CD2   1 
ATOM   635  N  N     . VAL A 1 96  ? 4.009   1.280   -2.049  1.00 22.15  ? 81  VAL A N     1 
ATOM   636  C  CA    . VAL A 1 96  ? 4.994   1.461   -0.955  1.00 23.87  ? 81  VAL A CA    1 
ATOM   637  C  C     . VAL A 1 96  ? 6.382   1.515   -1.576  1.00 26.00  ? 81  VAL A C     1 
ATOM   638  O  O     . VAL A 1 96  ? 6.726   0.589   -2.318  1.00 21.73  ? 81  VAL A O     1 
ATOM   639  C  CB    . VAL A 1 96  ? 4.911   0.338   0.081   1.00 24.22  ? 81  VAL A CB    1 
ATOM   640  C  CG1   . VAL A 1 96  ? 5.859   0.588   1.238   1.00 25.32  ? 81  VAL A CG1   1 
ATOM   641  C  CG2   . VAL A 1 96  ? 3.480   0.144   0.582   1.00 27.82  ? 81  VAL A CG2   1 
ATOM   642  N  N     . PHE A 1 97  ? 7.104   2.589   -1.294  1.00 26.09  ? 82  PHE A N     1 
ATOM   643  C  CA    . PHE A 1 97  ? 8.567   2.646   -1.469  1.00 27.77  ? 82  PHE A CA    1 
ATOM   644  C  C     . PHE A 1 97  ? 9.210   2.875   -0.099  1.00 28.24  ? 82  PHE A C     1 
ATOM   645  O  O     . PHE A 1 97  ? 8.497   3.218   0.842   1.00 29.83  ? 82  PHE A O     1 
ATOM   646  C  CB    . PHE A 1 97  ? 8.914   3.704   -2.508  1.00 22.58  ? 82  PHE A CB    1 
ATOM   647  C  CG    . PHE A 1 97  ? 8.748   5.105   -2.029  1.00 21.93  ? 82  PHE A CG    1 
ATOM   648  C  CD1   . PHE A 1 97  ? 7.525   5.715   -2.090  1.00 22.38  ? 82  PHE A CD1   1 
ATOM   649  C  CD2   . PHE A 1 97  ? 9.836   5.821   -1.576  1.00 21.61  ? 82  PHE A CD2   1 
ATOM   650  C  CE1   . PHE A 1 97  ? 7.369   7.009   -1.640  1.00 22.19  ? 82  PHE A CE1   1 
ATOM   651  C  CE2   . PHE A 1 97  ? 9.675   7.096   -1.092  1.00 21.21  ? 82  PHE A CE2   1 
ATOM   652  C  CZ    . PHE A 1 97  ? 8.444   7.700   -1.164  1.00 22.79  ? 82  PHE A CZ    1 
ATOM   653  N  N     . ALA A 1 98  ? 10.515  2.642   -0.001  1.00 26.52  ? 83  ALA A N     1 
ATOM   654  C  CA    . ALA A 1 98  ? 11.327  2.970   1.190   1.00 25.42  ? 83  ALA A CA    1 
ATOM   655  C  C     . ALA A 1 98  ? 12.104  4.258   0.879   1.00 25.28  ? 83  ALA A C     1 
ATOM   656  O  O     . ALA A 1 98  ? 12.671  4.358   -0.217  1.00 24.12  ? 83  ALA A O     1 
ATOM   657  C  CB    . ALA A 1 98  ? 12.215  1.809   1.533   1.00 23.69  ? 83  ALA A CB    1 
ATOM   658  N  N     . ILE A 1 99  ? 12.132  5.191   1.813   1.00 22.04  ? 84  ILE A N     1 
ATOM   659  C  CA    . ILE A 1 99  ? 12.806  6.459   1.624   1.00 26.25  ? 84  ILE A CA    1 
ATOM   660  C  C     . ILE A 1 99  ? 14.316  6.354   1.450   1.00 27.39  ? 84  ILE A C     1 
ATOM   661  O  O     . ILE A 1 99  ? 14.958  7.320   1.109   1.00 26.43  ? 84  ILE A O     1 
ATOM   662  C  CB    . ILE A 1 99  ? 12.477  7.443   2.758   1.00 27.82  ? 84  ILE A CB    1 
ATOM   663  C  CG1   . ILE A 1 99  ? 13.009  6.919   4.084   1.00 30.29  ? 84  ILE A CG1   1 
ATOM   664  C  CG2   . ILE A 1 99  ? 10.981  7.672   2.839   1.00 29.40  ? 84  ILE A CG2   1 
ATOM   665  C  CD1   . ILE A 1 99  ? 13.479  8.010   5.006   1.00 35.93  ? 84  ILE A CD1   1 
ATOM   666  N  N     . ASN A 1 100 ? 14.866  5.174   1.688   1.00 29.86  ? 85  ASN A N     1 
ATOM   667  C  CA    . ASN A 1 100 ? 16.291  4.941   1.525   1.00 31.85  ? 85  ASN A CA    1 
ATOM   668  C  C     . ASN A 1 100 ? 16.516  3.969   0.369   1.00 30.77  ? 85  ASN A C     1 
ATOM   669  O  O     . ASN A 1 100 ? 17.518  3.275   0.327   1.00 30.40  ? 85  ASN A O     1 
ATOM   670  C  CB    . ASN A 1 100 ? 16.900  4.364   2.804   1.00 28.58  ? 85  ASN A CB    1 
ATOM   671  C  CG    . ASN A 1 100 ? 16.458  2.944   3.068   1.00 28.54  ? 85  ASN A CG    1 
ATOM   672  O  OD1   . ASN A 1 100 ? 15.355  2.565   2.724   1.00 28.90  ? 85  ASN A OD1   1 
ATOM   673  N  ND2   . ASN A 1 100 ? 17.319  2.158   3.676   1.00 28.23  ? 85  ASN A ND2   1 
ATOM   674  N  N     . ASN A 1 101 ? 15.566  3.911   -0.554  1.00 26.21  ? 86  ASN A N     1 
ATOM   675  C  CA    . ASN A 1 101 ? 15.684  2.978   -1.706  1.00 26.53  ? 86  ASN A CA    1 
ATOM   676  C  C     . ASN A 1 101 ? 15.173  3.676   -2.968  1.00 28.49  ? 86  ASN A C     1 
ATOM   677  O  O     . ASN A 1 101 ? 13.966  3.623   -3.237  1.00 26.64  ? 86  ASN A O     1 
ATOM   678  C  CB    . ASN A 1 101 ? 15.017  1.637   -1.398  1.00 27.23  ? 86  ASN A CB    1 
ATOM   679  C  CG    . ASN A 1 101 ? 15.037  0.668   -2.559  1.00 30.81  ? 86  ASN A CG    1 
ATOM   680  O  OD1   . ASN A 1 101 ? 15.278  1.054   -3.693  1.00 35.36  ? 86  ASN A OD1   1 
ATOM   681  N  ND2   . ASN A 1 101 ? 14.767  -0.594  -2.285  1.00 33.94  ? 86  ASN A ND2   1 
ATOM   682  N  N     . THR A 1 102 ? 16.082  4.272   -3.722  1.00 27.45  ? 87  THR A N     1 
ATOM   683  C  CA    . THR A 1 102 ? 15.746  4.972   -4.942  1.00 29.80  ? 87  THR A CA    1 
ATOM   684  C  C     . THR A 1 102 ? 15.082  4.065   -5.978  1.00 28.11  ? 87  THR A C     1 
ATOM   685  O  O     . THR A 1 102 ? 14.176  4.498   -6.649  1.00 32.27  ? 87  THR A O     1 
ATOM   686  C  CB    . THR A 1 102 ? 16.966  5.701   -5.531  1.00 31.64  ? 87  THR A CB    1 
ATOM   687  O  OG1   . THR A 1 102 ? 17.500  6.589   -4.553  1.00 32.28  ? 87  THR A OG1   1 
ATOM   688  C  CG2   . THR A 1 102 ? 16.572  6.505   -6.740  1.00 33.65  ? 87  THR A CG2   1 
ATOM   689  N  N     . LYS A 1 103 ? 15.534  2.823   -6.109  1.00 24.79  ? 88  LYS A N     1 
ATOM   690  C  CA    . LYS A 1 103 ? 14.904  1.881   -7.053  1.00 31.98  ? 88  LYS A CA    1 
ATOM   691  C  C     . LYS A 1 103 ? 13.417  1.660   -6.671  1.00 34.32  ? 88  LYS A C     1 
ATOM   692  O  O     . LYS A 1 103 ? 12.558  1.662   -7.582  1.00 33.08  ? 88  LYS A O     1 
ATOM   693  C  CB    . LYS A 1 103 ? 15.691  0.577   -7.096  1.00 34.54  ? 88  LYS A CB    1 
ATOM   694  C  CG    . LYS A 1 103 ? 15.693  -0.132  -8.437  1.00 44.25  ? 88  LYS A CG    1 
ATOM   695  C  CD    . LYS A 1 103 ? 15.547  -1.653  -8.291  1.00 63.55  ? 88  LYS A CD    1 
ATOM   696  C  CE    . LYS A 1 103 ? 16.135  -2.462  -9.439  1.00 75.68  ? 88  LYS A CE    1 
ATOM   697  N  NZ    . LYS A 1 103 ? 15.229  -2.488  -10.608 1.00 85.20  ? 88  LYS A NZ    1 
ATOM   698  N  N     . SER A 1 104 ? 13.104  1.502   -5.380  1.00 29.55  ? 89  SER A N     1 
ATOM   699  C  CA    . SER A 1 104 ? 11.725  1.252   -4.882  1.00 27.28  ? 89  SER A CA    1 
ATOM   700  C  C     . SER A 1 104 ? 10.839  2.416   -5.295  1.00 23.69  ? 89  SER A C     1 
ATOM   701  O  O     . SER A 1 104 ? 9.671   2.198   -5.648  1.00 27.14  ? 89  SER A O     1 
ATOM   702  C  CB    . SER A 1 104 ? 11.691  1.042   -3.381  1.00 26.61  ? 89  SER A CB    1 
ATOM   703  O  OG    . SER A 1 104 ? 11.975  2.246   -2.685  1.00 24.21  ? 89  SER A OG    1 
ATOM   704  N  N     . PHE A 1 105 ? 11.376  3.621   -5.226  1.00 22.77  ? 90  PHE A N     1 
ATOM   705  C  CA    . PHE A 1 105 ? 10.664  4.860   -5.599  1.00 25.73  ? 90  PHE A CA    1 
ATOM   706  C  C     . PHE A 1 105 ? 10.397  4.871   -7.119  1.00 31.23  ? 90  PHE A C     1 
ATOM   707  O  O     . PHE A 1 105 ? 9.275   5.238   -7.540  1.00 31.26  ? 90  PHE A O     1 
ATOM   708  C  CB    . PHE A 1 105 ? 11.489  6.078   -5.211  1.00 24.40  ? 90  PHE A CB    1 
ATOM   709  C  CG    . PHE A 1 105 ? 10.774  7.354   -5.548  1.00 27.36  ? 90  PHE A CG    1 
ATOM   710  C  CD1   . PHE A 1 105 ? 9.543   7.643   -4.968  1.00 27.41  ? 90  PHE A CD1   1 
ATOM   711  C  CD2   . PHE A 1 105 ? 11.298  8.248   -6.464  1.00 25.99  ? 90  PHE A CD2   1 
ATOM   712  C  CE1   . PHE A 1 105 ? 8.885   8.827   -5.262  1.00 27.20  ? 90  PHE A CE1   1 
ATOM   713  C  CE2   . PHE A 1 105 ? 10.626  9.415   -6.774  1.00 28.29  ? 90  PHE A CE2   1 
ATOM   714  C  CZ    . PHE A 1 105 ? 9.414   9.699   -6.177  1.00 28.05  ? 90  PHE A CZ    1 
ATOM   715  N  N     . GLU A 1 106 ? 11.412  4.492   -7.889  1.00 29.81  ? 91  GLU A N     1 
ATOM   716  C  CA    . GLU A 1 106 ? 11.365  4.447   -9.344  1.00 32.29  ? 91  GLU A CA    1 
ATOM   717  C  C     . GLU A 1 106 ? 10.387  3.400   -9.855  1.00 29.21  ? 91  GLU A C     1 
ATOM   718  O  O     . GLU A 1 106 ? 9.779   3.583   -10.881 1.00 38.24  ? 91  GLU A O     1 
ATOM   719  C  CB    . GLU A 1 106 ? 12.770  4.219   -9.917  1.00 30.49  ? 91  GLU A CB    1 
ATOM   720  C  CG    . GLU A 1 106 ? 13.717  5.374   -9.636  1.00 32.14  ? 91  GLU A CG    1 
ATOM   721  C  CD    . GLU A 1 106 ? 15.165  5.134   -10.048 1.00 31.06  ? 91  GLU A CD    1 
ATOM   722  O  OE1   . GLU A 1 106 ? 15.889  6.128   -10.175 1.00 29.04  ? 91  GLU A OE1   1 
ATOM   723  O  OE2   . GLU A 1 106 ? 15.586  3.983   -10.241 1.00 25.79  ? 91  GLU A OE2   1 
ATOM   724  N  N     . ASP A 1 107 ? 10.260  2.302   -9.131  1.00 31.55  ? 92  ASP A N     1 
ATOM   725  C  CA    . ASP A 1 107 ? 9.328   1.211   -9.473  1.00 31.81  ? 92  ASP A CA    1 
ATOM   726  C  C     . ASP A 1 107 ? 7.852   1.608   -9.251  1.00 35.10  ? 92  ASP A C     1 
ATOM   727  O  O     . ASP A 1 107 ? 6.973   0.838   -9.662  1.00 37.52  ? 92  ASP A O     1 
ATOM   728  C  CB    . ASP A 1 107 ? 9.656   -0.033  -8.645  1.00 37.37  ? 92  ASP A CB    1 
ATOM   729  C  CG    . ASP A 1 107 ? 10.925  -0.794  -9.030  1.00 43.08  ? 92  ASP A CG    1 
ATOM   730  O  OD1   . ASP A 1 107 ? 11.448  -0.567  -10.160 1.00 41.58  ? 92  ASP A OD1   1 
ATOM   731  O  OD2   . ASP A 1 107 ? 11.383  -1.624  -8.191  1.00 42.92  ? 92  ASP A OD2   1 
ATOM   732  N  N     . ILE A 1 108 ? 7.563   2.732   -8.607  1.00 33.95  ? 93  ILE A N     1 
ATOM   733  C  CA    . ILE A 1 108 ? 6.174   3.190   -8.307  1.00 33.92  ? 93  ILE A CA    1 
ATOM   734  C  C     . ILE A 1 108 ? 5.399   3.362   -9.628  1.00 35.77  ? 93  ILE A C     1 
ATOM   735  O  O     . ILE A 1 108 ? 4.347   2.674   -9.811  1.00 31.57  ? 93  ILE A O     1 
ATOM   736  C  CB    . ILE A 1 108 ? 6.162   4.467   -7.444  1.00 30.83  ? 93  ILE A CB    1 
ATOM   737  C  CG1   . ILE A 1 108 ? 6.710   4.227   -6.029  1.00 35.42  ? 93  ILE A CG1   1 
ATOM   738  C  CG2   . ILE A 1 108 ? 4.767   5.052   -7.386  1.00 35.45  ? 93  ILE A CG2   1 
ATOM   739  C  CD1   . ILE A 1 108 ? 6.034   3.084   -5.278  1.00 35.47  ? 93  ILE A CD1   1 
ATOM   740  N  N     . HIS A 1 109 ? 5.924   4.151   -10.553 1.00 38.29  ? 94  HIS A N     1 
ATOM   741  C  CA    . HIS A 1 109 ? 5.259   4.336   -11.834 1.00 38.25  ? 94  HIS A CA    1 
ATOM   742  C  C     . HIS A 1 109 ? 4.912   3.021   -12.527 1.00 37.04  ? 94  HIS A C     1 
ATOM   743  O  O     . HIS A 1 109 ? 3.805   2.860   -13.007 1.00 36.22  ? 94  HIS A O     1 
ATOM   744  C  CB    . HIS A 1 109 ? 6.058   5.227   -12.765 1.00 39.61  ? 94  HIS A CB    1 
ATOM   745  C  CG    . HIS A 1 109 ? 5.213   5.903   -13.792 1.00 49.37  ? 94  HIS A CG    1 
ATOM   746  N  ND1   . HIS A 1 109 ? 4.530   7.069   -13.540 1.00 49.32  ? 94  HIS A ND1   1 
ATOM   747  C  CD2   . HIS A 1 109 ? 4.903   5.552   -15.061 1.00 46.67  ? 94  HIS A CD2   1 
ATOM   748  C  CE1   . HIS A 1 109 ? 3.856   7.424   -14.615 1.00 52.07  ? 94  HIS A CE1   1 
ATOM   749  N  NE2   . HIS A 1 109 ? 4.063   6.518   -15.552 1.00 54.39  ? 94  HIS A NE2   1 
ATOM   750  N  N     . HIS A 1 110 ? 5.841   2.086   -12.538 1.00 33.90  ? 95  HIS A N     1 
ATOM   751  C  CA    . HIS A 1 110 ? 5.578   0.807   -13.152 1.00 41.19  ? 95  HIS A CA    1 
ATOM   752  C  C     . HIS A 1 110 ? 4.362   0.134   -12.510 1.00 42.08  ? 95  HIS A C     1 
ATOM   753  O  O     . HIS A 1 110 ? 3.459   -0.301  -13.204 1.00 37.30  ? 95  HIS A O     1 
ATOM   754  C  CB    . HIS A 1 110 ? 6.810   -0.078  -13.055 1.00 49.11  ? 95  HIS A CB    1 
ATOM   755  C  CG    . HIS A 1 110 ? 6.569   -1.497  -13.452 1.00 65.62  ? 95  HIS A CG    1 
ATOM   756  N  ND1   . HIS A 1 110 ? 6.187   -1.859  -14.724 1.00 64.38  ? 95  HIS A ND1   1 
ATOM   757  C  CD2   . HIS A 1 110 ? 6.671   -2.646  -12.747 1.00 72.18  ? 95  HIS A CD2   1 
ATOM   758  C  CE1   . HIS A 1 110 ? 6.056   -3.170  -14.783 1.00 70.67  ? 95  HIS A CE1   1 
ATOM   759  N  NE2   . HIS A 1 110 ? 6.346   -3.672  -13.597 1.00 76.31  ? 95  HIS A NE2   1 
ATOM   760  N  N     . TYR A 1 111 ? 4.339   0.075   -11.181 1.00 40.13  ? 96  TYR A N     1 
ATOM   761  C  CA    . TYR A 1 111 ? 3.220   -0.563  -10.443 1.00 33.22  ? 96  TYR A CA    1 
ATOM   762  C  C     . TYR A 1 111 ? 1.931   0.192   -10.735 1.00 31.37  ? 96  TYR A C     1 
ATOM   763  O  O     . TYR A 1 111 ? 0.967   -0.445  -11.047 1.00 35.37  ? 96  TYR A O     1 
ATOM   764  C  CB    . TYR A 1 111 ? 3.494   -0.624  -8.950  1.00 32.93  ? 96  TYR A CB    1 
ATOM   765  C  CG    . TYR A 1 111 ? 4.509   -1.653  -8.551  1.00 30.43  ? 96  TYR A CG    1 
ATOM   766  C  CD1   . TYR A 1 111 ? 4.334   -3.001  -8.800  1.00 29.99  ? 96  TYR A CD1   1 
ATOM   767  C  CD2   . TYR A 1 111 ? 5.654   -1.259  -7.874  1.00 35.02  ? 96  TYR A CD2   1 
ATOM   768  C  CE1   . TYR A 1 111 ? 5.265   -3.936  -8.363  1.00 36.39  ? 96  TYR A CE1   1 
ATOM   769  C  CE2   . TYR A 1 111 ? 6.597   -2.174  -7.445  1.00 31.25  ? 96  TYR A CE2   1 
ATOM   770  C  CZ    . TYR A 1 111 ? 6.408   -3.510  -7.681  1.00 34.49  ? 96  TYR A CZ    1 
ATOM   771  O  OH    . TYR A 1 111 ? 7.389   -4.346  -7.225  1.00 38.36  ? 96  TYR A OH    1 
ATOM   772  N  N     . ARG A 1 112 ? 1.936   1.512   -10.722 1.00 31.04  ? 97  ARG A N     1 
ATOM   773  C  CA    . ARG A 1 112 ? 0.694   2.287   -10.968 1.00 34.97  ? 97  ARG A CA    1 
ATOM   774  C  C     . ARG A 1 112 ? 0.126   1.997   -12.358 1.00 40.46  ? 97  ARG A C     1 
ATOM   775  O  O     . ARG A 1 112 ? -1.108  2.027   -12.480 1.00 38.45  ? 97  ARG A O     1 
ATOM   776  C  CB    . ARG A 1 112 ? 0.886   3.798   -10.849 1.00 33.92  ? 97  ARG A CB    1 
ATOM   777  C  CG    . ARG A 1 112 ? -0.393  4.570   -11.124 1.00 35.61  ? 97  ARG A CG    1 
ATOM   778  C  CD    . ARG A 1 112 ? -0.385  5.969   -10.583 1.00 38.70  ? 97  ARG A CD    1 
ATOM   779  N  NE    . ARG A 1 112 ? -1.142  6.972   -11.341 1.00 44.01  ? 97  ARG A NE    1 
ATOM   780  C  CZ    . ARG A 1 112 ? -0.810  7.420   -12.560 1.00 50.19  ? 97  ARG A CZ    1 
ATOM   781  N  NH1   . ARG A 1 112 ? 0.200   6.886   -13.240 1.00 52.42  ? 97  ARG A NH1   1 
ATOM   782  N  NH2   . ARG A 1 112 ? -1.506  8.403   -13.108 1.00 52.58  ? 97  ARG A NH2   1 
ATOM   783  N  N     . GLU A 1 113 ? 0.972   1.827   -13.368 1.00 42.03  ? 98  GLU A N     1 
ATOM   784  C  CA    . GLU A 1 113 ? 0.503   1.576   -14.724 1.00 50.80  ? 98  GLU A CA    1 
ATOM   785  C  C     . GLU A 1 113 ? -0.088  0.182   -14.832 1.00 49.00  ? 98  GLU A C     1 
ATOM   786  O  O     . GLU A 1 113 ? -1.159  0.013   -15.387 1.00 52.30  ? 98  GLU A O     1 
ATOM   787  C  CB    . GLU A 1 113 ? 1.603   1.815   -15.762 1.00 55.72  ? 98  GLU A CB    1 
ATOM   788  C  CG    . GLU A 1 113 ? 1.917   3.287   -16.017 1.00 64.96  ? 98  GLU A CG    1 
ATOM   789  C  CD    . GLU A 1 113 ? 0.755   4.073   -16.606 1.00 69.82  ? 98  GLU A CD    1 
ATOM   790  O  OE1   . GLU A 1 113 ? 0.142   3.607   -17.581 1.00 75.82  ? 98  GLU A OE1   1 
ATOM   791  O  OE2   . GLU A 1 113 ? 0.455   5.173   -16.106 1.00 64.83  ? 98  GLU A OE2   1 
ATOM   792  N  N     . GLN A 1 114 ? 0.622   -0.813  -14.318 1.00 42.47  ? 99  GLN A N     1 
ATOM   793  C  CA    . GLN A 1 114 ? 0.083   -2.195  -14.284 1.00 41.95  ? 99  GLN A CA    1 
ATOM   794  C  C     . GLN A 1 114 ? -1.334  -2.180  -13.694 1.00 43.04  ? 99  GLN A C     1 
ATOM   795  O  O     . GLN A 1 114 ? -2.215  -2.796  -14.274 1.00 43.29  ? 99  GLN A O     1 
ATOM   796  C  CB    . GLN A 1 114 ? 1.021   -3.126  -13.536 1.00 40.64  ? 99  GLN A CB    1 
ATOM   797  C  CG    . GLN A 1 114 ? 2.323   -3.358  -14.275 1.00 44.83  ? 99  GLN A CG    1 
ATOM   798  C  CD    . GLN A 1 114 ? 2.133   -3.801  -15.708 1.00 50.12  ? 99  GLN A CD    1 
ATOM   799  O  OE1   . GLN A 1 114 ? 1.779   -3.011  -16.575 1.00 53.59  ? 99  GLN A OE1   1 
ATOM   800  N  NE2   . GLN A 1 114 ? 2.405   -5.062  -15.986 1.00 53.85  ? 99  GLN A NE2   1 
ATOM   801  N  N     . ILE A 1 115 ? -1.556  -1.398  -12.648 1.00 38.88  ? 100 ILE A N     1 
ATOM   802  C  CA    . ILE A 1 115 ? -2.865  -1.300  -11.963 1.00 38.18  ? 100 ILE A CA    1 
ATOM   803  C  C     . ILE A 1 115 ? -3.860  -0.555  -12.857 1.00 38.78  ? 100 ILE A C     1 
ATOM   804  O  O     . ILE A 1 115 ? -5.022  -0.965  -12.883 1.00 39.74  ? 100 ILE A O     1 
ATOM   805  C  CB    . ILE A 1 115 ? -2.706  -0.622  -10.595 1.00 33.94  ? 100 ILE A CB    1 
ATOM   806  C  CG1   . ILE A 1 115 ? -1.852  -1.475  -9.653  1.00 36.44  ? 100 ILE A CG1   1 
ATOM   807  C  CG2   . ILE A 1 115 ? -4.077  -0.349  -10.012 1.00 35.46  ? 100 ILE A CG2   1 
ATOM   808  C  CD1   . ILE A 1 115 ? -1.387  -0.735  -8.403  1.00 34.50  ? 100 ILE A CD1   1 
ATOM   809  N  N     . LYS A 1 116 ? -3.463  0.550   -13.475 1.00 39.41  ? 101 LYS A N     1 
ATOM   810  C  CA    . LYS A 1 116 ? -4.329  1.311   -14.407 1.00 41.86  ? 101 LYS A CA    1 
ATOM   811  C  C     . LYS A 1 116 ? -4.779  0.353   -15.520 1.00 42.68  ? 101 LYS A C     1 
ATOM   812  O  O     . LYS A 1 116 ? -5.970  0.355   -15.834 1.00 44.23  ? 101 LYS A O     1 
ATOM   813  C  CB    . LYS A 1 116 ? -3.589  2.511   -14.990 1.00 48.71  ? 101 LYS A CB    1 
ATOM   814  C  CG    . LYS A 1 116 ? -3.799  3.837   -14.271 1.00 58.05  ? 101 LYS A CG    1 
ATOM   815  C  CD    . LYS A 1 116 ? -2.963  4.924   -14.902 1.00 64.54  ? 101 LYS A CD    1 
ATOM   816  C  CE    . LYS A 1 116 ? -3.574  6.303   -14.793 1.00 78.16  ? 101 LYS A CE    1 
ATOM   817  N  NZ    . LYS A 1 116 ? -2.839  7.283   -15.638 1.00 85.81  ? 101 LYS A NZ    1 
ATOM   818  N  N     . ARG A 1 117 ? -3.856  -0.462  -16.028 1.00 37.70  ? 102 ARG A N     1 
ATOM   819  C  CA    . ARG A 1 117 ? -4.070  -1.452  -17.103 1.00 44.69  ? 102 ARG A CA    1 
ATOM   820  C  C     . ARG A 1 117 ? -5.173  -2.466  -16.725 1.00 49.39  ? 102 ARG A C     1 
ATOM   821  O  O     . ARG A 1 117 ? -6.183  -2.546  -17.480 1.00 52.28  ? 102 ARG A O     1 
ATOM   822  C  CB    . ARG A 1 117 ? -2.735  -2.128  -17.414 1.00 43.41  ? 102 ARG A CB    1 
ATOM   823  C  CG    . ARG A 1 117 ? -2.805  -3.137  -18.548 1.00 50.78  ? 102 ARG A CG    1 
ATOM   824  C  CD    . ARG A 1 117 ? -1.466  -3.782  -18.828 1.00 54.30  ? 102 ARG A CD    1 
ATOM   825  N  NE    . ARG A 1 117 ? -0.920  -4.538  -17.701 1.00 60.59  ? 102 ARG A NE    1 
ATOM   826  C  CZ    . ARG A 1 117 ? -1.022  -5.851  -17.523 1.00 61.89  ? 102 ARG A CZ    1 
ATOM   827  N  NH1   . ARG A 1 117 ? -0.456  -6.429  -16.478 1.00 57.74  ? 102 ARG A NH1   1 
ATOM   828  N  NH2   . ARG A 1 117 ? -1.678  -6.591  -18.395 1.00 71.03  ? 102 ARG A NH2   1 
ATOM   829  N  N     . VAL A 1 118 ? -4.999  -3.221  -15.630 1.00 43.35  ? 103 VAL A N     1 
ATOM   830  C  CA    . VAL A 1 118 ? -5.920  -4.323  -15.240 1.00 43.50  ? 103 VAL A CA    1 
ATOM   831  C  C     . VAL A 1 118 ? -7.280  -3.743  -14.867 1.00 39.75  ? 103 VAL A C     1 
ATOM   832  O  O     . VAL A 1 118 ? -8.268  -4.372  -15.194 1.00 49.06  ? 103 VAL A O     1 
ATOM   833  C  CB    . VAL A 1 118 ? -5.362  -5.203  -14.111 1.00 52.28  ? 103 VAL A CB    1 
ATOM   834  C  CG1   . VAL A 1 118 ? -4.037  -5.821  -14.517 1.00 53.80  ? 103 VAL A CG1   1 
ATOM   835  C  CG2   . VAL A 1 118 ? -5.242  -4.446  -12.800 1.00 51.67  ? 103 VAL A CG2   1 
ATOM   836  N  N     . LYS A 1 119 ? -7.336  -2.600  -14.213 1.00 37.84  ? 104 LYS A N     1 
ATOM   837  C  CA    . LYS A 1 119 ? -8.599  -1.995  -13.766 1.00 43.89  ? 104 LYS A CA    1 
ATOM   838  C  C     . LYS A 1 119 ? -9.270  -1.321  -14.971 1.00 59.00  ? 104 LYS A C     1 
ATOM   839  O  O     . LYS A 1 119 ? -10.434 -0.903  -14.840 1.00 63.93  ? 104 LYS A O     1 
ATOM   840  C  CB    . LYS A 1 119 ? -8.341  -1.008  -12.625 1.00 42.85  ? 104 LYS A CB    1 
ATOM   841  C  CG    . LYS A 1 119 ? -7.662  -1.564  -11.374 1.00 43.23  ? 104 LYS A CG    1 
ATOM   842  C  CD    . LYS A 1 119 ? -8.485  -2.485  -10.500 1.00 39.78  ? 104 LYS A CD    1 
ATOM   843  C  CE    . LYS A 1 119 ? -9.648  -1.783  -9.838  1.00 41.42  ? 104 LYS A CE    1 
ATOM   844  N  NZ    . LYS A 1 119 ? -10.622 -2.776  -9.341  1.00 42.31  ? 104 LYS A NZ    1 
ATOM   845  N  N     . ASP A 1 120 ? -8.555  -1.143  -16.090 1.00 73.40  ? 105 ASP A N     1 
ATOM   846  C  CA    . ASP A 1 120 ? -9.169  -0.485  -17.281 1.00 86.23  ? 105 ASP A CA    1 
ATOM   847  C  C     . ASP A 1 120 ? -9.837  0.812   -16.825 1.00 76.68  ? 105 ASP A C     1 
ATOM   848  O  O     . ASP A 1 120 ? -11.059 0.919   -16.975 1.00 75.69  ? 105 ASP A O     1 
ATOM   849  C  CB    . ASP A 1 120 ? -10.184 -1.391  -17.979 1.00 102.46 ? 105 ASP A CB    1 
ATOM   850  C  CG    . ASP A 1 120 ? -10.744 -0.772  -19.246 1.00 110.14 ? 105 ASP A CG    1 
ATOM   851  O  OD1   . ASP A 1 120 ? -10.323 0.352   -19.584 1.00 114.89 ? 105 ASP A OD1   1 
ATOM   852  O  OD2   . ASP A 1 120 ? -11.603 -1.414  -19.879 1.00 101.74 ? 105 ASP A OD2   1 
ATOM   853  N  N     . SER A 1 121 ? -9.053  1.741   -16.277 1.00 74.33  ? 106 SER A N     1 
ATOM   854  C  CA    . SER A 1 121 ? -9.604  2.953   -15.604 1.00 71.17  ? 106 SER A CA    1 
ATOM   855  C  C     . SER A 1 121 ? -8.479  3.892   -15.153 1.00 75.86  ? 106 SER A C     1 
ATOM   856  O  O     . SER A 1 121 ? -7.379  3.396   -14.835 1.00 76.24  ? 106 SER A O     1 
ATOM   857  C  CB    . SER A 1 121 ? -10.479 2.603   -14.421 1.00 69.15  ? 106 SER A CB    1 
ATOM   858  O  OG    . SER A 1 121 ? -10.970 3.790   -13.808 1.00 62.70  ? 106 SER A OG    1 
ATOM   859  N  N     . GLU A 1 122 ? -8.780  5.198   -15.102 1.00 79.58  ? 107 GLU A N     1 
ATOM   860  C  CA    . GLU A 1 122 ? -7.847  6.294   -14.709 1.00 84.86  ? 107 GLU A CA    1 
ATOM   861  C  C     . GLU A 1 122 ? -8.059  6.642   -13.232 1.00 80.49  ? 107 GLU A C     1 
ATOM   862  O  O     . GLU A 1 122 ? -7.079  7.101   -12.609 1.00 83.61  ? 107 GLU A O     1 
ATOM   863  C  CB    . GLU A 1 122 ? -8.040  7.544   -15.582 1.00 88.92  ? 107 GLU A CB    1 
ATOM   864  C  CG    . GLU A 1 122 ? -7.605  7.364   -17.031 1.00 93.64  ? 107 GLU A CG    1 
ATOM   865  C  CD    . GLU A 1 122 ? -6.104  7.216   -17.243 1.00 97.05  ? 107 GLU A CD    1 
ATOM   866  O  OE1   . GLU A 1 122 ? -5.682  6.244   -17.928 1.00 87.49  ? 107 GLU A OE1   1 
ATOM   867  O  OE2   . GLU A 1 122 ? -5.358  8.076   -16.725 1.00 92.25  ? 107 GLU A OE2   1 
ATOM   868  N  N     . ASP A 1 123 ? -9.280  6.461   -12.705 1.00 74.93  ? 108 ASP A N     1 
ATOM   869  C  CA    . ASP A 1 123 ? -9.572  6.595   -11.254 1.00 70.55  ? 108 ASP A CA    1 
ATOM   870  C  C     . ASP A 1 123 ? -9.499  5.216   -10.591 1.00 59.10  ? 108 ASP A C     1 
ATOM   871  O  O     . ASP A 1 123 ? -10.496 4.468   -10.598 1.00 68.02  ? 108 ASP A O     1 
ATOM   872  C  CB    . ASP A 1 123 ? -10.913 7.266   -10.953 1.00 77.99  ? 108 ASP A CB    1 
ATOM   873  C  CG    . ASP A 1 123 ? -11.113 7.543   -9.462  1.00 88.97  ? 108 ASP A CG    1 
ATOM   874  O  OD1   . ASP A 1 123 ? -10.231 7.146   -8.647  1.00 89.68  ? 108 ASP A OD1   1 
ATOM   875  O  OD2   . ASP A 1 123 ? -12.158 8.140   -9.106  1.00 98.53  ? 108 ASP A OD2   1 
ATOM   876  N  N     . VAL A 1 124 ? -8.341  4.902   -10.032 1.00 46.13  ? 109 VAL A N     1 
ATOM   877  C  CA    . VAL A 1 124 ? -8.157  3.753   -9.113  1.00 43.08  ? 109 VAL A CA    1 
ATOM   878  C  C     . VAL A 1 124 ? -7.764  4.356   -7.776  1.00 39.59  ? 109 VAL A C     1 
ATOM   879  O  O     . VAL A 1 124 ? -6.882  5.196   -7.738  1.00 45.42  ? 109 VAL A O     1 
ATOM   880  C  CB    . VAL A 1 124 ? -7.136  2.736   -9.652  1.00 41.04  ? 109 VAL A CB    1 
ATOM   881  C  CG1   . VAL A 1 124 ? -6.858  1.627   -8.656  1.00 44.14  ? 109 VAL A CG1   1 
ATOM   882  C  CG2   . VAL A 1 124 ? -7.594  2.149   -10.969 1.00 38.52  ? 109 VAL A CG2   1 
ATOM   883  N  N     . PRO A 1 125 ? -8.456  4.014   -6.660  1.00 42.42  ? 110 PRO A N     1 
ATOM   884  C  CA    . PRO A 1 125 ? -8.008  4.401   -5.317  1.00 39.14  ? 110 PRO A CA    1 
ATOM   885  C  C     . PRO A 1 125 ? -6.598  3.879   -4.961  1.00 33.74  ? 110 PRO A C     1 
ATOM   886  O  O     . PRO A 1 125 ? -6.335  2.682   -4.990  1.00 30.12  ? 110 PRO A O     1 
ATOM   887  C  CB    . PRO A 1 125 ? -9.060  3.758   -4.406  1.00 43.18  ? 110 PRO A CB    1 
ATOM   888  C  CG    . PRO A 1 125 ? -10.263 3.564   -5.297  1.00 41.52  ? 110 PRO A CG    1 
ATOM   889  C  CD    . PRO A 1 125 ? -9.665  3.181   -6.621  1.00 41.35  ? 110 PRO A CD    1 
ATOM   890  N  N     . MET A 1 126 ? -5.693  4.813   -4.687  1.00 32.40  ? 111 MET A N     1 
ATOM   891  C  CA    . MET A 1 126 ? -4.257  4.545   -4.457  1.00 31.26  ? 111 MET A CA    1 
ATOM   892  C  C     . MET A 1 126 ? -3.767  5.579   -3.462  1.00 25.35  ? 111 MET A C     1 
ATOM   893  O  O     . MET A 1 126 ? -4.260  6.729   -3.476  1.00 20.50  ? 111 MET A O     1 
ATOM   894  C  CB    . MET A 1 126 ? -3.416  4.688   -5.726  1.00 33.07  ? 111 MET A CB    1 
ATOM   895  C  CG    . MET A 1 126 ? -3.616  3.567   -6.702  1.00 40.83  ? 111 MET A CG    1 
ATOM   896  S  SD    . MET A 1 126 ? -2.677  3.871   -8.218  1.00 43.19  ? 111 MET A SD    1 
ATOM   897  C  CE    . MET A 1 126 ? -3.150  2.464   -9.213  1.00 49.53  ? 111 MET A CE    1 
ATOM   898  N  N     . VAL A 1 127 ? -2.827  5.143   -2.647  1.00 23.38  ? 112 VAL A N     1 
ATOM   899  C  CA    . VAL A 1 127 ? -2.032  5.992   -1.731  1.00 23.82  ? 112 VAL A CA    1 
ATOM   900  C  C     . VAL A 1 127 ? -0.561  5.631   -1.951  1.00 22.64  ? 112 VAL A C     1 
ATOM   901  O  O     . VAL A 1 127 ? -0.203  4.457   -2.010  1.00 23.36  ? 112 VAL A O     1 
ATOM   902  C  CB    . VAL A 1 127 ? -2.481  5.807   -0.269  1.00 25.24  ? 112 VAL A CB    1 
ATOM   903  C  CG1   . VAL A 1 127 ? -1.592  6.569   0.723   1.00 25.37  ? 112 VAL A CG1   1 
ATOM   904  C  CG2   . VAL A 1 127 ? -3.933  6.225   -0.058  1.00 25.36  ? 112 VAL A CG2   1 
ATOM   905  N  N     . LEU A 1 128 ? 0.254   6.651   -2.059  1.00 23.79  ? 113 LEU A N     1 
ATOM   906  C  CA    . LEU A 1 128 ? 1.727   6.547   -2.034  1.00 23.17  ? 113 LEU A CA    1 
ATOM   907  C  C     . LEU A 1 128 ? 2.163   6.567   -0.568  1.00 22.51  ? 113 LEU A C     1 
ATOM   908  O  O     . LEU A 1 128 ? 1.759   7.470   0.173   1.00 21.13  ? 113 LEU A O     1 
ATOM   909  C  CB    . LEU A 1 128 ? 2.285   7.747   -2.811  1.00 24.84  ? 113 LEU A CB    1 
ATOM   910  C  CG    . LEU A 1 128 ? 3.795   7.815   -3.046  1.00 25.50  ? 113 LEU A CG    1 
ATOM   911  C  CD1   . LEU A 1 128 ? 4.277   6.693   -3.931  1.00 24.61  ? 113 LEU A CD1   1 
ATOM   912  C  CD2   . LEU A 1 128 ? 4.137   9.166   -3.668  1.00 26.54  ? 113 LEU A CD2   1 
ATOM   913  N  N     . VAL A 1 129 ? 2.990   5.604   -0.216  1.00 21.37  ? 114 VAL A N     1 
ATOM   914  C  CA    . VAL A 1 129 ? 3.567   5.399   1.131   1.00 23.12  ? 114 VAL A CA    1 
ATOM   915  C  C     . VAL A 1 129 ? 5.095   5.397   1.000   1.00 23.77  ? 114 VAL A C     1 
ATOM   916  O  O     . VAL A 1 129 ? 5.637   4.516   0.296   1.00 25.29  ? 114 VAL A O     1 
ATOM   917  C  CB    . VAL A 1 129 ? 3.023   4.075   1.696   1.00 22.02  ? 114 VAL A CB    1 
ATOM   918  C  CG1   . VAL A 1 129 ? 3.690   3.701   2.999   1.00 22.14  ? 114 VAL A CG1   1 
ATOM   919  C  CG2   . VAL A 1 129 ? 1.506   4.104   1.821   1.00 22.82  ? 114 VAL A CG2   1 
ATOM   920  N  N     . GLY A 1 130 ? 5.758   6.331   1.661   1.00 22.40  ? 115 GLY A N     1 
ATOM   921  C  CA    . GLY A 1 130 ? 7.202   6.277   1.924   1.00 23.20  ? 115 GLY A CA    1 
ATOM   922  C  C     . GLY A 1 130 ? 7.480   5.714   3.301   1.00 22.17  ? 115 GLY A C     1 
ATOM   923  O  O     . GLY A 1 130 ? 7.272   6.450   4.300   1.00 25.78  ? 115 GLY A O     1 
ATOM   924  N  N     . ASN A 1 131 ? 7.891   4.454   3.347   1.00 20.39  ? 116 ASN A N     1 
ATOM   925  C  CA    . ASN A 1 131 ? 8.165   3.672   4.568   1.00 21.13  ? 116 ASN A CA    1 
ATOM   926  C  C     . ASN A 1 131 ? 9.625   3.840   5.014   1.00 22.91  ? 116 ASN A C     1 
ATOM   927  O  O     . ASN A 1 131 ? 10.420  4.354   4.231   1.00 23.54  ? 116 ASN A O     1 
ATOM   928  C  CB    . ASN A 1 131 ? 7.860   2.209   4.336   1.00 21.95  ? 116 ASN A CB    1 
ATOM   929  C  CG    . ASN A 1 131 ? 7.804   1.466   5.646   1.00 22.71  ? 116 ASN A CG    1 
ATOM   930  O  OD1   . ASN A 1 131 ? 7.340   2.016   6.642   1.00 23.48  ? 116 ASN A OD1   1 
ATOM   931  N  ND2   . ASN A 1 131 ? 8.247   0.226   5.649   1.00 24.91  ? 116 ASN A ND2   1 
ATOM   932  N  N     . LYS A 1 132 ? 9.930   3.424   6.244   1.00 25.80  ? 117 LYS A N     1 
ATOM   933  C  CA    . LYS A 1 132 ? 11.238  3.515   6.934   1.00 24.87  ? 117 LYS A CA    1 
ATOM   934  C  C     . LYS A 1 132 ? 11.597  4.989   7.203   1.00 26.39  ? 117 LYS A C     1 
ATOM   935  O  O     . LYS A 1 132 ? 12.781  5.319   7.133   1.00 32.18  ? 117 LYS A O     1 
ATOM   936  C  CB    . LYS A 1 132 ? 12.323  2.810   6.108   1.00 24.56  ? 117 LYS A CB    1 
ATOM   937  C  CG    . LYS A 1 132 ? 11.927  1.443   5.584   1.00 22.96  ? 117 LYS A CG    1 
ATOM   938  C  CD    . LYS A 1 132 ? 13.069  0.590   5.208   1.00 24.47  ? 117 LYS A CD    1 
ATOM   939  C  CE    . LYS A 1 132 ? 12.590  -0.754  4.695   1.00 28.72  ? 117 LYS A CE    1 
ATOM   940  N  NZ    . LYS A 1 132 ? 13.700  -1.612  4.207   1.00 27.61  ? 117 LYS A NZ    1 
ATOM   941  N  N     . SER A 1 133 ? 10.642  5.838   7.541   1.00 26.84  ? 118 SER A N     1 
ATOM   942  C  CA    . SER A 1 133 ? 10.861  7.271   7.884   1.00 29.10  ? 118 SER A CA    1 
ATOM   943  C  C     . SER A 1 133 ? 11.695  7.401   9.156   1.00 31.03  ? 118 SER A C     1 
ATOM   944  O  O     . SER A 1 133 ? 12.121  8.519   9.474   1.00 34.04  ? 118 SER A O     1 
ATOM   945  C  CB    . SER A 1 133 ? 9.555   7.991   8.104   1.00 34.16  ? 118 SER A CB    1 
ATOM   946  O  OG    . SER A 1 133 ? 8.968   7.607   9.366   1.00 35.74  ? 118 SER A OG    1 
ATOM   947  N  N     . ASP A 1 134 ? 11.822  6.335   9.931   1.00 30.37  ? 119 ASP A N     1 
ATOM   948  C  CA    . ASP A 1 134 ? 12.675  6.334   11.132  1.00 32.23  ? 119 ASP A CA    1 
ATOM   949  C  C     . ASP A 1 134 ? 14.152  6.434   10.742  1.00 37.69  ? 119 ASP A C     1 
ATOM   950  O  O     . ASP A 1 134 ? 14.931  6.843   11.582  1.00 39.29  ? 119 ASP A O     1 
ATOM   951  C  CB    . ASP A 1 134 ? 12.428  5.053   11.919  1.00 34.20  ? 119 ASP A CB    1 
ATOM   952  C  CG    . ASP A 1 134 ? 12.551  3.800   11.083  1.00 34.78  ? 119 ASP A CG    1 
ATOM   953  O  OD1   . ASP A 1 134 ? 11.617  3.521   10.290  1.00 32.04  ? 119 ASP A OD1   1 
ATOM   954  O  OD2   . ASP A 1 134 ? 13.563  3.121   11.240  1.00 30.46  ? 119 ASP A OD2   1 
ATOM   955  N  N     . LEU A 1 135 ? 14.537  6.015   9.536   1.00 38.96  ? 120 LEU A N     1 
ATOM   956  C  CA    . LEU A 1 135 ? 15.962  5.927   9.121   1.00 36.66  ? 120 LEU A CA    1 
ATOM   957  C  C     . LEU A 1 135 ? 16.532  7.318   8.923   1.00 40.38  ? 120 LEU A C     1 
ATOM   958  O  O     . LEU A 1 135 ? 15.812  8.213   8.505   1.00 41.70  ? 120 LEU A O     1 
ATOM   959  C  CB    . LEU A 1 135 ? 16.093  5.151   7.815   1.00 34.50  ? 120 LEU A CB    1 
ATOM   960  C  CG    . LEU A 1 135 ? 15.859  3.659   7.929   1.00 37.88  ? 120 LEU A CG    1 
ATOM   961  C  CD1   . LEU A 1 135 ? 16.043  3.008   6.565   1.00 40.80  ? 120 LEU A CD1   1 
ATOM   962  C  CD2   . LEU A 1 135 ? 16.786  3.030   8.963   1.00 39.26  ? 120 LEU A CD2   1 
ATOM   963  N  N     . PRO A 1 136 ? 17.837  7.479   9.158   1.00 49.91  ? 121 PRO A N     1 
ATOM   964  C  CA    . PRO A 1 136 ? 18.522  8.743   8.906   1.00 54.52  ? 121 PRO A CA    1 
ATOM   965  C  C     . PRO A 1 136 ? 19.041  8.830   7.469   1.00 50.95  ? 121 PRO A C     1 
ATOM   966  O  O     . PRO A 1 136 ? 19.240  9.922   6.964   1.00 56.50  ? 121 PRO A O     1 
ATOM   967  C  CB    . PRO A 1 136 ? 19.664  8.706   9.907   1.00 58.23  ? 121 PRO A CB    1 
ATOM   968  C  CG    . PRO A 1 136 ? 19.997  7.262   10.004  1.00 59.91  ? 121 PRO A CG    1 
ATOM   969  C  CD    . PRO A 1 136 ? 18.726  6.494   9.788   1.00 53.44  ? 121 PRO A CD    1 
ATOM   970  N  N     . SER A 1 137 ? 19.294  7.704   6.822   1.00 58.34  ? 122 SER A N     1 
ATOM   971  C  CA    . SER A 1 137 ? 19.840  7.741   5.466   1.00 63.93  ? 122 SER A CA    1 
ATOM   972  C  C     . SER A 1 137 ? 18.832  7.835   4.325   1.00 63.33  ? 122 SER A C     1 
ATOM   973  O  O     . SER A 1 137 ? 18.789  6.951   3.485   1.00 55.16  ? 122 SER A O     1 
ATOM   974  C  CB    . SER A 1 137 ? 20.727  6.516   5.236   1.00 63.39  ? 122 SER A CB    1 
ATOM   975  O  OG    . SER A 1 137 ? 19.990  5.323   5.392   1.00 56.48  ? 122 SER A OG    1 
ATOM   976  N  N     . ARG A 1 138 ? 18.101  8.941   4.234   1.00 51.55  ? 123 ARG A N     1 
ATOM   977  C  CA    . ARG A 1 138 ? 17.094  9.124   3.190   1.00 49.22  ? 123 ARG A CA    1 
ATOM   978  C  C     . ARG A 1 138 ? 17.604  9.566   1.813   1.00 48.03  ? 123 ARG A C     1 
ATOM   979  O  O     . ARG A 1 138 ? 18.101  10.672  1.673   1.00 54.23  ? 123 ARG A O     1 
ATOM   980  C  CB    . ARG A 1 138 ? 16.044  10.127  3.666   1.00 49.67  ? 123 ARG A CB    1 
ATOM   981  C  CG    . ARG A 1 138 ? 15.357  10.869  2.539   1.00 50.61  ? 123 ARG A CG    1 
ATOM   982  C  CD    . ARG A 1 138 ? 14.645  12.132  2.996   1.00 54.51  ? 123 ARG A CD    1 
ATOM   983  N  NE    . ARG A 1 138 ? 13.764  11.910  4.133   1.00 62.73  ? 123 ARG A NE    1 
ATOM   984  C  CZ    . ARG A 1 138 ? 12.452  11.713  4.057   1.00 56.87  ? 123 ARG A CZ    1 
ATOM   985  N  NH1   . ARG A 1 138 ? 11.754  11.524  5.159   1.00 53.60  ? 123 ARG A NH1   1 
ATOM   986  N  NH2   . ARG A 1 138 ? 11.835  11.700  2.892   1.00 59.96  ? 123 ARG A NH2   1 
ATOM   987  N  N     . THR A 1 139 ? 17.405  8.735   0.799   1.00 41.06  ? 124 THR A N     1 
ATOM   988  C  CA    . THR A 1 139 ? 17.825  9.081   -0.551  1.00 41.95  ? 124 THR A CA    1 
ATOM   989  C  C     . THR A 1 139 ? 16.694  9.642   -1.407  1.00 40.06  ? 124 THR A C     1 
ATOM   990  O  O     . THR A 1 139 ? 16.937  10.151  -2.482  1.00 36.83  ? 124 THR A O     1 
ATOM   991  C  CB    . THR A 1 139 ? 18.456  7.897   -1.282  1.00 43.46  ? 124 THR A CB    1 
ATOM   992  O  OG1   . THR A 1 139 ? 17.627  6.744   -1.116  1.00 46.96  ? 124 THR A OG1   1 
ATOM   993  C  CG2   . THR A 1 139 ? 19.828  7.622   -0.737  1.00 42.72  ? 124 THR A CG2   1 
ATOM   994  N  N     . VAL A 1 140 ? 15.460  9.522   -0.937  1.00 35.50  ? 125 VAL A N     1 
ATOM   995  C  CA    . VAL A 1 140 ? 14.271  10.076  -1.659  1.00 34.26  ? 125 VAL A CA    1 
ATOM   996  C  C     . VAL A 1 140 ? 13.677  11.200  -0.807  1.00 34.97  ? 125 VAL A C     1 
ATOM   997  O  O     . VAL A 1 140 ? 13.164  10.881  0.263   1.00 37.13  ? 125 VAL A O     1 
ATOM   998  C  CB    . VAL A 1 140 ? 13.223  8.981   -1.916  1.00 32.34  ? 125 VAL A CB    1 
ATOM   999  C  CG1   . VAL A 1 140 ? 12.069  9.461   -2.766  1.00 30.18  ? 125 VAL A CG1   1 
ATOM   1000 C  CG2   . VAL A 1 140 ? 13.846  7.722   -2.493  1.00 31.39  ? 125 VAL A CG2   1 
ATOM   1001 N  N     . ASP A 1 141 ? 13.681  12.436  -1.294  1.00 34.24  ? 126 ASP A N     1 
ATOM   1002 C  CA    . ASP A 1 141 ? 13.240  13.630  -0.530  1.00 42.26  ? 126 ASP A CA    1 
ATOM   1003 C  C     . ASP A 1 141 ? 11.721  13.622  -0.417  1.00 39.86  ? 126 ASP A C     1 
ATOM   1004 O  O     . ASP A 1 141 ? 11.063  13.254  -1.413  1.00 37.37  ? 126 ASP A O     1 
ATOM   1005 C  CB    . ASP A 1 141 ? 13.665  14.938  -1.213  1.00 53.72  ? 126 ASP A CB    1 
ATOM   1006 C  CG    . ASP A 1 141 ? 15.174  15.115  -1.361  1.00 67.67  ? 126 ASP A CG    1 
ATOM   1007 O  OD1   . ASP A 1 141 ? 15.937  14.607  -0.474  1.00 73.68  ? 126 ASP A OD1   1 
ATOM   1008 O  OD2   . ASP A 1 141 ? 15.589  15.745  -2.377  1.00 76.77  ? 126 ASP A OD2   1 
ATOM   1009 N  N     . THR A 1 142 ? 11.197  14.133  0.694   1.00 38.53  ? 127 THR A N     1 
ATOM   1010 C  CA    . THR A 1 142 ? 9.732   14.237  0.893   1.00 38.56  ? 127 THR A CA    1 
ATOM   1011 C  C     . THR A 1 142 ? 9.121   15.038  -0.259  1.00 37.29  ? 127 THR A C     1 
ATOM   1012 O  O     . THR A 1 142 ? 8.035   14.669  -0.710  1.00 40.01  ? 127 THR A O     1 
ATOM   1013 C  CB    . THR A 1 142 ? 9.420   14.945  2.214   1.00 41.01  ? 127 THR A CB    1 
ATOM   1014 O  OG1   . THR A 1 142 ? 9.884   14.121  3.280   1.00 64.26  ? 127 THR A OG1   1 
ATOM   1015 C  CG2   . THR A 1 142 ? 7.949   15.240  2.395   1.00 41.09  ? 127 THR A CG2   1 
ATOM   1016 N  N     . LYS A 1 143 ? 9.816   16.079  -0.723  1.00 42.48  ? 128 LYS A N     1 
ATOM   1017 C  CA    . LYS A 1 143 ? 9.292   16.977  -1.802  1.00 46.05  ? 128 LYS A CA    1 
ATOM   1018 C  C     . LYS A 1 143 ? 9.152   16.202  -3.115  1.00 38.21  ? 128 LYS A C     1 
ATOM   1019 O  O     . LYS A 1 143 ? 8.167   16.426  -3.808  1.00 44.78  ? 128 LYS A O     1 
ATOM   1020 C  CB    . LYS A 1 143 ? 10.136  18.238  -2.011  1.00 53.83  ? 128 LYS A CB    1 
ATOM   1021 C  CG    . LYS A 1 143 ? 9.553   19.206  -3.035  1.00 66.71  ? 128 LYS A CG    1 
ATOM   1022 C  CD    . LYS A 1 143 ? 10.341  20.489  -3.264  1.00 75.74  ? 128 LYS A CD    1 
ATOM   1023 C  CE    . LYS A 1 143 ? 10.187  21.043  -4.673  1.00 78.86  ? 128 LYS A CE    1 
ATOM   1024 N  NZ    . LYS A 1 143 ? 8.826   21.579  -4.918  1.00 80.87  ? 128 LYS A NZ    1 
ATOM   1025 N  N     . GLN A 1 144 ? 10.059  15.286  -3.415  1.00 33.76  ? 129 GLN A N     1 
ATOM   1026 C  CA    . GLN A 1 144 ? 9.999   14.407  -4.615  1.00 38.13  ? 129 GLN A CA    1 
ATOM   1027 C  C     . GLN A 1 144 ? 8.720   13.539  -4.593  1.00 38.00  ? 129 GLN A C     1 
ATOM   1028 O  O     . GLN A 1 144 ? 8.080   13.380  -5.636  1.00 35.96  ? 129 GLN A O     1 
ATOM   1029 C  CB    . GLN A 1 144 ? 11.187  13.431  -4.627  1.00 40.33  ? 129 GLN A CB    1 
ATOM   1030 C  CG    . GLN A 1 144 ? 12.274  13.693  -5.659  1.00 48.68  ? 129 GLN A CG    1 
ATOM   1031 C  CD    . GLN A 1 144 ? 13.436  12.735  -5.455  1.00 54.64  ? 129 GLN A CD    1 
ATOM   1032 O  OE1   . GLN A 1 144 ? 14.040  12.619  -4.375  1.00 45.22  ? 129 GLN A OE1   1 
ATOM   1033 N  NE2   . GLN A 1 144 ? 13.757  12.012  -6.512  1.00 57.65  ? 129 GLN A NE2   1 
ATOM   1034 N  N     . ALA A 1 145 ? 8.450   12.860  -3.481  1.00 36.80  ? 130 ALA A N     1 
ATOM   1035 C  CA    . ALA A 1 145 ? 7.272   11.974  -3.325  1.00 37.14  ? 130 ALA A CA    1 
ATOM   1036 C  C     . ALA A 1 145 ? 5.992   12.816  -3.317  1.00 32.66  ? 130 ALA A C     1 
ATOM   1037 O  O     . ALA A 1 145 ? 5.039   12.388  -3.974  1.00 30.57  ? 130 ALA A O     1 
ATOM   1038 C  CB    . ALA A 1 145 ? 7.386   11.148  -2.089  1.00 33.57  ? 130 ALA A CB    1 
ATOM   1039 N  N     . GLN A 1 146 ? 5.961   13.956  -2.628  1.00 31.97  ? 131 GLN A N     1 
ATOM   1040 C  CA    . GLN A 1 146 ? 4.762   14.835  -2.648  1.00 37.66  ? 131 GLN A CA    1 
ATOM   1041 C  C     . GLN A 1 146 ? 4.436   15.122  -4.116  1.00 41.13  ? 131 GLN A C     1 
ATOM   1042 O  O     . GLN A 1 146 ? 3.309   14.828  -4.553  1.00 42.94  ? 131 GLN A O     1 
ATOM   1043 C  CB    . GLN A 1 146 ? 4.965   16.155  -1.907  1.00 39.27  ? 131 GLN A CB    1 
ATOM   1044 C  CG    . GLN A 1 146 ? 4.456   16.154  -0.480  1.00 45.86  ? 131 GLN A CG    1 
ATOM   1045 C  CD    . GLN A 1 146 ? 5.242   17.056  0.444   1.00 52.11  ? 131 GLN A CD    1 
ATOM   1046 O  OE1   . GLN A 1 146 ? 6.279   17.626  0.110   1.00 55.27  ? 131 GLN A OE1   1 
ATOM   1047 N  NE2   . GLN A 1 146 ? 4.748   17.175  1.660   1.00 57.70  ? 131 GLN A NE2   1 
ATOM   1048 N  N     . ASP A 1 147 ? 5.412   15.676  -4.823  1.00 40.86  ? 132 ASP A N     1 
ATOM   1049 C  CA    . ASP A 1 147 ? 5.297   16.039  -6.221  1.00 42.47  ? 132 ASP A CA    1 
ATOM   1050 C  C     . ASP A 1 147 ? 4.760   14.916  -7.079  1.00 37.54  ? 132 ASP A C     1 
ATOM   1051 O  O     . ASP A 1 147 ? 3.914   15.151  -7.919  1.00 37.04  ? 132 ASP A O     1 
ATOM   1052 C  CB    . ASP A 1 147 ? 6.647   16.501  -6.766  1.00 51.31  ? 132 ASP A CB    1 
ATOM   1053 C  CG    . ASP A 1 147 ? 6.981   17.925  -6.377  1.00 56.77  ? 132 ASP A CG    1 
ATOM   1054 O  OD1   . ASP A 1 147 ? 6.091   18.648  -5.897  1.00 52.16  ? 132 ASP A OD1   1 
ATOM   1055 O  OD2   . ASP A 1 147 ? 8.143   18.322  -6.553  1.00 64.62  ? 132 ASP A OD2   1 
ATOM   1056 N  N     . LEU A 1 148 ? 5.271   13.707  -6.890  1.00 32.41  ? 133 LEU A N     1 
ATOM   1057 C  CA    . LEU A 1 148 ? 4.779   12.554  -7.679  1.00 33.80  ? 133 LEU A CA    1 
ATOM   1058 C  C     . LEU A 1 148 ? 3.298   12.332  -7.326  1.00 37.41  ? 133 LEU A C     1 
ATOM   1059 O  O     . LEU A 1 148 ? 2.471   12.200  -8.250  1.00 37.44  ? 133 LEU A O     1 
ATOM   1060 C  CB    . LEU A 1 148 ? 5.614   11.313  -7.379  1.00 35.18  ? 133 LEU A CB    1 
ATOM   1061 C  CG    . LEU A 1 148 ? 5.275   10.082  -8.227  1.00 35.24  ? 133 LEU A CG    1 
ATOM   1062 C  CD1   . LEU A 1 148 ? 5.605   10.307  -9.706  1.00 37.12  ? 133 LEU A CD1   1 
ATOM   1063 C  CD2   . LEU A 1 148 ? 5.999   8.852   -7.731  1.00 34.55  ? 133 LEU A CD2   1 
ATOM   1064 N  N     . ALA A 1 149 ? 2.968   12.309  -6.032  1.00 37.47  ? 134 ALA A N     1 
ATOM   1065 C  CA    . ALA A 1 149 ? 1.589   12.050  -5.538  1.00 40.52  ? 134 ALA A CA    1 
ATOM   1066 C  C     . ALA A 1 149 ? 0.654   13.134  -6.089  1.00 38.01  ? 134 ALA A C     1 
ATOM   1067 O  O     . ALA A 1 149 ? -0.440  12.767  -6.446  1.00 37.68  ? 134 ALA A O     1 
ATOM   1068 C  CB    . ALA A 1 149 ? 1.527   11.994  -4.027  1.00 37.41  ? 134 ALA A CB    1 
ATOM   1069 N  N     . ARG A 1 150 ? 1.093   14.397  -6.163  1.00 39.60  ? 135 ARG A N     1 
ATOM   1070 C  CA    . ARG A 1 150 ? 0.311   15.532  -6.728  1.00 44.92  ? 135 ARG A CA    1 
ATOM   1071 C  C     . ARG A 1 150 ? 0.067   15.277  -8.218  1.00 44.90  ? 135 ARG A C     1 
ATOM   1072 O  O     . ARG A 1 150 ? -1.061  15.404  -8.690  1.00 43.35  ? 135 ARG A O     1 
ATOM   1073 C  CB    . ARG A 1 150 ? 1.055   16.852  -6.509  1.00 57.95  ? 135 ARG A CB    1 
ATOM   1074 C  CG    . ARG A 1 150 ? 0.223   18.097  -6.791  1.00 66.49  ? 135 ARG A CG    1 
ATOM   1075 C  CD    . ARG A 1 150 ? 0.963   19.412  -6.571  1.00 72.21  ? 135 ARG A CD    1 
ATOM   1076 N  NE    . ARG A 1 150 ? 1.274   19.644  -5.157  1.00 88.46  ? 135 ARG A NE    1 
ATOM   1077 C  CZ    . ARG A 1 150 ? 2.492   19.569  -4.592  1.00 90.04  ? 135 ARG A CZ    1 
ATOM   1078 N  NH1   . ARG A 1 150 ? 2.625   19.799  -3.290  1.00 81.02  ? 135 ARG A NH1   1 
ATOM   1079 N  NH2   . ARG A 1 150 ? 3.564   19.274  -5.319  1.00 75.66  ? 135 ARG A NH2   1 
ATOM   1080 N  N     . SER A 1 151 ? 1.079   14.829  -8.934  1.00 43.93  ? 136 SER A N     1 
ATOM   1081 C  CA    . SER A 1 151 ? 0.926   14.524  -10.374 1.00 44.83  ? 136 SER A CA    1 
ATOM   1082 C  C     . SER A 1 151 ? -0.052  13.346  -10.544 1.00 38.70  ? 136 SER A C     1 
ATOM   1083 O  O     . SER A 1 151 ? -0.822  13.350  -11.488 1.00 38.80  ? 136 SER A O     1 
ATOM   1084 C  CB    . SER A 1 151 ? 2.280   14.320  -11.027 1.00 43.33  ? 136 SER A CB    1 
ATOM   1085 O  OG    . SER A 1 151 ? 2.939   13.195  -10.490 1.00 49.54  ? 136 SER A OG    1 
ATOM   1086 N  N     . TYR A 1 152 ? -0.090  12.379  -9.635  1.00 40.09  ? 137 TYR A N     1 
ATOM   1087 C  CA    . TYR A 1 152 ? -1.085  11.276  -9.705  1.00 39.24  ? 137 TYR A CA    1 
ATOM   1088 C  C     . TYR A 1 152 ? -2.435  11.744  -9.140  1.00 33.56  ? 137 TYR A C     1 
ATOM   1089 O  O     . TYR A 1 152 ? -3.412  11.078  -9.375  1.00 34.68  ? 137 TYR A O     1 
ATOM   1090 C  CB    . TYR A 1 152 ? -0.596  10.019  -8.984  1.00 37.01  ? 137 TYR A CB    1 
ATOM   1091 C  CG    . TYR A 1 152 ? 0.634   9.333   -9.534  1.00 38.68  ? 137 TYR A CG    1 
ATOM   1092 C  CD1   . TYR A 1 152 ? 1.109   9.532   -10.823 1.00 41.76  ? 137 TYR A CD1   1 
ATOM   1093 C  CD2   . TYR A 1 152 ? 1.309   8.411   -8.740  1.00 43.64  ? 137 TYR A CD2   1 
ATOM   1094 C  CE1   . TYR A 1 152 ? 2.232   8.864   -11.289 1.00 40.18  ? 137 TYR A CE1   1 
ATOM   1095 C  CE2   . TYR A 1 152 ? 2.441   7.747   -9.176  1.00 42.96  ? 137 TYR A CE2   1 
ATOM   1096 C  CZ    . TYR A 1 152 ? 2.903   7.972   -10.457 1.00 44.66  ? 137 TYR A CZ    1 
ATOM   1097 O  OH    . TYR A 1 152 ? 3.974   7.235   -10.870 1.00 41.08  ? 137 TYR A OH    1 
ATOM   1098 N  N     . GLY A 1 153 ? -2.478  12.842  -8.403  1.00 34.46  ? 138 GLY A N     1 
ATOM   1099 C  CA    . GLY A 1 153 ? -3.659  13.259  -7.614  1.00 34.43  ? 138 GLY A CA    1 
ATOM   1100 C  C     . GLY A 1 153 ? -4.061  12.209  -6.585  1.00 37.25  ? 138 GLY A C     1 
ATOM   1101 O  O     . GLY A 1 153 ? -5.276  11.939  -6.412  1.00 35.07  ? 138 GLY A O     1 
ATOM   1102 N  N     . ILE A 1 154 ? -3.075  11.634  -5.895  1.00 35.64  ? 139 ILE A N     1 
ATOM   1103 C  CA    . ILE A 1 154 ? -3.322  10.695  -4.769  1.00 30.74  ? 139 ILE A CA    1 
ATOM   1104 C  C     . ILE A 1 154 ? -2.649  11.221  -3.501  1.00 31.64  ? 139 ILE A C     1 
ATOM   1105 O  O     . ILE A 1 154 ? -1.795  12.105  -3.553  1.00 32.54  ? 139 ILE A O     1 
ATOM   1106 C  CB    . ILE A 1 154 ? -2.851  9.298   -5.178  1.00 32.12  ? 139 ILE A CB    1 
ATOM   1107 C  CG1   . ILE A 1 154 ? -1.323  9.194   -5.249  1.00 27.48  ? 139 ILE A CG1   1 
ATOM   1108 C  CG2   . ILE A 1 154 ? -3.531  8.889   -6.494  1.00 31.51  ? 139 ILE A CG2   1 
ATOM   1109 C  CD1   . ILE A 1 154 ? -0.853  7.791   -5.648  1.00 26.22  ? 139 ILE A CD1   1 
ATOM   1110 N  N     . PRO A 1 155 ? -3.094  10.770  -2.310  1.00 28.44  ? 140 PRO A N     1 
ATOM   1111 C  CA    . PRO A 1 155 ? -2.417  11.118  -1.072  1.00 32.10  ? 140 PRO A CA    1 
ATOM   1112 C  C     . PRO A 1 155 ? -1.039  10.443  -0.947  1.00 30.11  ? 140 PRO A C     1 
ATOM   1113 O  O     . PRO A 1 155 ? -0.776  9.371   -1.487  1.00 31.01  ? 140 PRO A O     1 
ATOM   1114 C  CB    . PRO A 1 155 ? -3.384  10.641  0.047   1.00 30.57  ? 140 PRO A CB    1 
ATOM   1115 C  CG    . PRO A 1 155 ? -4.713  10.400  -0.658  1.00 27.69  ? 140 PRO A CG    1 
ATOM   1116 C  CD    . PRO A 1 155 ? -4.322  9.994   -2.064  1.00 29.62  ? 140 PRO A CD    1 
ATOM   1117 N  N     . PHE A 1 156 ? -0.186  11.095  -0.180  1.00 30.34  ? 141 PHE A N     1 
ATOM   1118 C  CA    . PHE A 1 156 ? 1.172   10.616  0.159   1.00 28.63  ? 141 PHE A CA    1 
ATOM   1119 C  C     . PHE A 1 156 ? 1.273   10.623  1.675   1.00 26.57  ? 141 PHE A C     1 
ATOM   1120 O  O     . PHE A 1 156 ? 0.917   11.623  2.235   1.00 23.35  ? 141 PHE A O     1 
ATOM   1121 C  CB    . PHE A 1 156 ? 2.245   11.478  -0.505  1.00 25.38  ? 141 PHE A CB    1 
ATOM   1122 C  CG    . PHE A 1 156 ? 3.622   11.247  0.052   1.00 25.86  ? 141 PHE A CG    1 
ATOM   1123 C  CD1   . PHE A 1 156 ? 4.186   9.987   0.020   1.00 26.56  ? 141 PHE A CD1   1 
ATOM   1124 C  CD2   . PHE A 1 156 ? 4.316   12.260  0.677   1.00 26.28  ? 141 PHE A CD2   1 
ATOM   1125 C  CE1   . PHE A 1 156 ? 5.436   9.755   0.571   1.00 26.40  ? 141 PHE A CE1   1 
ATOM   1126 C  CE2   . PHE A 1 156 ? 5.584   12.044  1.185   1.00 28.83  ? 141 PHE A CE2   1 
ATOM   1127 C  CZ    . PHE A 1 156 ? 6.131   10.783  1.168   1.00 27.97  ? 141 PHE A CZ    1 
ATOM   1128 N  N     . ILE A 1 157 ? 1.737   9.529   2.267   1.00 26.24  ? 142 ILE A N     1 
ATOM   1129 C  CA    . ILE A 1 157 ? 1.928   9.351   3.735   1.00 30.18  ? 142 ILE A CA    1 
ATOM   1130 C  C     . ILE A 1 157 ? 3.369   8.837   3.922   1.00 28.90  ? 142 ILE A C     1 
ATOM   1131 O  O     . ILE A 1 157 ? 3.734   7.881   3.216   1.00 25.26  ? 142 ILE A O     1 
ATOM   1132 C  CB    . ILE A 1 157 ? 0.912   8.320   4.297   1.00 31.35  ? 142 ILE A CB    1 
ATOM   1133 C  CG1   . ILE A 1 157 ? -0.544  8.521   3.829   1.00 39.39  ? 142 ILE A CG1   1 
ATOM   1134 C  CG2   . ILE A 1 157 ? 1.011   8.246   5.798   1.00 29.60  ? 142 ILE A CG2   1 
ATOM   1135 C  CD1   . ILE A 1 157 ? -1.275  9.714   4.441   1.00 41.50  ? 142 ILE A CD1   1 
ATOM   1136 N  N     . GLU A 1 158 ? 4.148   9.399   4.845   1.00 26.53  ? 143 GLU A N     1 
ATOM   1137 C  CA    . GLU A 1 158 ? 5.424   8.787   5.287   1.00 28.85  ? 143 GLU A CA    1 
ATOM   1138 C  C     . GLU A 1 158 ? 5.145   7.938   6.522   1.00 23.60  ? 143 GLU A C     1 
ATOM   1139 O  O     . GLU A 1 158 ? 4.380   8.348   7.341   1.00 24.03  ? 143 GLU A O     1 
ATOM   1140 C  CB    . GLU A 1 158 ? 6.452   9.854   5.586   1.00 34.40  ? 143 GLU A CB    1 
ATOM   1141 C  CG    . GLU A 1 158 ? 6.941   10.509  4.324   1.00 45.07  ? 143 GLU A CG    1 
ATOM   1142 C  CD    . GLU A 1 158 ? 8.204   11.356  4.484   1.00 50.55  ? 143 GLU A CD    1 
ATOM   1143 O  OE1   . GLU A 1 158 ? 8.950   11.178  5.486   1.00 53.35  ? 143 GLU A OE1   1 
ATOM   1144 O  OE2   . GLU A 1 158 ? 8.448   12.183  3.589   1.00 52.34  ? 143 GLU A OE2   1 
ATOM   1145 N  N     . THR A 1 159 ? 5.698   6.750   6.584   1.00 21.43  ? 144 THR A N     1 
ATOM   1146 C  CA    . THR A 1 159 ? 5.394   5.768   7.621   1.00 20.78  ? 144 THR A CA    1 
ATOM   1147 C  C     . THR A 1 159 ? 6.696   5.238   8.162   1.00 21.13  ? 144 THR A C     1 
ATOM   1148 O  O     . THR A 1 159 ? 7.721   5.345   7.458   1.00 26.03  ? 144 THR A O     1 
ATOM   1149 C  CB    . THR A 1 159 ? 4.500   4.645   7.069   1.00 23.16  ? 144 THR A CB    1 
ATOM   1150 O  OG1   . THR A 1 159 ? 5.268   3.788   6.207   1.00 22.69  ? 144 THR A OG1   1 
ATOM   1151 C  CG2   . THR A 1 159 ? 3.270   5.207   6.387   1.00 23.60  ? 144 THR A CG2   1 
ATOM   1152 N  N     . SER A 1 160 ? 6.622   4.583   9.306   1.00 21.72  ? 145 SER A N     1 
ATOM   1153 C  CA    . SER A 1 160 ? 7.657   3.649   9.794   1.00 22.48  ? 145 SER A CA    1 
ATOM   1154 C  C     . SER A 1 160 ? 6.939   2.446   10.371  1.00 23.62  ? 145 SER A C     1 
ATOM   1155 O  O     . SER A 1 160 ? 6.243   2.609   11.388  1.00 21.24  ? 145 SER A O     1 
ATOM   1156 C  CB    . SER A 1 160 ? 8.566   4.313   10.821  1.00 26.13  ? 145 SER A CB    1 
ATOM   1157 O  OG    . SER A 1 160 ? 9.376   3.337   11.466  1.00 23.68  ? 145 SER A OG    1 
ATOM   1158 N  N     . ALA A 1 161 ? 7.073   1.288   9.745   1.00 24.60  ? 146 ALA A N     1 
ATOM   1159 C  CA    . ALA A 1 161 ? 6.556   0.027   10.314  1.00 25.52  ? 146 ALA A CA    1 
ATOM   1160 C  C     . ALA A 1 161 ? 7.274   -0.263  11.639  1.00 30.06  ? 146 ALA A C     1 
ATOM   1161 O  O     . ALA A 1 161 ? 6.715   -0.942  12.499  1.00 30.76  ? 146 ALA A O     1 
ATOM   1162 C  CB    . ALA A 1 161 ? 6.755   -1.101  9.360   1.00 25.34  ? 146 ALA A CB    1 
ATOM   1163 N  N     . LYS A 1 162 ? 8.520   0.173   11.768  1.00 31.19  ? 147 LYS A N     1 
ATOM   1164 C  CA    . LYS A 1 162 ? 9.339   -0.119  12.962  1.00 34.21  ? 147 LYS A CA    1 
ATOM   1165 C  C     . LYS A 1 162 ? 8.774   0.643   14.174  1.00 33.31  ? 147 LYS A C     1 
ATOM   1166 O  O     . LYS A 1 162 ? 8.697   0.033   15.234  1.00 32.75  ? 147 LYS A O     1 
ATOM   1167 C  CB    . LYS A 1 162 ? 10.794  0.256   12.671  1.00 37.41  ? 147 LYS A CB    1 
ATOM   1168 C  CG    . LYS A 1 162 ? 11.768  0.046   13.814  1.00 40.83  ? 147 LYS A CG    1 
ATOM   1169 C  CD    . LYS A 1 162 ? 13.187  0.222   13.350  1.00 47.81  ? 147 LYS A CD    1 
ATOM   1170 C  CE    . LYS A 1 162 ? 14.184  -0.223  14.387  1.00 52.06  ? 147 LYS A CE    1 
ATOM   1171 N  NZ    . LYS A 1 162 ? 14.271  0.820   15.430  1.00 56.14  ? 147 LYS A NZ    1 
ATOM   1172 N  N     . THR A 1 163 ? 8.471   1.940   14.047  1.00 30.75  ? 148 THR A N     1 
ATOM   1173 C  CA    . THR A 1 163 ? 8.020   2.774   15.185  1.00 32.29  ? 148 THR A CA    1 
ATOM   1174 C  C     . THR A 1 163 ? 6.492   2.834   15.220  1.00 31.99  ? 148 THR A C     1 
ATOM   1175 O  O     . THR A 1 163 ? 5.951   3.424   16.158  1.00 28.67  ? 148 THR A O     1 
ATOM   1176 C  CB    . THR A 1 163 ? 8.619   4.180   15.118  1.00 35.36  ? 148 THR A CB    1 
ATOM   1177 O  OG1   . THR A 1 163 ? 7.995   4.903   14.058  1.00 32.99  ? 148 THR A OG1   1 
ATOM   1178 C  CG2   . THR A 1 163 ? 10.126  4.159   14.965  1.00 38.33  ? 148 THR A CG2   1 
ATOM   1179 N  N     . ARG A 1 164 ? 5.851   2.324   14.173  1.00 33.41  ? 149 ARG A N     1 
ATOM   1180 C  CA    A ARG A 1 164 ? 4.376   2.333   13.946  0.50 32.69  ? 149 ARG A CA    1 
ATOM   1181 C  CA    B ARG A 1 164 ? 4.378   2.330   13.946  0.50 32.48  ? 149 ARG A CA    1 
ATOM   1182 C  C     . ARG A 1 164 ? 3.858   3.716   13.508  1.00 29.85  ? 149 ARG A C     1 
ATOM   1183 O  O     . ARG A 1 164 ? 2.665   3.817   13.169  1.00 35.40  ? 149 ARG A O     1 
ATOM   1184 C  CB    A ARG A 1 164 ? 3.615   1.821   15.168  0.50 32.87  ? 149 ARG A CB    1 
ATOM   1185 C  CB    B ARG A 1 164 ? 3.655   1.762   15.166  0.50 32.30  ? 149 ARG A CB    1 
ATOM   1186 C  CG    A ARG A 1 164 ? 2.199   1.393   14.813  0.50 36.61  ? 149 ARG A CG    1 
ATOM   1187 C  CG    B ARG A 1 164 ? 2.513   0.847   14.756  0.50 35.98  ? 149 ARG A CG    1 
ATOM   1188 C  CD    A ARG A 1 164 ? 1.771   0.138   15.553  0.50 39.43  ? 149 ARG A CD    1 
ATOM   1189 C  CD    B ARG A 1 164 ? 1.738   0.237   15.910  0.50 37.19  ? 149 ARG A CD    1 
ATOM   1190 N  NE    A ARG A 1 164 ? 0.631   -0.537  14.944  0.50 38.14  ? 149 ARG A NE    1 
ATOM   1191 N  NE    B ARG A 1 164 ? 2.463   -0.759  16.690  0.50 35.66  ? 149 ARG A NE    1 
ATOM   1192 C  CZ    A ARG A 1 164 ? -0.593  -0.038  14.911  0.50 37.43  ? 149 ARG A CZ    1 
ATOM   1193 C  CZ    B ARG A 1 164 ? 2.917   -0.550  17.912  0.50 33.86  ? 149 ARG A CZ    1 
ATOM   1194 N  NH1   A ARG A 1 164 ? -0.827  1.151   15.436  0.50 35.95  ? 149 ARG A NH1   1 
ATOM   1195 N  NH1   B ARG A 1 164 ? 2.766   0.640   18.469  0.50 33.79  ? 149 ARG A NH1   1 
ATOM   1196 N  NH2   A ARG A 1 164 ? -1.575  -0.729  14.357  0.50 40.45  ? 149 ARG A NH2   1 
ATOM   1197 N  NH2   B ARG A 1 164 ? 3.530   -1.522  18.558  0.50 32.40  ? 149 ARG A NH2   1 
ATOM   1198 N  N     . GLN A 1 165 ? 4.696   4.737   13.444  1.00 27.33  ? 150 GLN A N     1 
ATOM   1199 C  CA    . GLN A 1 165 ? 4.280   6.081   12.959  1.00 28.96  ? 150 GLN A CA    1 
ATOM   1200 C  C     . GLN A 1 165 ? 3.626   5.959   11.574  1.00 28.01  ? 150 GLN A C     1 
ATOM   1201 O  O     . GLN A 1 165 ? 4.278   5.458   10.612  1.00 25.02  ? 150 GLN A O     1 
ATOM   1202 C  CB    . GLN A 1 165 ? 5.473   7.056   12.922  1.00 34.38  ? 150 GLN A CB    1 
ATOM   1203 C  CG    . GLN A 1 165 ? 5.801   7.781   14.244  1.00 37.86  ? 150 GLN A CG    1 
ATOM   1204 C  CD    . GLN A 1 165 ? 4.685   8.661   14.791  1.00 43.30  ? 150 GLN A CD    1 
ATOM   1205 O  OE1   . GLN A 1 165 ? 4.415   9.782   14.318  1.00 49.35  ? 150 GLN A OE1   1 
ATOM   1206 N  NE2   . GLN A 1 165 ? 4.016   8.156   15.815  1.00 36.81  ? 150 GLN A NE2   1 
ATOM   1207 N  N     . GLY A 1 166 ? 2.371   6.382   11.464  1.00 24.61  ? 151 GLY A N     1 
ATOM   1208 C  CA    . GLY A 1 166 ? 1.655   6.538   10.190  1.00 25.46  ? 151 GLY A CA    1 
ATOM   1209 C  C     . GLY A 1 166 ? 1.073   5.246   9.625   1.00 23.27  ? 151 GLY A C     1 
ATOM   1210 O  O     . GLY A 1 166 ? 0.492   5.296   8.552   1.00 23.16  ? 151 GLY A O     1 
ATOM   1211 N  N     . VAL A 1 167 ? 1.189   4.109   10.294  1.00 23.70  ? 152 VAL A N     1 
ATOM   1212 C  CA    . VAL A 1 167 ? 0.780   2.819   9.673   1.00 25.97  ? 152 VAL A CA    1 
ATOM   1213 C  C     . VAL A 1 167 ? -0.743  2.777   9.479   1.00 29.27  ? 152 VAL A C     1 
ATOM   1214 O  O     . VAL A 1 167 ? -1.195  2.509   8.313   1.00 27.16  ? 152 VAL A O     1 
ATOM   1215 C  CB    . VAL A 1 167 ? 1.260   1.606   10.476  1.00 27.62  ? 152 VAL A CB    1 
ATOM   1216 C  CG1   . VAL A 1 167 ? 0.656   0.342   9.867   1.00 28.32  ? 152 VAL A CG1   1 
ATOM   1217 C  CG2   . VAL A 1 167 ? 2.800   1.527   10.559  1.00 27.15  ? 152 VAL A CG2   1 
ATOM   1218 N  N     . ASP A 1 168 ? -1.508  2.985   10.563  1.00 26.61  ? 153 ASP A N     1 
ATOM   1219 C  CA    . ASP A 1 168 ? -2.995  2.967   10.544  1.00 30.14  ? 153 ASP A CA    1 
ATOM   1220 C  C     . ASP A 1 168 ? -3.435  4.022   9.517   1.00 28.48  ? 153 ASP A C     1 
ATOM   1221 O  O     . ASP A 1 168 ? -4.281  3.724   8.697   1.00 28.29  ? 153 ASP A O     1 
ATOM   1222 C  CB    . ASP A 1 168 ? -3.601  3.116   11.964  1.00 33.84  ? 153 ASP A CB    1 
ATOM   1223 C  CG    . ASP A 1 168 ? -3.303  1.953   12.943  1.00 44.44  ? 153 ASP A CG    1 
ATOM   1224 O  OD1   . ASP A 1 168 ? -3.173  0.800   12.476  1.00 51.21  ? 153 ASP A OD1   1 
ATOM   1225 O  OD2   . ASP A 1 168 ? -3.159  2.191   14.184  1.00 46.95  ? 153 ASP A OD2   1 
ATOM   1226 N  N     . ASP A 1 169 ? -2.858  5.218   9.572   1.00 28.68  ? 154 ASP A N     1 
ATOM   1227 C  CA    . ASP A 1 169 ? -3.249  6.405   8.762   1.00 30.14  ? 154 ASP A CA    1 
ATOM   1228 C  C     . ASP A 1 169 ? -3.078  6.140   7.262   1.00 29.29  ? 154 ASP A C     1 
ATOM   1229 O  O     . ASP A 1 169 ? -3.832  6.720   6.465   1.00 30.46  ? 154 ASP A O     1 
ATOM   1230 C  CB    . ASP A 1 169 ? -2.391  7.607   9.129   1.00 28.99  ? 154 ASP A CB    1 
ATOM   1231 C  CG    . ASP A 1 169 ? -2.827  8.901   8.462   1.00 36.36  ? 154 ASP A CG    1 
ATOM   1232 O  OD1   . ASP A 1 169 ? -3.999  9.364   8.718   1.00 36.01  ? 154 ASP A OD1   1 
ATOM   1233 O  OD2   . ASP A 1 169 ? -1.989  9.465   7.708   1.00 41.35  ? 154 ASP A OD2   1 
ATOM   1234 N  N     . ALA A 1 170 ? -2.083  5.355   6.886   1.00 26.23  ? 155 ALA A N     1 
ATOM   1235 C  CA    . ALA A 1 170 ? -1.822  5.032   5.467   1.00 28.67  ? 155 ALA A CA    1 
ATOM   1236 C  C     . ALA A 1 170 ? -2.963  4.138   5.004   1.00 27.54  ? 155 ALA A C     1 
ATOM   1237 O  O     . ALA A 1 170 ? -3.587  4.484   4.004   1.00 23.75  ? 155 ALA A O     1 
ATOM   1238 C  CB    . ALA A 1 170 ? -0.477  4.370   5.271   1.00 30.59  ? 155 ALA A CB    1 
ATOM   1239 N  N     . PHE A 1 171 ? -3.258  3.070   5.761   1.00 25.33  ? 156 PHE A N     1 
ATOM   1240 C  CA    . PHE A 1 171 ? -4.351  2.145   5.411   1.00 25.22  ? 156 PHE A CA    1 
ATOM   1241 C  C     . PHE A 1 171 ? -5.698  2.867   5.432   1.00 28.13  ? 156 PHE A C     1 
ATOM   1242 O  O     . PHE A 1 171 ? -6.500  2.604   4.510   1.00 26.38  ? 156 PHE A O     1 
ATOM   1243 C  CB    . PHE A 1 171 ? -4.318  0.926   6.315   1.00 26.30  ? 156 PHE A CB    1 
ATOM   1244 C  CG    . PHE A 1 171 ? -3.291  -0.086  5.904   1.00 24.87  ? 156 PHE A CG    1 
ATOM   1245 C  CD1   . PHE A 1 171 ? -3.527  -0.927  4.843   1.00 23.83  ? 156 PHE A CD1   1 
ATOM   1246 C  CD2   . PHE A 1 171 ? -2.075  -0.168  6.557   1.00 26.96  ? 156 PHE A CD2   1 
ATOM   1247 C  CE1   . PHE A 1 171 ? -2.586  -1.876  4.472   1.00 24.51  ? 156 PHE A CE1   1 
ATOM   1248 C  CE2   . PHE A 1 171 ? -1.155  -1.141  6.215   1.00 26.08  ? 156 PHE A CE2   1 
ATOM   1249 C  CZ    . PHE A 1 171 ? -1.395  -1.969  5.153   1.00 24.91  ? 156 PHE A CZ    1 
ATOM   1250 N  N     . TYR A 1 172 ? -5.964  3.729   6.414   1.00 28.06  ? 157 TYR A N     1 
ATOM   1251 C  CA    . TYR A 1 172 ? -7.310  4.333   6.578   1.00 28.37  ? 157 TYR A CA    1 
ATOM   1252 C  C     . TYR A 1 172 ? -7.448  5.451   5.552   1.00 28.33  ? 157 TYR A C     1 
ATOM   1253 O  O     . TYR A 1 172 ? -8.543  5.632   5.047   1.00 29.75  ? 157 TYR A O     1 
ATOM   1254 C  CB    . TYR A 1 172 ? -7.594  4.781   8.025   1.00 32.07  ? 157 TYR A CB    1 
ATOM   1255 C  CG    . TYR A 1 172 ? -7.476  3.670   9.045   1.00 35.42  ? 157 TYR A CG    1 
ATOM   1256 C  CD1   . TYR A 1 172 ? -7.447  2.350   8.634   1.00 36.16  ? 157 TYR A CD1   1 
ATOM   1257 C  CD2   . TYR A 1 172 ? -7.376  3.915   10.404  1.00 40.91  ? 157 TYR A CD2   1 
ATOM   1258 C  CE1   . TYR A 1 172 ? -7.306  1.307   9.527   1.00 40.00  ? 157 TYR A CE1   1 
ATOM   1259 C  CE2   . TYR A 1 172 ? -7.270  2.882   11.322  1.00 39.68  ? 157 TYR A CE2   1 
ATOM   1260 C  CZ    . TYR A 1 172 ? -7.211  1.571   10.875  1.00 45.21  ? 157 TYR A CZ    1 
ATOM   1261 O  OH    . TYR A 1 172 ? -7.075  0.487   11.708  1.00 53.77  ? 157 TYR A OH    1 
ATOM   1262 N  N     . THR A 1 173 ? -6.361  6.129   5.184   1.00 26.06  ? 158 THR A N     1 
ATOM   1263 C  CA    . THR A 1 173 ? -6.373  7.074   4.048   1.00 23.50  ? 158 THR A CA    1 
ATOM   1264 C  C     . THR A 1 173 ? -6.818  6.342   2.783   1.00 26.14  ? 158 THR A C     1 
ATOM   1265 O  O     . THR A 1 173 ? -7.614  6.926   2.029   1.00 29.14  ? 158 THR A O     1 
ATOM   1266 C  CB    . THR A 1 173 ? -5.021  7.772   3.865   1.00 25.55  ? 158 THR A CB    1 
ATOM   1267 O  OG1   . THR A 1 173 ? -4.728  8.488   5.064   1.00 24.96  ? 158 THR A OG1   1 
ATOM   1268 C  CG2   . THR A 1 173 ? -5.045  8.763   2.716   1.00 26.28  ? 158 THR A CG2   1 
ATOM   1269 N  N     . LEU A 1 174 ? -6.354  5.106   2.551   1.00 26.44  ? 159 LEU A N     1 
ATOM   1270 C  CA    . LEU A 1 174 ? -6.743  4.327   1.338   1.00 27.19  ? 159 LEU A CA    1 
ATOM   1271 C  C     . LEU A 1 174 ? -8.232  3.934   1.382   1.00 27.65  ? 159 LEU A C     1 
ATOM   1272 O  O     . LEU A 1 174 ? -8.908  4.041   0.343   1.00 25.00  ? 159 LEU A O     1 
ATOM   1273 C  CB    . LEU A 1 174 ? -5.872  3.080   1.205   1.00 25.66  ? 159 LEU A CB    1 
ATOM   1274 C  CG    . LEU A 1 174 ? -6.177  2.215   -0.016  1.00 25.88  ? 159 LEU A CG    1 
ATOM   1275 C  CD1   . LEU A 1 174 ? -6.209  3.038   -1.292  1.00 26.20  ? 159 LEU A CD1   1 
ATOM   1276 C  CD2   . LEU A 1 174 ? -5.184  1.073   -0.121  1.00 25.51  ? 159 LEU A CD2   1 
ATOM   1277 N  N     . VAL A 1 175 ? -8.742  3.531   2.538   1.00 28.96  ? 160 VAL A N     1 
ATOM   1278 C  CA    . VAL A 1 175 ? -10.187 3.190   2.716   1.00 28.63  ? 160 VAL A CA    1 
ATOM   1279 C  C     . VAL A 1 175 ? -10.986 4.447   2.377   1.00 29.80  ? 160 VAL A C     1 
ATOM   1280 O  O     . VAL A 1 175 ? -11.999 4.305   1.714   1.00 29.56  ? 160 VAL A O     1 
ATOM   1281 C  CB    . VAL A 1 175 ? -10.532 2.668   4.119   1.00 28.02  ? 160 VAL A CB    1 
ATOM   1282 C  CG1   . VAL A 1 175 ? -12.042 2.388   4.264   1.00 29.24  ? 160 VAL A CG1   1 
ATOM   1283 C  CG2   . VAL A 1 175 ? -9.730  1.418   4.448   1.00 30.28  ? 160 VAL A CG2   1 
ATOM   1284 N  N     . ARG A 1 176 ? -10.515 5.631   2.785   1.00 29.25  ? 161 ARG A N     1 
ATOM   1285 C  CA    . ARG A 1 176 ? -11.249 6.886   2.514   1.00 29.20  ? 161 ARG A CA    1 
ATOM   1286 C  C     . ARG A 1 176 ? -11.242 7.139   1.016   1.00 30.39  ? 161 ARG A C     1 
ATOM   1287 O  O     . ARG A 1 176 ? -12.237 7.649   0.530   1.00 33.47  ? 161 ARG A O     1 
ATOM   1288 C  CB    . ARG A 1 176 ? -10.670 8.081   3.280   1.00 31.45  ? 161 ARG A CB    1 
ATOM   1289 C  CG    . ARG A 1 176 ? -10.966 8.064   4.773   1.00 30.93  ? 161 ARG A CG    1 
ATOM   1290 C  CD    . ARG A 1 176 ? -10.563 9.378   5.421   1.00 32.23  ? 161 ARG A CD    1 
ATOM   1291 N  NE    . ARG A 1 176 ? -10.744 9.297   6.859   1.00 30.67  ? 161 ARG A NE    1 
ATOM   1292 C  CZ    . ARG A 1 176 ? -9.852  8.822   7.730   1.00 38.70  ? 161 ARG A CZ    1 
ATOM   1293 N  NH1   . ARG A 1 176 ? -8.669  8.370   7.340   1.00 46.54  ? 161 ARG A NH1   1 
ATOM   1294 N  NH2   . ARG A 1 176 ? -10.158 8.778   9.015   1.00 43.19  ? 161 ARG A NH2   1 
ATOM   1295 N  N     . GLU A 1 177 ? -10.160 6.807   0.313   1.00 31.90  ? 162 GLU A N     1 
ATOM   1296 C  CA    . GLU A 1 177 ? -10.081 7.038   -1.160  1.00 34.02  ? 162 GLU A CA    1 
ATOM   1297 C  C     . GLU A 1 177 ? -11.092 6.113   -1.857  1.00 30.88  ? 162 GLU A C     1 
ATOM   1298 O  O     . GLU A 1 177 ? -11.710 6.526   -2.825  1.00 31.53  ? 162 GLU A O     1 
ATOM   1299 C  CB    . GLU A 1 177 ? -8.648  6.834   -1.672  1.00 35.92  ? 162 GLU A CB    1 
ATOM   1300 C  CG    . GLU A 1 177 ? -7.715  7.956   -1.230  1.00 40.78  ? 162 GLU A CG    1 
ATOM   1301 C  CD    . GLU A 1 177 ? -7.966  9.285   -1.930  1.00 44.49  ? 162 GLU A CD    1 
ATOM   1302 O  OE1   . GLU A 1 177 ? -7.859  9.321   -3.178  1.00 50.07  ? 162 GLU A OE1   1 
ATOM   1303 O  OE2   . GLU A 1 177 ? -8.290  10.267  -1.245  1.00 42.42  ? 162 GLU A OE2   1 
ATOM   1304 N  N     . ILE A 1 178 ? -11.171 4.866   -1.429  1.00 31.59  ? 163 ILE A N     1 
ATOM   1305 C  CA    . ILE A 1 178 ? -12.159 3.884   -1.947  1.00 34.75  ? 163 ILE A CA    1 
ATOM   1306 C  C     . ILE A 1 178 ? -13.569 4.452   -1.710  1.00 37.84  ? 163 ILE A C     1 
ATOM   1307 O  O     . ILE A 1 178 ? -14.343 4.476   -2.642  1.00 38.09  ? 163 ILE A O     1 
ATOM   1308 C  CB    . ILE A 1 178 ? -11.961 2.509   -1.295  1.00 32.22  ? 163 ILE A CB    1 
ATOM   1309 C  CG1   . ILE A 1 178 ? -10.616 1.889   -1.656  1.00 30.39  ? 163 ILE A CG1   1 
ATOM   1310 C  CG2   . ILE A 1 178 ? -13.099 1.585   -1.697  1.00 35.25  ? 163 ILE A CG2   1 
ATOM   1311 C  CD1   . ILE A 1 178 ? -10.233 0.709   -0.827  1.00 31.04  ? 163 ILE A CD1   1 
ATOM   1312 N  N     . ARG A 1 179 ? -13.871 4.949   -0.513  1.00 38.88  ? 164 ARG A N     1 
ATOM   1313 C  CA    . ARG A 1 179 ? -15.241 5.412   -0.192  1.00 43.41  ? 164 ARG A CA    1 
ATOM   1314 C  C     . ARG A 1 179 ? -15.641 6.545   -1.136  1.00 45.71  ? 164 ARG A C     1 
ATOM   1315 O  O     . ARG A 1 179 ? -16.772 6.483   -1.658  1.00 44.95  ? 164 ARG A O     1 
ATOM   1316 C  CB    . ARG A 1 179 ? -15.365 5.826   1.275   1.00 41.57  ? 164 ARG A CB    1 
ATOM   1317 C  CG    . ARG A 1 179 ? -15.445 4.620   2.193   1.00 41.28  ? 164 ARG A CG    1 
ATOM   1318 C  CD    . ARG A 1 179 ? -15.608 5.013   3.647   1.00 45.25  ? 164 ARG A CD    1 
ATOM   1319 N  NE    . ARG A 1 179 ? -15.789 3.843   4.518   1.00 41.94  ? 164 ARG A NE    1 
ATOM   1320 C  CZ    . ARG A 1 179 ? -15.690 3.900   5.838   1.00 41.39  ? 164 ARG A CZ    1 
ATOM   1321 N  NH1   . ARG A 1 179 ? -15.389 5.048   6.435   1.00 42.07  ? 164 ARG A NH1   1 
ATOM   1322 N  NH2   . ARG A 1 179 ? -15.841 2.804   6.557   1.00 45.76  ? 164 ARG A NH2   1 
ATOM   1323 N  N     . LYS A 1 180 ? -14.767 7.530   -1.324  1.00 44.78  ? 165 LYS A N     1 
ATOM   1324 C  CA    . LYS A 1 180 ? -15.004 8.701   -2.206  1.00 47.40  ? 165 LYS A CA    1 
ATOM   1325 C  C     . LYS A 1 180 ? -15.234 8.211   -3.636  1.00 50.42  ? 165 LYS A C     1 
ATOM   1326 O  O     . LYS A 1 180 ? -16.105 8.767   -4.297  1.00 55.49  ? 165 LYS A O     1 
ATOM   1327 C  CB    . LYS A 1 180 ? -13.838 9.692   -2.107  1.00 50.02  ? 165 LYS A CB    1 
ATOM   1328 C  CG    . LYS A 1 180 ? -13.753 10.391  -0.752  1.00 57.50  ? 165 LYS A CG    1 
ATOM   1329 C  CD    . LYS A 1 180 ? -12.530 11.275  -0.489  1.00 63.70  ? 165 LYS A CD    1 
ATOM   1330 C  CE    . LYS A 1 180 ? -12.507 11.738  0.963   1.00 70.92  ? 165 LYS A CE    1 
ATOM   1331 N  NZ    . LYS A 1 180 ? -11.633 12.915  1.193   1.00 72.16  ? 165 LYS A NZ    1 
ATOM   1332 N  N     . HIS A 1 181 ? -14.505 7.186   -4.056  1.00 49.83  ? 166 HIS A N     1 
ATOM   1333 C  CA    . HIS A 1 181 ? -14.626 6.607   -5.378  1.00 48.65  ? 166 HIS A CA    1 
ATOM   1334 C  C     . HIS A 1 181 ? -16.028 6.051   -5.553  1.00 54.75  ? 166 HIS A C     1 
ATOM   1335 O  O     . HIS A 1 181 ? -16.700 6.338   -6.526  1.00 49.38  ? 166 HIS A O     1 
ATOM   1336 C  CB    . HIS A 1 181 ? -13.601 5.489   -5.536  1.00 47.65  ? 166 HIS A CB    1 
ATOM   1337 C  CG    . HIS A 1 181 ? -13.622 4.824   -6.874  1.00 46.73  ? 166 HIS A CG    1 
ATOM   1338 N  ND1   . HIS A 1 181 ? -13.362 5.497   -8.045  1.00 44.79  ? 166 HIS A ND1   1 
ATOM   1339 C  CD2   . HIS A 1 181 ? -13.856 3.541   -7.225  1.00 47.33  ? 166 HIS A CD2   1 
ATOM   1340 C  CE1   . HIS A 1 181 ? -13.444 4.659   -9.060  1.00 44.84  ? 166 HIS A CE1   1 
ATOM   1341 N  NE2   . HIS A 1 181 ? -13.741 3.466   -8.589  1.00 45.07  ? 166 HIS A NE2   1 
ATOM   1342 N  N     . LYS A 1 182 ? -16.454 5.241   -4.594  1.00 59.90  ? 167 LYS A N     1 
ATOM   1343 C  CA    . LYS A 1 182 ? -17.781 4.642   -4.602  1.00 63.74  ? 167 LYS A CA    1 
ATOM   1344 C  C     . LYS A 1 182 ? -18.894 5.674   -4.600  1.00 63.46  ? 167 LYS A C     1 
ATOM   1345 O  O     . LYS A 1 182 ? -19.961 5.430   -5.140  1.00 64.67  ? 167 LYS A O     1 
ATOM   1346 C  CB    . LYS A 1 182 ? -17.947 3.707   -3.416  1.00 67.72  ? 167 LYS A CB    1 
ATOM   1347 C  CG    . LYS A 1 182 ? -17.103 2.456   -3.511  1.00 73.77  ? 167 LYS A CG    1 
ATOM   1348 C  CD    . LYS A 1 182 ? -17.189 1.629   -2.246  1.00 84.16  ? 167 LYS A CD    1 
ATOM   1349 C  CE    . LYS A 1 182 ? -18.596 1.095   -2.040  1.00 88.62  ? 167 LYS A CE    1 
ATOM   1350 N  NZ    . LYS A 1 182 ? -18.690 0.181   -0.872  1.00 86.28  ? 167 LYS A NZ    1 
ATOM   1351 N  N     . GLU A 1 183 ? -18.641 6.822   -3.985  1.00 67.42  ? 168 GLU A N     1 
ATOM   1352 C  CA    . GLU A 1 183 ? -19.614 7.899   -3.926  1.00 71.53  ? 168 GLU A CA    1 
ATOM   1353 C  C     . GLU A 1 183 ? -20.068 8.261   -5.329  1.00 65.03  ? 168 GLU A C     1 
ATOM   1354 O  O     . GLU A 1 183 ? -19.392 9.008   -6.028  1.00 65.24  ? 168 GLU A O     1 
ATOM   1355 C  CB    . GLU A 1 183 ? -18.996 9.133   -3.280  1.00 78.05  ? 168 GLU A CB    1 
ATOM   1356 C  CG    . GLU A 1 183 ? -18.612 8.964   -1.826  1.00 87.65  ? 168 GLU A CG    1 
ATOM   1357 C  CD    . GLU A 1 183 ? -19.785 8.568   -0.959  1.00 92.95  ? 168 GLU A CD    1 
ATOM   1358 O  OE1   . GLU A 1 183 ? -20.883 9.107   -1.180  1.00 85.89  ? 168 GLU A OE1   1 
ATOM   1359 O  OE2   . GLU A 1 183 ? -19.604 7.724   -0.059  1.00 92.34  ? 168 GLU A OE2   1 
HETATM 1360 MG MG    . MG  B 2 .   ? 6.909   -9.480  2.465   1.00 31.02  ? 301 MG  A MG    1 
HETATM 1361 P  PB    . GDP C 3 .   ? 8.652   -6.720  2.017   1.00 27.45  ? 302 GDP A PB    1 
HETATM 1362 O  O1B   . GDP C 3 .   ? 9.586   -7.570  1.229   1.00 32.02  ? 302 GDP A O1B   1 
HETATM 1363 O  O2B   . GDP C 3 .   ? 7.612   -7.505  2.699   1.00 27.95  ? 302 GDP A O2B   1 
HETATM 1364 O  O3B   . GDP C 3 .   ? 8.257   -5.480  1.289   1.00 24.06  ? 302 GDP A O3B   1 
HETATM 1365 O  O3A   . GDP C 3 .   ? 9.585   -6.145  3.269   1.00 28.41  ? 302 GDP A O3A   1 
HETATM 1366 P  PA    . GDP C 3 .   ? 9.520   -6.599  4.832   1.00 31.66  ? 302 GDP A PA    1 
HETATM 1367 O  O1A   . GDP C 3 .   ? 9.866   -8.010  4.913   1.00 28.12  ? 302 GDP A O1A   1 
HETATM 1368 O  O2A   . GDP C 3 .   ? 8.308   -6.161  5.586   1.00 30.89  ? 302 GDP A O2A   1 
HETATM 1369 O  "O5'" . GDP C 3 .   ? 10.698  -5.769  5.495   1.00 28.16  ? 302 GDP A "O5'" 1 
HETATM 1370 C  "C5'" . GDP C 3 .   ? 12.004  -5.814  4.890   1.00 29.87  ? 302 GDP A "C5'" 1 
HETATM 1371 C  "C4'" . GDP C 3 .   ? 13.121  -5.376  5.846   1.00 26.65  ? 302 GDP A "C4'" 1 
HETATM 1372 O  "O4'" . GDP C 3 .   ? 13.015  -3.995  6.194   1.00 26.23  ? 302 GDP A "O4'" 1 
HETATM 1373 C  "C3'" . GDP C 3 .   ? 12.952  -6.112  7.168   1.00 27.55  ? 302 GDP A "C3'" 1 
HETATM 1374 O  "O3'" . GDP C 3 .   ? 14.228  -6.233  7.761   1.00 28.18  ? 302 GDP A "O3'" 1 
HETATM 1375 C  "C2'" . GDP C 3 .   ? 12.207  -5.180  8.058   1.00 27.08  ? 302 GDP A "C2'" 1 
HETATM 1376 O  "O2'" . GDP C 3 .   ? 12.506  -5.421  9.420   1.00 31.11  ? 302 GDP A "O2'" 1 
HETATM 1377 C  "C1'" . GDP C 3 .   ? 12.753  -3.838  7.622   1.00 26.82  ? 302 GDP A "C1'" 1 
HETATM 1378 N  N9    . GDP C 3 .   ? 11.811  -2.737  7.831   1.00 24.60  ? 302 GDP A N9    1 
HETATM 1379 C  C8    . GDP C 3 .   ? 10.538  -2.727  7.442   1.00 24.63  ? 302 GDP A C8    1 
HETATM 1380 N  N7    . GDP C 3 .   ? 9.939   -1.534  7.680   1.00 24.50  ? 302 GDP A N7    1 
HETATM 1381 C  C5    . GDP C 3 .   ? 10.838  -0.809  8.276   1.00 22.75  ? 302 GDP A C5    1 
HETATM 1382 C  C6    . GDP C 3 .   ? 10.808  0.542   8.750   1.00 24.43  ? 302 GDP A C6    1 
HETATM 1383 O  O6    . GDP C 3 .   ? 9.719   1.169   8.681   1.00 23.31  ? 302 GDP A O6    1 
HETATM 1384 N  N1    . GDP C 3 .   ? 11.967  1.021   9.241   1.00 26.56  ? 302 GDP A N1    1 
HETATM 1385 C  C2    . GDP C 3 .   ? 13.068  0.205   9.320   1.00 25.72  ? 302 GDP A C2    1 
HETATM 1386 N  N2    . GDP C 3 .   ? 14.181  0.648   9.833   1.00 23.85  ? 302 GDP A N2    1 
HETATM 1387 N  N3    . GDP C 3 .   ? 13.148  -1.019  8.844   1.00 23.45  ? 302 GDP A N3    1 
HETATM 1388 C  C4    . GDP C 3 .   ? 12.069  -1.574  8.337   1.00 23.48  ? 302 GDP A C4    1 
HETATM 1389 C  C23   . U50 D 4 .   ? 10.944  -10.126 -1.739  1.00 50.73  ? 303 U50 A C23   1 
HETATM 1390 C  C22   . U50 D 4 .   ? 10.254  -9.863  -3.073  1.00 45.75  ? 303 U50 A C22   1 
HETATM 1391 C  C21   . U50 D 4 .   ? 9.040   -8.919  -3.076  1.00 49.74  ? 303 U50 A C21   1 
HETATM 1392 O  O2    . U50 D 4 .   ? 8.509   -8.595  -2.016  1.00 42.81  ? 303 U50 A O2    1 
HETATM 1393 N  N7    . U50 D 4 .   ? 8.640   -8.457  -4.250  1.00 52.70  ? 303 U50 A N7    1 
HETATM 1394 C  C20   . U50 D 4 .   ? 7.601   -7.524  -4.685  1.00 61.21  ? 303 U50 A C20   1 
HETATM 1395 C  C19   . U50 D 4 .   ? 9.130   -8.657  -5.626  1.00 56.36  ? 303 U50 A C19   1 
HETATM 1396 C  C18   . U50 D 4 .   ? 8.058   -7.733  -6.139  1.00 63.20  ? 303 U50 A C18   1 
HETATM 1397 N  N6    . U50 D 4 .   ? 7.024   -8.512  -6.873  1.00 57.90  ? 303 U50 A N6    1 
HETATM 1398 C  C17   . U50 D 4 .   ? 6.282   -7.917  -7.791  1.00 61.38  ? 303 U50 A C17   1 
HETATM 1399 O  O1    . U50 D 4 .   ? 6.421   -6.719  -8.081  1.00 58.47  ? 303 U50 A O1    1 
HETATM 1400 C  C14   . U50 D 4 .   ? 5.215   -8.807  -8.512  1.00 64.71  ? 303 U50 A C14   1 
HETATM 1401 N  N4    . U50 D 4 .   ? 4.940   -8.789  -9.799  1.00 54.33  ? 303 U50 A N4    1 
HETATM 1402 C  C16   . U50 D 4 .   ? 5.622   -7.902  -10.757 1.00 58.00  ? 303 U50 A C16   1 
HETATM 1403 C  C15   . U50 D 4 .   ? 4.356   -9.733  -7.978  1.00 60.73  ? 303 U50 A C15   1 
HETATM 1404 CL CL2   . U50 D 4 .   ? 4.313   -10.172 -6.317  1.00 119.75 ? 303 U50 A CL2   1 
HETATM 1405 N  N5    . U50 D 4 .   ? 3.598   -10.241 -8.922  1.00 50.50  ? 303 U50 A N5    1 
HETATM 1406 C  C13   . U50 D 4 .   ? 3.967   -9.651  -10.065 1.00 53.53  ? 303 U50 A C13   1 
HETATM 1407 C  C12   . U50 D 4 .   ? 3.404   -9.891  -11.468 1.00 48.37  ? 303 U50 A C12   1 
HETATM 1408 N  N3    . U50 D 4 .   ? 2.143   -10.680 -11.446 1.00 47.12  ? 303 U50 A N3    1 
HETATM 1409 C  C7    . U50 D 4 .   ? 1.087   -10.022 -11.873 1.00 45.87  ? 303 U50 A C7    1 
HETATM 1410 C  C6    . U50 D 4 .   ? 0.614   -8.800  -11.430 1.00 42.94  ? 303 U50 A C6    1 
HETATM 1411 C  C5    . U50 D 4 .   ? 0.961   -7.937  -10.413 1.00 40.32  ? 303 U50 A C5    1 
HETATM 1412 C  C4    . U50 D 4 .   ? 0.271   -6.750  -10.233 1.00 39.06  ? 303 U50 A C4    1 
HETATM 1413 C  C8    . U50 D 4 .   ? 0.639   -5.734  -9.085  1.00 39.73  ? 303 U50 A C8    1 
HETATM 1414 C  C10   . U50 D 4 .   ? -0.543  -5.567  -8.137  1.00 38.63  ? 303 U50 A C10   1 
HETATM 1415 C  C11   . U50 D 4 .   ? 0.962   -4.396  -9.700  1.00 37.37  ? 303 U50 A C11   1 
HETATM 1416 C  C9    . U50 D 4 .   ? 1.855   -6.237  -8.213  1.00 40.02  ? 303 U50 A C9    1 
HETATM 1417 C  C3    . U50 D 4 .   ? -0.786  -6.539  -11.108 1.00 37.80  ? 303 U50 A C3    1 
HETATM 1418 CL CL1   . U50 D 4 .   ? -1.721  -5.152  -11.030 1.00 54.46  ? 303 U50 A CL1   1 
HETATM 1419 C  C2    . U50 D 4 .   ? -1.158  -7.403  -12.094 1.00 37.27  ? 303 U50 A C2    1 
HETATM 1420 C  C1    . U50 D 4 .   ? -0.431  -8.530  -12.253 1.00 36.14  ? 303 U50 A C1    1 
HETATM 1421 N  N2    . U50 D 4 .   ? -0.510  -9.506  -13.096 1.00 38.30  ? 303 U50 A N2    1 
HETATM 1422 N  N1    . U50 D 4 .   ? 0.356   -10.366 -12.892 1.00 43.56  ? 303 U50 A N1    1 
HETATM 1423 S  S     . SO4 E 5 .   ? -6.081  -1.904  16.744  1.00 79.53  ? 304 SO4 A S     1 
HETATM 1424 O  O1    . SO4 E 5 .   ? -5.529  -3.116  16.219  1.00 83.18  ? 304 SO4 A O1    1 
HETATM 1425 O  O2    . SO4 E 5 .   ? -5.038  -1.229  17.480  1.00 85.17  ? 304 SO4 A O2    1 
HETATM 1426 O  O3    . SO4 E 5 .   ? -7.184  -2.228  17.607  1.00 68.60  ? 304 SO4 A O3    1 
HETATM 1427 O  O4    . SO4 E 5 .   ? -6.567  -1.061  15.676  1.00 72.04  ? 304 SO4 A O4    1 
HETATM 1428 O  O     . HOH F 6 .   ? 5.302   -8.935  1.160   1.00 31.12  ? 401 HOH A O     1 
HETATM 1429 O  O     . HOH F 6 .   ? -6.659  7.821   -4.807  1.00 31.82  ? 402 HOH A O     1 
HETATM 1430 O  O     . HOH F 6 .   ? 15.874  -4.515  6.845   1.00 41.91  ? 403 HOH A O     1 
HETATM 1431 O  O     . HOH F 6 .   ? 5.473   -5.770  11.588  1.00 25.48  ? 404 HOH A O     1 
HETATM 1432 O  O     . HOH F 6 .   ? 8.528   -9.945  3.813   1.00 23.61  ? 405 HOH A O     1 
HETATM 1433 O  O     . HOH F 6 .   ? 8.124   -9.668  0.689   1.00 36.49  ? 406 HOH A O     1 
HETATM 1434 O  O     . HOH F 6 .   ? 6.572   -11.593 2.373   1.00 32.59  ? 407 HOH A O     1 
HETATM 1435 O  O     . HOH F 6 .   ? 8.390   0.140   -4.520  1.00 27.96  ? 408 HOH A O     1 
HETATM 1436 O  O     . HOH F 6 .   ? -18.019 2.403   0.785   1.00 47.36  ? 409 HOH A O     1 
HETATM 1437 O  O     . HOH F 6 .   ? 11.681  -8.901  2.381   1.00 31.93  ? 410 HOH A O     1 
HETATM 1438 O  O     . HOH F 6 .   ? 4.471   -5.825  -5.217  1.00 26.78  ? 411 HOH A O     1 
HETATM 1439 O  O     . HOH F 6 .   ? -12.378 -9.248  0.238   1.00 43.92  ? 412 HOH A O     1 
HETATM 1440 O  O     . HOH F 6 .   ? 18.237  3.254   -9.924  1.00 29.75  ? 413 HOH A O     1 
HETATM 1441 O  O     . HOH F 6 .   ? -14.884 7.611   5.281   1.00 44.60  ? 414 HOH A O     1 
HETATM 1442 O  O     . HOH F 6 .   ? -11.856 0.708   -6.887  1.00 47.63  ? 415 HOH A O     1 
HETATM 1443 O  O     . HOH F 6 .   ? 11.521  -5.974  -6.112  1.00 38.13  ? 416 HOH A O     1 
HETATM 1444 O  O     . HOH F 6 .   ? 15.073  -0.167  2.125   1.00 31.37  ? 417 HOH A O     1 
HETATM 1445 O  O     . HOH F 6 .   ? -8.690  10.244  1.555   1.00 46.72  ? 418 HOH A O     1 
HETATM 1446 O  O     . HOH F 6 .   ? -0.774  9.028   -16.561 1.00 50.54  ? 419 HOH A O     1 
HETATM 1447 O  O     . HOH F 6 .   ? -20.912 1.358   10.856  1.00 45.88  ? 420 HOH A O     1 
HETATM 1448 O  O     . HOH F 6 .   ? -0.222  3.770   13.138  1.00 27.65  ? 421 HOH A O     1 
HETATM 1449 O  O     . HOH F 6 .   ? 1.136   7.367   13.935  1.00 29.46  ? 422 HOH A O     1 
HETATM 1450 O  O     . HOH F 6 .   ? -6.917  -10.964 -17.448 1.00 45.24  ? 423 HOH A O     1 
HETATM 1451 O  O     . HOH F 6 .   ? 16.114  0.301   17.680  1.00 49.24  ? 424 HOH A O     1 
HETATM 1452 O  O     . HOH F 6 .   ? -1.124  13.730  0.848   1.00 38.82  ? 425 HOH A O     1 
HETATM 1453 O  O     . HOH F 6 .   ? -20.393 5.616   15.022  1.00 37.07  ? 426 HOH A O     1 
HETATM 1454 O  O     . HOH F 6 .   ? 6.978   -4.582  18.112  1.00 33.91  ? 427 HOH A O     1 
HETATM 1455 O  O     . HOH F 6 .   ? 15.376  -1.627  6.789   1.00 30.19  ? 428 HOH A O     1 
HETATM 1456 O  O     . HOH F 6 .   ? -3.698  12.723  -12.436 1.00 44.55  ? 429 HOH A O     1 
HETATM 1457 O  O     . HOH F 6 .   ? 17.920  0.255   0.866   1.00 41.79  ? 430 HOH A O     1 
HETATM 1458 O  O     . HOH F 6 .   ? -10.444 -7.702  13.522  1.00 35.01  ? 431 HOH A O     1 
HETATM 1459 O  O     . HOH F 6 .   ? 13.168  15.523  2.690   1.00 39.51  ? 432 HOH A O     1 
HETATM 1460 O  O     . HOH F 6 .   ? -10.498 7.892   -5.390  1.00 49.19  ? 433 HOH A O     1 
HETATM 1461 O  O     . HOH F 6 .   ? 12.124  17.337  1.046   1.00 43.48  ? 434 HOH A O     1 
HETATM 1462 O  O     . HOH F 6 .   ? -1.027  6.044   12.050  1.00 30.16  ? 435 HOH A O     1 
HETATM 1463 O  O     . HOH F 6 .   ? -13.277 -1.563  -8.050  1.00 43.11  ? 436 HOH A O     1 
HETATM 1464 O  O     . HOH F 6 .   ? 9.100   13.196  -8.656  1.00 41.35  ? 437 HOH A O     1 
HETATM 1465 O  O     . HOH F 6 .   ? -7.195  -13.240 9.080   1.00 43.25  ? 438 HOH A O     1 
HETATM 1466 O  O     . HOH F 6 .   ? -12.076 -3.183  -12.480 1.00 34.09  ? 439 HOH A O     1 
HETATM 1467 O  O     . HOH F 6 .   ? -2.772  -6.218  19.784  1.00 42.30  ? 440 HOH A O     1 
HETATM 1468 O  O     . HOH F 6 .   ? 14.271  12.957  8.089   1.00 50.45  ? 441 HOH A O     1 
HETATM 1469 O  O     . HOH F 6 .   ? 19.648  3.158   -7.500  0.33 23.85  ? 442 HOH A O     1 
# 
